data_7MNY
#
_entry.id   7MNY
#
_cell.length_a   110.200
_cell.length_b   136.031
_cell.length_c   158.755
_cell.angle_alpha   90.000
_cell.angle_beta   90.000
_cell.angle_gamma   90.000
#
_symmetry.space_group_name_H-M   'P 21 21 21'
#
loop_
_entity.id
_entity.type
_entity.pdbx_description
1 polymer 'GTP-binding nuclear protein Ran'
2 polymer 'E3 SUMO-protein ligase RanBP2'
3 non-polymer 'PHOSPHOAMINOPHOSPHONIC ACID-GUANYLATE ESTER'
4 non-polymer 'MAGNESIUM ION'
5 water water
#
loop_
_entity_poly.entity_id
_entity_poly.type
_entity_poly.pdbx_seq_one_letter_code
_entity_poly.pdbx_strand_id
1 'polypeptide(L)'
;SMAAQGEPQVQFKLVLVGDGGTGKTTFVKRHLTGEFEKKYVATLGVEVHPLVFHTNRGPIKFNVWDTAGQEKFGGLRDGY
YIQAQCAIIMFDVTSRVTYKNVPNWHRDLVRVCENIPIVLCGNKVDIKDRKVKAKSIVFHRKKNLQYYDISAKSNYNFEK
PFLWLARKLIGDPNLEFVAMPALAPPEVVMDPALAAQYEHDLEVAQTTALPDEDDDL
;
A,C,E,G,I,K
2 'polypeptide(L)'
;GPGSYFEPVVPLPDLVEVSSGEENEQVVFSHRAKLYRYDKDVGQWKERGIGDIKILQNYDNKQVRIVMRRDQVLKLCANH
RITPDMTLQNMKGTERVWLWTACDFADGERKVEHLAVRFKLQDVADSFKKIFDEAKTAQAA
;
B,D,F,H,J,L
#
loop_
_chem_comp.id
_chem_comp.type
_chem_comp.name
_chem_comp.formula
GNP non-polymer 'PHOSPHOAMINOPHOSPHONIC ACID-GUANYLATE ESTER' 'C10 H17 N6 O13 P3'
MG non-polymer 'MAGNESIUM ION' 'Mg 2'
#
# COMPACT_ATOMS: atom_id res chain seq x y z
N PRO A 8 10.04 24.13 -22.18
CA PRO A 8 10.38 24.74 -20.90
C PRO A 8 9.71 24.05 -19.71
N GLN A 9 10.51 23.70 -18.70
CA GLN A 9 9.99 22.98 -17.54
C GLN A 9 9.40 23.94 -16.52
N VAL A 10 8.51 23.42 -15.69
CA VAL A 10 7.85 24.20 -14.65
C VAL A 10 8.70 24.15 -13.39
N GLN A 11 9.16 25.31 -12.93
CA GLN A 11 9.99 25.42 -11.74
C GLN A 11 9.30 26.29 -10.70
N PHE A 12 9.71 26.13 -9.45
CA PHE A 12 9.20 26.95 -8.36
C PHE A 12 10.33 27.18 -7.37
N LYS A 13 10.51 28.43 -6.96
CA LYS A 13 11.47 28.74 -5.92
C LYS A 13 10.83 28.47 -4.56
N LEU A 14 11.44 27.58 -3.79
CA LEU A 14 10.99 27.22 -2.46
C LEU A 14 12.08 27.60 -1.47
N VAL A 15 11.72 28.39 -0.46
CA VAL A 15 12.65 28.74 0.61
C VAL A 15 12.34 27.87 1.82
N LEU A 16 13.39 27.32 2.43
CA LEU A 16 13.29 26.45 3.58
C LEU A 16 13.93 27.17 4.77
N VAL A 17 13.13 27.46 5.79
CA VAL A 17 13.57 28.23 6.94
C VAL A 17 13.27 27.43 8.21
N GLY A 18 13.94 27.79 9.28
CA GLY A 18 13.74 27.15 10.57
C GLY A 18 14.98 27.22 11.43
N ASP A 19 14.79 26.89 12.69
CA ASP A 19 15.88 26.94 13.65
C ASP A 19 16.93 25.86 13.36
N GLY A 20 18.09 26.03 13.98
CA GLY A 20 19.15 25.05 13.82
C GLY A 20 18.77 23.69 14.38
N GLY A 21 19.27 22.64 13.74
CA GLY A 21 19.00 21.29 14.17
C GLY A 21 17.58 20.81 14.01
N THR A 22 16.71 21.60 13.35
CA THR A 22 15.33 21.16 13.17
C THR A 22 15.21 20.05 12.14
N GLY A 23 16.16 19.97 11.22
CA GLY A 23 16.16 18.94 10.21
C GLY A 23 15.88 19.40 8.80
N LYS A 24 16.13 20.68 8.48
CA LYS A 24 15.90 21.19 7.14
C LYS A 24 16.82 20.51 6.12
N THR A 25 18.13 20.53 6.41
CA THR A 25 19.08 19.91 5.48
C THR A 25 18.92 18.40 5.45
N THR A 26 18.75 17.76 6.62
CA THR A 26 18.49 16.33 6.64
C THR A 26 17.30 15.98 5.77
N PHE A 27 16.24 16.78 5.86
CA PHE A 27 15.03 16.56 5.06
C PHE A 27 15.35 16.63 3.57
N VAL A 28 16.06 17.67 3.14
CA VAL A 28 16.35 17.83 1.72
C VAL A 28 17.25 16.71 1.23
N LYS A 29 18.28 16.38 2.01
CA LYS A 29 19.16 15.28 1.61
C LYS A 29 18.39 13.98 1.47
N ARG A 30 17.48 13.71 2.41
CA ARG A 30 16.64 12.52 2.30
C ARG A 30 15.95 12.49 0.94
N HIS A 31 15.29 13.59 0.58
CA HIS A 31 14.61 13.65 -0.71
C HIS A 31 15.59 13.48 -1.86
N LEU A 32 16.82 13.96 -1.71
CA LEU A 32 17.76 13.99 -2.83
C LEU A 32 18.38 12.62 -3.09
N THR A 33 18.90 11.98 -2.04
CA THR A 33 19.67 10.76 -2.18
C THR A 33 19.06 9.58 -1.41
N GLY A 34 17.99 9.81 -0.65
CA GLY A 34 17.45 8.77 0.19
C GLY A 34 18.26 8.49 1.44
N GLU A 35 19.33 9.22 1.67
CA GLU A 35 20.16 9.01 2.85
C GLU A 35 19.53 9.68 4.07
N PHE A 36 20.01 9.29 5.25
CA PHE A 36 19.63 9.94 6.50
C PHE A 36 20.89 10.43 7.20
N GLU A 37 21.13 11.74 7.13
CA GLU A 37 22.29 12.32 7.79
C GLU A 37 22.03 12.39 9.28
N LYS A 38 22.88 11.72 10.06
CA LYS A 38 22.77 11.73 11.51
C LYS A 38 23.46 12.92 12.14
N LYS A 39 24.48 13.48 11.48
CA LYS A 39 25.21 14.60 12.03
C LYS A 39 24.48 15.91 11.77
N TYR A 40 24.66 16.87 12.68
CA TYR A 40 24.25 18.25 12.48
C TYR A 40 25.46 19.01 11.96
N VAL A 41 25.43 19.39 10.69
CA VAL A 41 26.46 20.23 10.07
C VAL A 41 25.75 21.51 9.66
N ALA A 42 25.90 22.55 10.48
CA ALA A 42 25.10 23.76 10.32
C ALA A 42 25.27 24.33 8.93
N THR A 43 24.15 24.72 8.31
CA THR A 43 24.18 25.34 7.00
C THR A 43 24.70 26.76 7.10
N LEU A 44 25.55 27.14 6.15
CA LEU A 44 26.14 28.47 6.08
C LEU A 44 25.47 29.21 4.92
N GLY A 45 24.85 30.35 5.24
CA GLY A 45 24.19 31.14 4.23
C GLY A 45 22.99 30.42 3.66
N VAL A 46 23.10 29.97 2.41
CA VAL A 46 22.04 29.22 1.75
C VAL A 46 22.67 28.21 0.82
N GLU A 47 21.96 27.10 0.59
CA GLU A 47 22.35 26.12 -0.41
C GLU A 47 21.11 25.78 -1.24
N VAL A 48 21.24 25.84 -2.55
CA VAL A 48 20.12 25.64 -3.46
C VAL A 48 20.22 24.25 -4.06
N HIS A 49 19.20 23.43 -3.82
CA HIS A 49 19.12 22.07 -4.33
C HIS A 49 17.85 21.92 -5.16
N PRO A 50 17.94 21.43 -6.40
CA PRO A 50 16.73 21.16 -7.18
C PRO A 50 16.14 19.80 -6.85
N LEU A 51 14.82 19.78 -6.65
CA LEU A 51 14.07 18.55 -6.43
C LEU A 51 13.04 18.43 -7.55
N VAL A 52 13.06 17.32 -8.26
CA VAL A 52 12.11 17.03 -9.33
C VAL A 52 11.16 15.94 -8.83
N PHE A 53 9.87 16.15 -9.05
CA PHE A 53 8.84 15.16 -8.80
C PHE A 53 8.07 14.92 -10.09
N HIS A 54 7.79 13.66 -10.37
CA HIS A 54 6.96 13.29 -11.51
C HIS A 54 5.51 13.23 -11.04
N THR A 55 4.65 14.05 -11.66
CA THR A 55 3.24 14.09 -11.34
C THR A 55 2.42 13.61 -12.55
N ASN A 56 1.15 13.34 -12.29
CA ASN A 56 0.25 12.98 -13.38
C ASN A 56 -0.05 14.16 -14.29
N ARG A 57 0.39 15.37 -13.93
CA ARG A 57 0.37 16.52 -14.82
C ARG A 57 1.78 16.94 -15.21
N GLY A 58 2.69 15.97 -15.32
CA GLY A 58 4.03 16.24 -15.78
C GLY A 58 4.99 16.55 -14.67
N PRO A 59 6.28 16.54 -14.97
CA PRO A 59 7.28 16.76 -13.93
C PRO A 59 7.35 18.22 -13.51
N ILE A 60 7.53 18.44 -12.20
CA ILE A 60 7.71 19.77 -11.64
C ILE A 60 8.98 19.78 -10.80
N LYS A 61 9.76 20.84 -10.92
CA LYS A 61 11.01 20.99 -10.20
C LYS A 61 10.84 22.00 -9.09
N PHE A 62 11.32 21.65 -7.90
CA PHE A 62 11.39 22.58 -6.78
C PHE A 62 12.85 22.97 -6.58
N ASN A 63 13.14 24.28 -6.71
CA ASN A 63 14.46 24.80 -6.40
C ASN A 63 14.46 25.20 -4.94
N VAL A 64 14.96 24.31 -4.09
CA VAL A 64 14.91 24.49 -2.64
C VAL A 64 16.08 25.35 -2.22
N TRP A 65 15.78 26.50 -1.62
CA TRP A 65 16.78 27.38 -1.02
C TRP A 65 16.86 27.01 0.47
N ASP A 66 17.82 26.17 0.82
CA ASP A 66 17.99 25.71 2.20
C ASP A 66 18.77 26.77 2.97
N THR A 67 18.08 27.55 3.80
CA THR A 67 18.68 28.67 4.50
C THR A 67 19.20 28.26 5.88
N ALA A 68 20.11 29.09 6.40
CA ALA A 68 20.72 28.82 7.70
C ALA A 68 19.82 29.29 8.83
N GLY A 69 19.78 28.51 9.91
CA GLY A 69 18.88 28.78 11.01
C GLY A 69 19.53 29.53 12.15
N GLN A 70 20.86 29.43 12.26
CA GLN A 70 21.59 30.21 13.25
C GLN A 70 21.86 31.60 12.71
N GLU A 71 21.63 32.62 13.55
CA GLU A 71 21.71 34.00 13.08
C GLU A 71 23.13 34.33 12.60
N LYS A 72 24.15 33.80 13.26
CA LYS A 72 25.51 34.14 12.88
C LYS A 72 25.89 33.56 11.51
N PHE A 73 25.24 32.48 11.10
CA PHE A 73 25.46 31.89 9.79
C PHE A 73 24.42 32.33 8.77
N GLY A 74 23.58 33.30 9.13
CA GLY A 74 22.43 33.61 8.30
C GLY A 74 22.76 34.21 6.95
N GLY A 75 23.87 34.92 6.85
CA GLY A 75 24.21 35.60 5.61
C GLY A 75 23.23 36.70 5.28
N LEU A 76 22.55 36.59 4.14
CA LEU A 76 21.56 37.58 3.73
C LEU A 76 20.18 36.95 3.65
N ARG A 77 19.66 36.42 4.76
CA ARG A 77 18.48 35.57 4.69
C ARG A 77 17.32 36.25 3.98
N ASP A 78 16.87 37.39 4.52
CA ASP A 78 15.71 38.05 3.94
C ASP A 78 15.86 38.26 2.44
N GLY A 79 17.10 38.38 1.95
CA GLY A 79 17.31 38.48 0.52
C GLY A 79 17.06 37.19 -0.21
N TYR A 80 17.34 36.06 0.44
CA TYR A 80 17.08 34.76 -0.16
C TYR A 80 15.60 34.50 -0.35
N TYR A 81 14.73 35.22 0.35
CA TYR A 81 13.30 35.03 0.18
C TYR A 81 12.77 35.73 -1.07
N ILE A 82 13.50 36.73 -1.60
CA ILE A 82 13.02 37.49 -2.73
C ILE A 82 12.67 36.55 -3.88
N GLN A 83 11.56 36.85 -4.55
CA GLN A 83 11.06 36.07 -5.67
C GLN A 83 10.75 34.62 -5.30
N ALA A 84 10.53 34.35 -4.01
CA ALA A 84 10.13 33.02 -3.58
C ALA A 84 8.66 32.79 -3.90
N GLN A 85 8.36 31.58 -4.38
CA GLN A 85 7.00 31.24 -4.79
C GLN A 85 6.30 30.34 -3.79
N CYS A 86 7.03 29.80 -2.81
CA CYS A 86 6.47 28.94 -1.78
C CYS A 86 7.54 28.78 -0.72
N ALA A 87 7.17 28.19 0.41
CA ALA A 87 8.11 28.09 1.52
C ALA A 87 7.71 26.92 2.41
N ILE A 88 8.70 26.42 3.15
CA ILE A 88 8.51 25.44 4.20
C ILE A 88 9.15 25.99 5.47
N ILE A 89 8.38 26.00 6.56
CA ILE A 89 8.90 26.32 7.87
C ILE A 89 8.96 25.02 8.67
N MET A 90 10.11 24.73 9.26
CA MET A 90 10.27 23.50 10.01
C MET A 90 10.65 23.78 11.45
N PHE A 91 10.24 22.88 12.34
CA PHE A 91 10.64 22.92 13.74
C PHE A 91 10.74 21.47 14.23
N ASP A 92 11.16 21.33 15.49
CA ASP A 92 11.40 20.04 16.14
C ASP A 92 10.36 19.88 17.25
N VAL A 93 9.49 18.88 17.11
CA VAL A 93 8.41 18.69 18.06
C VAL A 93 8.92 18.30 19.45
N THR A 94 10.20 17.98 19.58
CA THR A 94 10.78 17.70 20.88
C THR A 94 11.42 18.94 21.51
N SER A 95 11.33 20.10 20.85
CA SER A 95 11.93 21.34 21.32
C SER A 95 10.92 22.46 21.18
N ARG A 96 10.42 22.98 22.30
CA ARG A 96 9.38 24.00 22.24
C ARG A 96 9.91 25.32 21.71
N VAL A 97 11.19 25.63 21.95
CA VAL A 97 11.77 26.88 21.47
C VAL A 97 11.67 26.95 19.95
N THR A 98 11.90 25.82 19.26
CA THR A 98 11.85 25.83 17.80
C THR A 98 10.44 26.12 17.28
N TYR A 99 9.42 25.78 18.08
CA TYR A 99 8.05 26.13 17.72
C TYR A 99 7.72 27.57 18.14
N LYS A 100 8.31 28.04 19.24
CA LYS A 100 8.06 29.41 19.68
C LYS A 100 8.57 30.42 18.66
N ASN A 101 9.56 30.05 17.86
CA ASN A 101 10.10 30.95 16.84
C ASN A 101 9.41 30.82 15.48
N VAL A 102 8.49 29.86 15.35
CA VAL A 102 7.75 29.72 14.09
C VAL A 102 7.08 31.03 13.69
N PRO A 103 6.42 31.77 14.59
CA PRO A 103 5.78 33.02 14.16
C PRO A 103 6.78 34.05 13.67
N ASN A 104 8.02 34.00 14.14
CA ASN A 104 9.03 34.92 13.63
C ASN A 104 9.45 34.58 12.21
N TRP A 105 9.70 33.28 11.95
CA TRP A 105 9.99 32.84 10.59
C TRP A 105 8.84 33.18 9.65
N HIS A 106 7.61 32.92 10.09
CA HIS A 106 6.45 33.26 9.26
C HIS A 106 6.39 34.76 8.99
N ARG A 107 6.64 35.57 10.03
CA ARG A 107 6.66 37.01 9.86
C ARG A 107 7.71 37.44 8.84
N ASP A 108 8.95 36.97 9.02
CA ASP A 108 10.01 37.34 8.09
C ASP A 108 9.68 36.92 6.65
N LEU A 109 9.04 35.76 6.49
CA LEU A 109 8.69 35.30 5.15
C LEU A 109 7.64 36.21 4.52
N VAL A 110 6.54 36.45 5.24
CA VAL A 110 5.45 37.22 4.65
C VAL A 110 5.88 38.65 4.36
N ARG A 111 6.79 39.20 5.15
CA ARG A 111 7.25 40.57 4.92
C ARG A 111 7.80 40.74 3.51
N VAL A 112 8.34 39.67 2.92
CA VAL A 112 9.00 39.74 1.62
C VAL A 112 8.15 39.14 0.52
N CYS A 113 7.48 38.02 0.77
CA CYS A 113 6.78 37.27 -0.26
C CYS A 113 5.26 37.40 -0.19
N GLU A 114 4.74 38.09 0.82
CA GLU A 114 3.29 38.29 1.03
C GLU A 114 2.59 36.93 0.88
N ASN A 115 1.59 36.80 0.02
CA ASN A 115 0.67 35.66 0.06
C ASN A 115 1.18 34.50 -0.79
N ILE A 116 2.23 33.85 -0.29
CA ILE A 116 2.72 32.63 -0.91
C ILE A 116 2.22 31.43 -0.10
N PRO A 117 2.01 30.27 -0.71
CA PRO A 117 1.66 29.08 0.07
C PRO A 117 2.84 28.63 0.91
N ILE A 118 2.57 28.33 2.18
CA ILE A 118 3.61 27.95 3.14
C ILE A 118 3.15 26.69 3.84
N VAL A 119 4.10 25.79 4.11
CA VAL A 119 3.83 24.55 4.84
C VAL A 119 4.66 24.57 6.12
N LEU A 120 4.00 24.34 7.24
CA LEU A 120 4.64 24.21 8.54
C LEU A 120 4.82 22.73 8.85
N CYS A 121 6.06 22.34 9.18
CA CYS A 121 6.41 20.94 9.39
C CYS A 121 6.94 20.73 10.79
N GLY A 122 6.25 19.90 11.57
CA GLY A 122 6.75 19.45 12.85
C GLY A 122 7.54 18.17 12.70
N ASN A 123 8.87 18.28 12.78
CA ASN A 123 9.76 17.18 12.48
C ASN A 123 10.16 16.41 13.74
N LYS A 124 10.64 15.18 13.53
CA LYS A 124 11.17 14.30 14.56
C LYS A 124 10.04 13.66 15.38
N VAL A 125 8.87 13.49 14.76
CA VAL A 125 7.78 12.80 15.43
C VAL A 125 8.12 11.34 15.73
N ASP A 126 9.19 10.81 15.16
CA ASP A 126 9.66 9.50 15.54
C ASP A 126 10.19 9.46 16.97
N ILE A 127 10.57 10.61 17.53
CA ILE A 127 11.03 10.68 18.91
C ILE A 127 9.81 10.70 19.82
N LYS A 128 9.82 9.84 20.84
CA LYS A 128 8.60 9.62 21.60
C LYS A 128 8.33 10.70 22.63
N ASP A 129 9.38 11.35 23.15
CA ASP A 129 9.19 12.41 24.14
C ASP A 129 8.85 13.72 23.41
N ARG A 130 7.62 13.75 22.90
CA ARG A 130 7.14 14.88 22.11
C ARG A 130 6.63 15.99 23.02
N LYS A 131 7.11 17.21 22.80
CA LYS A 131 6.73 18.34 23.64
C LYS A 131 5.70 19.26 22.98
N VAL A 132 5.60 19.26 21.65
CA VAL A 132 4.66 20.12 20.94
C VAL A 132 3.62 19.23 20.27
N LYS A 133 2.36 19.39 20.69
CA LYS A 133 1.26 18.56 20.19
C LYS A 133 0.58 19.25 19.02
N ALA A 134 0.13 18.44 18.04
CA ALA A 134 -0.50 18.99 16.86
C ALA A 134 -1.84 19.66 17.15
N LYS A 135 -2.43 19.40 18.32
CA LYS A 135 -3.69 20.06 18.66
C LYS A 135 -3.48 21.54 18.98
N SER A 136 -2.33 21.89 19.52
CA SER A 136 -2.02 23.29 19.81
C SER A 136 -1.57 24.07 18.58
N ILE A 137 -1.43 23.42 17.44
CA ILE A 137 -1.26 24.11 16.17
C ILE A 137 -2.60 24.33 15.48
N VAL A 138 -3.39 23.27 15.34
CA VAL A 138 -4.70 23.35 14.72
C VAL A 138 -5.74 23.78 15.75
N ARG A 141 -4.77 27.92 10.69
CA ARG A 141 -5.96 27.52 9.97
C ARG A 141 -6.16 28.38 8.72
N LYS A 142 -5.07 28.94 8.22
CA LYS A 142 -5.09 29.80 7.05
C LYS A 142 -5.27 28.96 5.78
N LYS A 143 -5.80 29.61 4.74
CA LYS A 143 -5.91 28.95 3.44
C LYS A 143 -4.53 28.68 2.86
N ASN A 144 -3.61 29.64 2.98
CA ASN A 144 -2.24 29.47 2.50
C ASN A 144 -1.34 28.74 3.49
N LEU A 145 -1.81 28.47 4.70
CA LEU A 145 -1.06 27.69 5.67
C LEU A 145 -1.49 26.23 5.60
N GLN A 146 -0.56 25.34 5.92
CA GLN A 146 -0.83 23.91 5.97
C GLN A 146 0.18 23.30 6.93
N TYR A 147 -0.29 22.36 7.76
CA TYR A 147 0.57 21.72 8.73
C TYR A 147 0.66 20.22 8.46
N TYR A 148 1.86 19.66 8.66
CA TYR A 148 2.09 18.22 8.59
C TYR A 148 3.07 17.82 9.69
N ASP A 149 2.73 16.76 10.43
CA ASP A 149 3.76 16.00 11.13
C ASP A 149 4.63 15.28 10.10
N ILE A 150 5.94 15.33 10.29
CA ILE A 150 6.88 14.61 9.43
C ILE A 150 7.99 14.01 10.28
N SER A 151 8.73 13.08 9.67
CA SER A 151 9.94 12.53 10.27
C SER A 151 10.92 12.22 9.14
N ALA A 152 12.00 12.99 9.06
CA ALA A 152 13.04 12.70 8.09
C ALA A 152 13.66 11.33 8.34
N LYS A 153 13.58 10.82 9.57
CA LYS A 153 14.21 9.54 9.89
C LYS A 153 13.33 8.36 9.50
N SER A 154 12.04 8.42 9.84
CA SER A 154 11.09 7.38 9.47
C SER A 154 10.40 7.66 8.14
N ASN A 155 10.65 8.82 7.53
CA ASN A 155 10.07 9.25 6.26
C ASN A 155 8.58 9.51 6.37
N TYR A 156 8.03 9.54 7.59
CA TYR A 156 6.60 9.74 7.77
C TYR A 156 6.17 11.07 7.18
N ASN A 157 5.24 11.02 6.23
CA ASN A 157 4.67 12.21 5.60
C ASN A 157 5.71 13.07 4.91
N PHE A 158 6.89 12.51 4.62
CA PHE A 158 7.96 13.36 4.13
C PHE A 158 7.72 13.83 2.69
N GLU A 159 6.71 13.30 2.01
CA GLU A 159 6.34 13.78 0.68
C GLU A 159 5.21 14.80 0.72
N LYS A 160 4.49 14.89 1.82
CA LYS A 160 3.29 15.73 1.84
C LYS A 160 3.58 17.21 1.63
N PRO A 161 4.64 17.79 2.20
CA PRO A 161 4.86 19.23 1.96
C PRO A 161 5.03 19.58 0.50
N PHE A 162 5.74 18.76 -0.27
CA PHE A 162 5.89 19.04 -1.69
C PHE A 162 4.60 18.76 -2.46
N LEU A 163 3.89 17.69 -2.08
CA LEU A 163 2.64 17.37 -2.76
C LEU A 163 1.61 18.47 -2.58
N TRP A 164 1.46 18.98 -1.36
CA TRP A 164 0.49 20.04 -1.10
C TRP A 164 0.90 21.32 -1.83
N LEU A 165 2.17 21.72 -1.72
CA LEU A 165 2.64 22.91 -2.41
C LEU A 165 2.45 22.78 -3.91
N ALA A 166 2.75 21.60 -4.47
CA ALA A 166 2.52 21.37 -5.89
C ALA A 166 1.05 21.59 -6.25
N ARG A 167 0.15 21.03 -5.45
CA ARG A 167 -1.27 21.19 -5.72
C ARG A 167 -1.70 22.65 -5.68
N LYS A 168 -1.20 23.40 -4.70
CA LYS A 168 -1.56 24.82 -4.60
C LYS A 168 -0.98 25.61 -5.75
N LEU A 169 0.34 25.49 -5.99
CA LEU A 169 0.97 26.27 -7.04
C LEU A 169 0.32 26.01 -8.40
N ILE A 170 0.00 24.75 -8.69
CA ILE A 170 -0.59 24.41 -9.98
C ILE A 170 -2.09 24.63 -9.98
N GLY A 171 -2.75 24.61 -8.82
CA GLY A 171 -4.18 24.77 -8.76
C GLY A 171 -4.93 23.53 -9.20
N ASP A 172 -4.59 22.40 -8.60
CA ASP A 172 -5.19 21.12 -8.96
C ASP A 172 -5.18 20.24 -7.72
N PRO A 173 -6.29 20.18 -6.98
CA PRO A 173 -6.30 19.38 -5.74
C PRO A 173 -6.06 17.90 -5.97
N ASN A 174 -6.25 17.40 -7.19
CA ASN A 174 -6.11 15.99 -7.49
C ASN A 174 -4.77 15.65 -8.14
N LEU A 175 -3.79 16.54 -8.02
CA LEU A 175 -2.45 16.25 -8.51
C LEU A 175 -1.85 15.12 -7.69
N GLU A 176 -1.34 14.10 -8.38
CA GLU A 176 -0.74 12.93 -7.74
C GLU A 176 0.71 12.81 -8.15
N PHE A 177 1.55 12.36 -7.22
CA PHE A 177 2.88 11.89 -7.61
C PHE A 177 2.75 10.53 -8.28
N VAL A 178 3.50 10.34 -9.35
CA VAL A 178 3.43 9.12 -10.14
C VAL A 178 4.82 8.50 -10.25
N ALA A 179 4.84 7.22 -10.58
CA ALA A 179 6.08 6.47 -10.64
C ALA A 179 7.01 7.04 -11.71
N MET A 180 8.29 7.11 -11.36
CA MET A 180 9.30 7.63 -12.28
C MET A 180 9.56 6.62 -13.39
N PRO A 181 9.55 7.04 -14.66
CA PRO A 181 9.83 6.09 -15.74
C PRO A 181 11.19 5.42 -15.56
N ALA A 182 11.22 4.11 -15.79
CA ALA A 182 12.44 3.31 -15.64
C ALA A 182 12.81 2.78 -17.03
N LEU A 183 13.61 3.57 -17.74
CA LEU A 183 14.05 3.20 -19.08
C LEU A 183 15.03 2.04 -19.01
N ALA A 184 15.07 1.25 -20.07
CA ALA A 184 15.90 0.05 -20.10
C ALA A 184 17.36 0.40 -19.86
N PRO A 185 18.01 -0.18 -18.86
CA PRO A 185 19.40 0.20 -18.55
C PRO A 185 20.37 -0.55 -19.45
N PRO A 186 21.47 0.10 -19.84
CA PRO A 186 22.49 -0.63 -20.61
C PRO A 186 23.20 -1.65 -19.74
N GLU A 187 23.56 -2.78 -20.36
CA GLU A 187 24.50 -3.71 -19.76
C GLU A 187 25.92 -3.21 -20.02
N VAL A 188 26.70 -3.08 -18.96
CA VAL A 188 28.07 -2.60 -19.05
C VAL A 188 29.00 -3.79 -18.85
N VAL A 189 29.95 -3.96 -19.77
CA VAL A 189 30.93 -5.03 -19.71
C VAL A 189 32.29 -4.40 -19.40
N MET A 190 32.99 -4.98 -18.44
CA MET A 190 34.28 -4.49 -17.99
C MET A 190 35.33 -5.57 -18.18
N ASP A 191 36.58 -5.13 -18.39
CA ASP A 191 37.68 -6.09 -18.43
C ASP A 191 37.80 -6.77 -17.08
N PRO A 192 38.24 -8.04 -17.05
CA PRO A 192 38.31 -8.75 -15.76
C PRO A 192 39.14 -8.03 -14.74
N ALA A 193 40.04 -7.15 -15.18
CA ALA A 193 40.88 -6.39 -14.26
C ALA A 193 40.06 -5.39 -13.48
N LEU A 194 39.29 -4.55 -14.19
CA LEU A 194 38.48 -3.54 -13.50
C LEU A 194 37.36 -4.17 -12.70
N ALA A 195 36.83 -5.32 -13.14
CA ALA A 195 35.84 -6.04 -12.35
C ALA A 195 36.43 -6.48 -11.03
N ALA A 196 37.69 -6.93 -11.04
CA ALA A 196 38.35 -7.33 -9.80
C ALA A 196 38.57 -6.14 -8.88
N GLN A 197 38.86 -4.96 -9.44
CA GLN A 197 39.09 -3.79 -8.61
C GLN A 197 37.81 -3.40 -7.87
N TYR A 198 36.65 -3.57 -8.50
CA TYR A 198 35.40 -3.32 -7.81
C TYR A 198 35.03 -4.47 -6.87
N GLU A 199 35.44 -5.70 -7.20
CA GLU A 199 35.21 -6.81 -6.28
C GLU A 199 36.00 -6.62 -5.00
N HIS A 200 37.21 -6.07 -5.09
CA HIS A 200 37.98 -5.77 -3.89
C HIS A 200 37.32 -4.63 -3.11
N ASP A 201 36.92 -3.57 -3.80
CA ASP A 201 36.26 -2.45 -3.13
C ASP A 201 35.02 -2.91 -2.39
N LEU A 202 34.25 -3.84 -2.98
CA LEU A 202 33.08 -4.36 -2.31
C LEU A 202 33.44 -5.14 -1.05
N GLU A 203 34.57 -5.86 -1.10
CA GLU A 203 35.06 -6.56 0.09
C GLU A 203 35.37 -5.57 1.21
N VAL A 204 36.08 -4.49 0.88
CA VAL A 204 36.38 -3.46 1.88
C VAL A 204 35.09 -2.89 2.47
N ALA A 205 34.13 -2.56 1.60
CA ALA A 205 32.87 -2.02 2.09
C ALA A 205 32.13 -3.03 2.95
N GLN A 206 32.25 -4.32 2.66
CA GLN A 206 31.55 -5.34 3.42
C GLN A 206 31.99 -5.39 4.88
N THR A 207 33.13 -4.77 5.22
CA THR A 207 33.58 -4.74 6.60
C THR A 207 32.91 -3.63 7.42
N THR A 208 32.44 -2.57 6.77
CA THR A 208 31.70 -1.52 7.45
C THR A 208 30.23 -1.90 7.57
N ALA A 209 29.62 -1.56 8.70
CA ALA A 209 28.26 -1.95 8.97
C ALA A 209 27.27 -0.96 8.33
N LEU A 210 26.02 -1.39 8.26
CA LEU A 210 24.96 -0.54 7.73
C LEU A 210 24.53 0.49 8.79
N PRO A 211 24.10 1.68 8.35
CA PRO A 211 23.89 2.77 9.32
C PRO A 211 22.75 2.53 10.29
N ASP A 212 21.68 1.85 9.87
CA ASP A 212 20.49 1.63 10.69
C ASP A 212 20.49 0.28 11.37
N GLU A 213 21.67 -0.32 11.58
CA GLU A 213 21.73 -1.71 12.01
C GLU A 213 20.96 -1.95 13.29
N ASP A 214 20.96 -0.97 14.20
CA ASP A 214 20.34 -1.12 15.52
C ASP A 214 19.18 -0.15 15.71
N ASP A 215 18.48 0.19 14.63
CA ASP A 215 17.27 1.00 14.70
C ASP A 215 16.05 0.10 14.85
N ASP A 216 14.86 0.71 14.83
CA ASP A 216 13.63 -0.07 14.94
C ASP A 216 13.50 -1.03 13.77
N LEU A 217 13.60 -0.53 12.55
CA LEU A 217 13.54 -1.35 11.34
C LEU A 217 12.23 -2.15 11.28
N PRO B 11 0.40 27.38 -17.22
CA PRO B 11 -0.27 26.30 -17.97
C PRO B 11 0.52 25.00 -17.96
N LEU B 12 -0.18 23.89 -17.75
CA LEU B 12 0.40 22.58 -17.59
C LEU B 12 -0.46 21.58 -18.34
N PRO B 13 0.13 20.53 -18.91
CA PRO B 13 -0.70 19.52 -19.59
C PRO B 13 -1.74 18.98 -18.61
N ASP B 14 -3.00 19.03 -19.03
CA ASP B 14 -4.10 18.66 -18.14
C ASP B 14 -3.85 17.30 -17.51
N LEU B 15 -3.26 16.38 -18.26
CA LEU B 15 -2.89 15.08 -17.72
C LEU B 15 -1.75 14.50 -18.55
N VAL B 16 -0.94 13.68 -17.92
CA VAL B 16 0.22 13.06 -18.54
C VAL B 16 0.20 11.58 -18.22
N GLU B 17 0.17 10.75 -19.27
CA GLU B 17 0.15 9.31 -19.10
C GLU B 17 1.56 8.81 -18.75
N VAL B 18 1.65 8.09 -17.64
CA VAL B 18 2.93 7.61 -17.13
C VAL B 18 3.24 6.25 -17.73
N SER B 19 4.43 6.10 -18.30
CA SER B 19 4.93 4.83 -18.82
C SER B 19 6.07 4.38 -17.91
N SER B 20 5.87 3.25 -17.24
CA SER B 20 6.86 2.76 -16.30
C SER B 20 8.13 2.24 -16.98
N GLY B 21 8.03 1.87 -18.26
CA GLY B 21 9.13 1.22 -18.93
C GLY B 21 9.27 -0.26 -18.63
N GLU B 22 8.30 -0.84 -17.93
CA GLU B 22 8.29 -2.25 -17.57
C GLU B 22 7.17 -3.02 -18.29
N GLU B 23 6.63 -2.45 -19.36
CA GLU B 23 5.46 -3.05 -19.99
C GLU B 23 5.80 -4.35 -20.71
N ASN B 24 7.03 -4.50 -21.19
CA ASN B 24 7.48 -5.70 -21.89
C ASN B 24 8.33 -6.60 -21.01
N GLU B 25 8.07 -6.61 -19.71
CA GLU B 25 8.86 -7.38 -18.77
C GLU B 25 7.95 -8.07 -17.77
N GLN B 26 8.44 -9.18 -17.22
CA GLN B 26 7.73 -9.96 -16.22
C GLN B 26 8.37 -9.74 -14.86
N VAL B 27 7.54 -9.59 -13.84
CA VAL B 27 8.02 -9.42 -12.47
C VAL B 27 8.20 -10.83 -11.90
N VAL B 28 9.46 -11.26 -11.79
CA VAL B 28 9.77 -12.56 -11.21
C VAL B 28 10.08 -12.45 -9.72
N PHE B 29 10.27 -11.25 -9.20
CA PHE B 29 10.41 -11.03 -7.77
C PHE B 29 9.93 -9.62 -7.45
N SER B 30 9.27 -9.46 -6.31
CA SER B 30 8.82 -8.14 -5.86
C SER B 30 8.47 -8.22 -4.39
N HIS B 31 9.20 -7.48 -3.56
CA HIS B 31 8.88 -7.42 -2.13
C HIS B 31 9.51 -6.18 -1.54
N ARG B 32 8.91 -5.73 -0.44
CA ARG B 32 9.40 -4.55 0.27
C ARG B 32 10.77 -4.82 0.87
N ALA B 33 11.66 -3.83 0.77
CA ALA B 33 13.02 -3.97 1.26
C ALA B 33 13.64 -2.59 1.48
N LYS B 34 14.85 -2.59 2.01
CA LYS B 34 15.63 -1.38 2.26
C LYS B 34 16.94 -1.50 1.50
N LEU B 35 17.28 -0.46 0.73
CA LEU B 35 18.47 -0.46 -0.09
C LEU B 35 19.49 0.55 0.42
N TYR B 36 20.75 0.13 0.47
CA TYR B 36 21.85 0.98 0.90
C TYR B 36 22.88 1.09 -0.22
N ARG B 37 23.61 2.21 -0.21
CA ARG B 37 24.66 2.48 -1.19
C ARG B 37 25.90 2.95 -0.46
N TYR B 38 27.05 2.35 -0.78
CA TYR B 38 28.31 2.69 -0.14
C TYR B 38 28.90 3.95 -0.76
N ASP B 39 29.42 4.82 0.09
CA ASP B 39 30.01 6.09 -0.32
C ASP B 39 31.51 6.00 -0.09
N LYS B 40 32.26 5.78 -1.16
CA LYS B 40 33.72 5.65 -1.05
C LYS B 40 34.35 6.89 -0.45
N ASP B 41 33.79 8.06 -0.73
CA ASP B 41 34.39 9.31 -0.26
C ASP B 41 34.52 9.33 1.26
N VAL B 42 33.47 8.93 1.96
CA VAL B 42 33.45 8.96 3.42
C VAL B 42 33.56 7.58 4.03
N GLY B 43 33.58 6.53 3.23
CA GLY B 43 33.75 5.18 3.75
C GLY B 43 32.60 4.70 4.61
N GLN B 44 31.37 5.00 4.20
CA GLN B 44 30.19 4.61 4.96
C GLN B 44 29.12 4.11 4.01
N TRP B 45 28.29 3.21 4.53
CA TRP B 45 27.04 2.87 3.86
C TRP B 45 26.00 3.96 4.16
N LYS B 46 25.25 4.32 3.14
CA LYS B 46 24.17 5.30 3.28
C LYS B 46 22.86 4.68 2.82
N GLU B 47 21.79 4.92 3.56
CA GLU B 47 20.47 4.52 3.11
C GLU B 47 20.21 5.13 1.74
N ARG B 48 19.64 4.34 0.85
CA ARG B 48 19.37 4.75 -0.52
C ARG B 48 17.88 4.82 -0.84
N GLY B 49 17.10 3.86 -0.36
CA GLY B 49 15.68 3.88 -0.60
C GLY B 49 14.99 2.80 0.19
N ILE B 50 13.66 2.89 0.21
CA ILE B 50 12.80 1.90 0.84
C ILE B 50 11.57 1.73 -0.03
N GLY B 51 11.25 0.48 -0.37
CA GLY B 51 10.16 0.22 -1.29
C GLY B 51 10.22 -1.22 -1.77
N ASP B 52 9.51 -1.49 -2.86
CA ASP B 52 9.49 -2.82 -3.45
C ASP B 52 10.65 -2.94 -4.44
N ILE B 53 11.59 -3.81 -4.13
CA ILE B 53 12.66 -4.14 -5.06
C ILE B 53 12.17 -5.26 -5.97
N LYS B 54 12.36 -5.09 -7.27
CA LYS B 54 11.75 -5.94 -8.29
C LYS B 54 12.83 -6.47 -9.21
N ILE B 55 12.80 -7.77 -9.47
CA ILE B 55 13.60 -8.39 -10.51
C ILE B 55 12.70 -8.55 -11.73
N LEU B 56 13.08 -7.95 -12.85
CA LEU B 56 12.29 -7.97 -14.06
C LEU B 56 13.01 -8.75 -15.16
N GLN B 57 12.26 -9.55 -15.91
CA GLN B 57 12.78 -10.28 -17.06
C GLN B 57 11.96 -9.94 -18.30
N ASN B 58 12.65 -9.53 -19.36
CA ASN B 58 11.99 -9.15 -20.60
C ASN B 58 11.53 -10.40 -21.35
N TYR B 59 10.27 -10.39 -21.79
CA TYR B 59 9.71 -11.57 -22.45
C TYR B 59 10.53 -11.94 -23.69
N ASP B 60 10.83 -10.96 -24.54
CA ASP B 60 11.39 -11.27 -25.84
C ASP B 60 12.84 -11.74 -25.73
N ASN B 61 13.72 -10.88 -25.21
CA ASN B 61 15.15 -11.18 -25.18
C ASN B 61 15.60 -11.83 -23.88
N LYS B 62 14.70 -12.03 -22.92
CA LYS B 62 14.98 -12.76 -21.70
C LYS B 62 16.07 -12.09 -20.85
N GLN B 63 16.21 -10.78 -20.99
CA GLN B 63 17.21 -10.04 -20.22
C GLN B 63 16.61 -9.56 -18.90
N VAL B 64 17.46 -9.51 -17.87
CA VAL B 64 17.04 -9.34 -16.50
C VAL B 64 17.61 -8.04 -15.94
N ARG B 65 16.80 -7.35 -15.14
CA ARG B 65 17.27 -6.16 -14.45
C ARG B 65 16.60 -6.06 -13.09
N ILE B 66 17.24 -5.31 -12.19
CA ILE B 66 16.66 -4.94 -10.90
C ILE B 66 16.16 -3.51 -11.01
N VAL B 67 14.95 -3.28 -10.52
CA VAL B 67 14.34 -1.96 -10.47
C VAL B 67 13.76 -1.75 -9.09
N MET B 68 13.92 -0.54 -8.55
CA MET B 68 13.37 -0.22 -7.24
C MET B 68 13.00 1.25 -7.20
N ARG B 69 11.79 1.53 -6.71
CA ARG B 69 11.32 2.89 -6.49
C ARG B 69 11.07 3.08 -5.01
N ARG B 70 11.18 4.33 -4.57
CA ARG B 70 11.03 4.69 -3.17
C ARG B 70 9.57 4.99 -2.86
N ASP B 71 9.14 4.55 -1.68
CA ASP B 71 7.80 4.87 -1.21
C ASP B 71 7.55 6.38 -1.23
N GLN B 72 6.30 6.76 -1.51
CA GLN B 72 5.79 8.11 -1.30
C GLN B 72 6.27 9.07 -2.38
N VAL B 73 7.58 9.15 -2.60
CA VAL B 73 8.08 9.99 -3.69
C VAL B 73 8.02 9.23 -5.02
N LEU B 74 8.14 7.89 -4.98
CA LEU B 74 8.00 7.02 -6.15
C LEU B 74 9.16 7.17 -7.13
N LYS B 75 10.28 7.71 -6.69
CA LYS B 75 11.46 7.87 -7.53
C LYS B 75 12.33 6.62 -7.51
N LEU B 76 13.10 6.44 -8.57
CA LEU B 76 13.98 5.29 -8.68
C LEU B 76 15.16 5.41 -7.72
N CYS B 77 15.50 4.31 -7.07
CA CYS B 77 16.77 4.18 -6.37
C CYS B 77 17.60 3.01 -6.88
N ALA B 78 17.17 2.33 -7.94
CA ALA B 78 17.92 1.23 -8.53
C ALA B 78 17.39 0.91 -9.92
N ASN B 79 18.29 0.87 -10.91
CA ASN B 79 17.92 0.44 -12.25
C ASN B 79 19.19 -0.02 -12.95
N HIS B 80 19.42 -1.33 -12.94
CA HIS B 80 20.67 -1.88 -13.47
C HIS B 80 20.47 -3.31 -13.91
N ARG B 81 21.25 -3.70 -14.91
CA ARG B 81 21.18 -5.05 -15.46
C ARG B 81 21.81 -6.05 -14.51
N ILE B 82 21.33 -7.29 -14.59
CA ILE B 82 21.94 -8.43 -13.90
C ILE B 82 22.54 -9.34 -14.96
N THR B 83 23.81 -9.68 -14.80
CA THR B 83 24.52 -10.55 -15.73
C THR B 83 24.87 -11.87 -15.06
N PRO B 84 25.10 -12.93 -15.84
CA PRO B 84 25.44 -14.23 -15.24
C PRO B 84 26.70 -14.20 -14.39
N ASP B 85 27.60 -13.23 -14.62
CA ASP B 85 28.82 -13.17 -13.82
C ASP B 85 28.54 -12.66 -12.41
N MET B 86 27.57 -11.77 -12.26
CA MET B 86 27.33 -11.12 -10.98
C MET B 86 26.85 -12.12 -9.94
N THR B 87 27.22 -11.87 -8.69
CA THR B 87 26.87 -12.74 -7.58
C THR B 87 26.48 -11.88 -6.37
N LEU B 88 25.71 -12.48 -5.48
CA LEU B 88 25.29 -11.84 -4.24
C LEU B 88 26.14 -12.35 -3.08
N GLN B 89 26.76 -11.42 -2.35
CA GLN B 89 27.57 -11.75 -1.20
C GLN B 89 26.76 -11.51 0.08
N ASN B 90 27.14 -12.22 1.14
CA ASN B 90 26.59 -11.99 2.46
C ASN B 90 27.46 -10.99 3.22
N MET B 91 26.82 -10.23 4.11
CA MET B 91 27.53 -9.34 5.02
C MET B 91 27.80 -10.12 6.30
N LYS B 92 29.08 -10.38 6.55
CA LYS B 92 29.46 -11.34 7.59
C LYS B 92 28.67 -11.14 8.87
N GLY B 93 28.68 -9.92 9.40
CA GLY B 93 28.04 -9.65 10.68
C GLY B 93 26.54 -9.50 10.65
N THR B 94 25.94 -9.41 9.46
CA THR B 94 24.52 -9.16 9.32
C THR B 94 23.85 -10.31 8.59
N GLU B 95 22.56 -10.50 8.88
CA GLU B 95 21.76 -11.55 8.27
C GLU B 95 20.58 -10.93 7.52
N ARG B 96 20.07 -11.68 6.54
CA ARG B 96 18.97 -11.23 5.68
C ARG B 96 19.39 -10.01 4.85
N VAL B 97 20.66 -9.94 4.49
CA VAL B 97 21.22 -8.82 3.76
C VAL B 97 22.11 -9.37 2.64
N TRP B 98 21.97 -8.81 1.43
CA TRP B 98 22.74 -9.22 0.27
C TRP B 98 23.47 -8.01 -0.30
N LEU B 99 24.76 -8.20 -0.59
CA LEU B 99 25.61 -7.18 -1.19
C LEU B 99 25.94 -7.57 -2.64
N TRP B 100 26.10 -6.56 -3.48
CA TRP B 100 26.55 -6.80 -4.85
C TRP B 100 26.94 -5.47 -5.49
N THR B 101 27.73 -5.56 -6.56
CA THR B 101 28.17 -4.40 -7.31
C THR B 101 27.41 -4.32 -8.62
N ALA B 102 27.02 -3.12 -9.02
CA ALA B 102 26.19 -2.93 -10.20
C ALA B 102 26.57 -1.63 -10.88
N CYS B 103 26.16 -1.52 -12.14
CA CYS B 103 26.27 -0.28 -12.92
C CYS B 103 24.86 0.30 -12.99
N ASP B 104 24.57 1.26 -12.12
CA ASP B 104 23.22 1.71 -11.90
C ASP B 104 22.92 2.99 -12.67
N PHE B 105 21.66 3.13 -13.07
CA PHE B 105 21.19 4.27 -13.85
C PHE B 105 19.96 4.93 -13.21
N ALA B 106 19.75 4.74 -11.91
CA ALA B 106 18.63 5.38 -11.24
C ALA B 106 18.69 6.90 -11.38
N ASP B 107 19.89 7.46 -11.32
CA ASP B 107 20.09 8.90 -11.46
C ASP B 107 20.31 9.32 -12.91
N GLY B 108 19.80 8.53 -13.87
CA GLY B 108 19.96 8.89 -15.27
C GLY B 108 21.39 8.97 -15.75
N GLU B 109 22.29 8.21 -15.13
CA GLU B 109 23.72 8.28 -15.44
C GLU B 109 24.35 6.98 -14.99
N ARG B 110 25.38 6.55 -15.70
CA ARG B 110 26.12 5.37 -15.30
C ARG B 110 26.91 5.67 -14.03
N LYS B 111 26.58 4.96 -12.95
CA LYS B 111 27.35 5.03 -11.71
C LYS B 111 27.59 3.60 -11.23
N VAL B 112 28.85 3.23 -11.07
CA VAL B 112 29.17 1.96 -10.44
C VAL B 112 28.93 2.10 -8.94
N GLU B 113 28.12 1.19 -8.39
CA GLU B 113 27.67 1.32 -7.02
C GLU B 113 27.72 -0.03 -6.31
N HIS B 114 28.27 -0.03 -5.11
CA HIS B 114 28.20 -1.19 -4.22
C HIS B 114 26.92 -1.07 -3.43
N LEU B 115 26.02 -2.05 -3.60
CA LEU B 115 24.68 -1.99 -3.05
C LEU B 115 24.48 -3.08 -2.00
N ALA B 116 23.61 -2.79 -1.04
CA ALA B 116 23.16 -3.76 -0.06
C ALA B 116 21.64 -3.67 0.05
N VAL B 117 20.99 -4.82 0.18
CA VAL B 117 19.55 -4.89 0.36
C VAL B 117 19.28 -5.64 1.66
N ARG B 118 18.32 -5.15 2.43
CA ARG B 118 17.94 -5.75 3.70
C ARG B 118 16.48 -6.19 3.61
N PHE B 119 16.20 -7.40 4.07
CA PHE B 119 14.86 -7.94 4.11
C PHE B 119 14.45 -8.20 5.55
N LYS B 120 13.16 -8.06 5.82
CA LYS B 120 12.63 -8.33 7.15
C LYS B 120 12.68 -9.83 7.46
N LEU B 121 12.36 -10.68 6.50
CA LEU B 121 12.23 -12.11 6.73
C LEU B 121 13.28 -12.88 5.95
N GLN B 122 13.67 -14.03 6.51
CA GLN B 122 14.73 -14.82 5.89
C GLN B 122 14.27 -15.49 4.60
N ASP B 123 13.05 -16.03 4.60
CA ASP B 123 12.56 -16.70 3.39
C ASP B 123 12.39 -15.72 2.25
N VAL B 124 12.21 -14.43 2.53
CA VAL B 124 12.21 -13.44 1.46
C VAL B 124 13.63 -13.21 0.95
N ALA B 125 14.60 -13.15 1.87
CA ALA B 125 15.99 -13.04 1.46
C ALA B 125 16.43 -14.26 0.66
N ASP B 126 16.15 -15.47 1.18
CA ASP B 126 16.47 -16.68 0.45
C ASP B 126 15.76 -16.73 -0.90
N SER B 127 14.50 -16.25 -0.93
CA SER B 127 13.78 -16.18 -2.19
C SER B 127 14.45 -15.19 -3.15
N PHE B 128 14.98 -14.09 -2.62
CA PHE B 128 15.64 -13.10 -3.48
C PHE B 128 16.94 -13.66 -4.05
N LYS B 129 17.71 -14.39 -3.24
CA LYS B 129 18.92 -15.03 -3.73
C LYS B 129 18.61 -16.09 -4.77
N LYS B 130 17.58 -16.90 -4.52
CA LYS B 130 17.17 -17.94 -5.46
C LYS B 130 16.82 -17.33 -6.82
N ILE B 131 15.88 -16.37 -6.82
CA ILE B 131 15.42 -15.80 -8.08
C ILE B 131 16.54 -15.04 -8.79
N PHE B 132 17.39 -14.37 -8.02
CA PHE B 132 18.54 -13.67 -8.60
C PHE B 132 19.41 -14.63 -9.41
N ASP B 133 19.74 -15.78 -8.82
CA ASP B 133 20.66 -16.71 -9.48
C ASP B 133 20.00 -17.44 -10.64
N GLU B 134 18.71 -17.80 -10.49
CA GLU B 134 18.00 -18.42 -11.62
C GLU B 134 17.92 -17.47 -12.80
N ALA B 135 17.45 -16.24 -12.55
CA ALA B 135 17.17 -15.32 -13.64
C ALA B 135 18.43 -14.94 -14.39
N LYS B 136 19.54 -14.71 -13.68
CA LYS B 136 20.77 -14.29 -14.34
C LYS B 136 21.27 -15.36 -15.31
N THR B 137 21.11 -16.64 -14.95
CA THR B 137 21.53 -17.71 -15.84
C THR B 137 20.54 -17.95 -16.97
N ALA B 138 19.24 -17.72 -16.72
CA ALA B 138 18.23 -17.93 -17.75
C ALA B 138 18.39 -16.98 -18.93
N GLN B 139 19.07 -15.87 -18.75
CA GLN B 139 19.30 -14.91 -19.83
C GLN B 139 19.96 -15.58 -21.03
N PRO C 8 -24.54 -3.51 -7.94
CA PRO C 8 -24.01 -4.87 -7.87
C PRO C 8 -22.54 -4.91 -7.46
N GLN C 9 -22.11 -5.99 -6.81
CA GLN C 9 -20.71 -6.21 -6.52
C GLN C 9 -20.13 -7.21 -7.50
N VAL C 10 -18.87 -7.00 -7.87
CA VAL C 10 -18.16 -7.90 -8.76
C VAL C 10 -17.71 -9.12 -7.97
N GLN C 11 -18.19 -10.30 -8.35
CA GLN C 11 -17.85 -11.55 -7.68
C GLN C 11 -17.16 -12.52 -8.64
N PHE C 12 -16.39 -13.44 -8.06
CA PHE C 12 -15.76 -14.51 -8.82
C PHE C 12 -15.77 -15.77 -7.97
N LYS C 13 -16.06 -16.91 -8.61
CA LYS C 13 -15.97 -18.20 -7.93
C LYS C 13 -14.56 -18.74 -8.12
N LEU C 14 -13.84 -18.91 -7.02
CA LEU C 14 -12.50 -19.46 -7.01
C LEU C 14 -12.51 -20.79 -6.28
N VAL C 15 -11.93 -21.81 -6.91
CA VAL C 15 -11.81 -23.12 -6.31
C VAL C 15 -10.37 -23.32 -5.87
N LEU C 16 -10.19 -23.75 -4.63
CA LEU C 16 -8.88 -23.92 -4.00
C LEU C 16 -8.66 -25.41 -3.76
N VAL C 17 -7.74 -26.00 -4.52
CA VAL C 17 -7.53 -27.45 -4.52
C VAL C 17 -6.07 -27.75 -4.24
N GLY C 18 -5.81 -29.01 -3.91
CA GLY C 18 -4.48 -29.47 -3.58
C GLY C 18 -4.54 -30.64 -2.62
N ASP C 19 -3.40 -31.31 -2.49
CA ASP C 19 -3.28 -32.44 -1.56
C ASP C 19 -3.67 -32.01 -0.16
N GLY C 20 -3.99 -32.98 0.69
CA GLY C 20 -4.31 -32.68 2.08
C GLY C 20 -3.06 -32.36 2.87
N GLY C 21 -3.20 -31.38 3.76
CA GLY C 21 -2.09 -30.93 4.57
C GLY C 21 -1.19 -29.93 3.90
N THR C 22 -1.55 -29.43 2.72
CA THR C 22 -0.73 -28.46 2.03
C THR C 22 -0.94 -27.04 2.55
N GLY C 23 -2.00 -26.79 3.30
CA GLY C 23 -2.24 -25.50 3.89
C GLY C 23 -3.35 -24.66 3.28
N LYS C 24 -4.23 -25.27 2.49
CA LYS C 24 -5.29 -24.50 1.83
C LYS C 24 -6.16 -23.77 2.85
N THR C 25 -6.54 -24.45 3.93
CA THR C 25 -7.45 -23.86 4.91
C THR C 25 -6.74 -22.84 5.80
N THR C 26 -5.50 -23.15 6.22
CA THR C 26 -4.71 -22.15 6.91
C THR C 26 -4.58 -20.89 6.06
N PHE C 27 -4.32 -21.08 4.77
CA PHE C 27 -4.15 -19.94 3.86
C PHE C 27 -5.40 -19.09 3.80
N VAL C 28 -6.58 -19.73 3.77
CA VAL C 28 -7.82 -18.97 3.69
C VAL C 28 -8.12 -18.28 5.02
N LYS C 29 -7.95 -19.01 6.13
CA LYS C 29 -8.18 -18.39 7.44
C LYS C 29 -7.27 -17.18 7.64
N ARG C 30 -6.01 -17.30 7.21
CA ARG C 30 -5.10 -16.15 7.31
C ARG C 30 -5.69 -14.95 6.60
N HIS C 31 -6.26 -15.14 5.42
CA HIS C 31 -6.88 -14.04 4.70
C HIS C 31 -8.15 -13.56 5.39
N LEU C 32 -8.92 -14.49 5.96
CA LEU C 32 -10.21 -14.14 6.54
C LEU C 32 -10.05 -13.34 7.83
N THR C 33 -9.30 -13.88 8.79
CA THR C 33 -9.24 -13.33 10.13
C THR C 33 -7.86 -12.86 10.57
N GLY C 34 -6.82 -13.13 9.78
CA GLY C 34 -5.47 -12.81 10.16
C GLY C 34 -4.82 -13.84 11.07
N GLU C 35 -5.56 -14.84 11.52
CA GLU C 35 -5.01 -15.86 12.38
C GLU C 35 -4.10 -16.81 11.59
N PHE C 36 -3.32 -17.59 12.32
CA PHE C 36 -2.54 -18.68 11.75
C PHE C 36 -2.93 -19.97 12.48
N GLU C 37 -3.70 -20.82 11.81
CA GLU C 37 -4.09 -22.10 12.38
C GLU C 37 -2.90 -23.07 12.31
N LYS C 38 -2.44 -23.52 13.47
CA LYS C 38 -1.32 -24.45 13.56
C LYS C 38 -1.75 -25.90 13.43
N LYS C 39 -3.00 -26.23 13.76
CA LYS C 39 -3.47 -27.60 13.68
C LYS C 39 -3.91 -27.93 12.27
N TYR C 40 -3.84 -29.22 11.93
CA TYR C 40 -4.36 -29.76 10.69
C TYR C 40 -5.71 -30.37 10.99
N VAL C 41 -6.77 -29.61 10.74
CA VAL C 41 -8.14 -30.11 10.85
C VAL C 41 -8.67 -30.19 9.43
N ALA C 42 -8.70 -31.41 8.88
CA ALA C 42 -9.02 -31.59 7.48
C ALA C 42 -10.40 -31.04 7.15
N THR C 43 -10.51 -30.43 5.97
CA THR C 43 -11.81 -29.96 5.50
C THR C 43 -12.66 -31.13 5.04
N LEU C 44 -13.95 -31.08 5.33
CA LEU C 44 -14.89 -32.12 4.95
C LEU C 44 -15.74 -31.59 3.80
N GLY C 45 -15.40 -31.98 2.58
CA GLY C 45 -16.14 -31.53 1.42
C GLY C 45 -15.67 -30.19 0.91
N VAL C 46 -16.38 -29.12 1.26
CA VAL C 46 -15.98 -27.77 0.86
C VAL C 46 -16.55 -26.78 1.85
N GLU C 47 -15.81 -25.70 2.07
CA GLU C 47 -16.27 -24.55 2.83
C GLU C 47 -16.06 -23.31 1.96
N VAL C 48 -17.13 -22.54 1.76
CA VAL C 48 -17.10 -21.38 0.88
C VAL C 48 -16.92 -20.14 1.75
N HIS C 49 -15.82 -19.42 1.54
CA HIS C 49 -15.47 -18.25 2.34
C HIS C 49 -15.35 -17.03 1.43
N PRO C 50 -16.10 -15.96 1.67
CA PRO C 50 -15.94 -14.75 0.84
C PRO C 50 -14.76 -13.92 1.32
N LEU C 51 -13.88 -13.57 0.38
CA LEU C 51 -12.76 -12.67 0.63
C LEU C 51 -12.96 -11.43 -0.25
N VAL C 52 -13.03 -10.27 0.39
CA VAL C 52 -13.18 -9.01 -0.32
C VAL C 52 -11.85 -8.28 -0.33
N PHE C 53 -11.45 -7.81 -1.51
CA PHE C 53 -10.28 -6.96 -1.66
C PHE C 53 -10.72 -5.64 -2.29
N HIS C 54 -10.08 -4.55 -1.89
CA HIS C 54 -10.39 -3.23 -2.40
C HIS C 54 -9.31 -2.82 -3.39
N THR C 55 -9.70 -2.55 -4.63
CA THR C 55 -8.78 -2.15 -5.68
C THR C 55 -9.08 -0.72 -6.11
N ASN C 56 -8.16 -0.16 -6.91
CA ASN C 56 -8.37 1.16 -7.48
C ASN C 56 -9.52 1.18 -8.48
N ARG C 57 -10.00 0.01 -8.91
CA ARG C 57 -11.22 -0.09 -9.71
C ARG C 57 -12.39 -0.60 -8.88
N GLY C 58 -12.36 -0.36 -7.57
CA GLY C 58 -13.44 -0.74 -6.70
C GLY C 58 -13.18 -2.05 -5.98
N PRO C 59 -14.08 -2.43 -5.10
CA PRO C 59 -13.94 -3.70 -4.39
C PRO C 59 -14.35 -4.88 -5.25
N ILE C 60 -13.65 -6.00 -5.07
CA ILE C 60 -14.01 -7.25 -5.71
C ILE C 60 -14.09 -8.34 -4.64
N LYS C 61 -14.98 -9.29 -4.86
CA LYS C 61 -15.19 -10.39 -3.93
C LYS C 61 -14.76 -11.70 -4.58
N PHE C 62 -13.92 -12.45 -3.89
CA PHE C 62 -13.61 -13.83 -4.24
C PHE C 62 -14.41 -14.75 -3.33
N ASN C 63 -15.23 -15.59 -3.91
CA ASN C 63 -15.93 -16.64 -3.16
C ASN C 63 -15.07 -17.88 -3.24
N VAL C 64 -14.25 -18.10 -2.21
CA VAL C 64 -13.25 -19.15 -2.22
C VAL C 64 -13.89 -20.46 -1.78
N TRP C 65 -13.91 -21.44 -2.69
CA TRP C 65 -14.38 -22.80 -2.39
C TRP C 65 -13.18 -23.59 -1.91
N ASP C 66 -13.00 -23.64 -0.60
CA ASP C 66 -11.89 -24.37 0.01
C ASP C 66 -12.25 -25.86 0.03
N THR C 67 -11.74 -26.61 -0.95
CA THR C 67 -12.10 -28.01 -1.08
C THR C 67 -11.15 -28.91 -0.25
N ALA C 68 -11.64 -30.10 0.05
CA ALA C 68 -10.85 -31.08 0.78
C ALA C 68 -9.90 -31.80 -0.16
N GLY C 69 -8.66 -32.00 0.32
CA GLY C 69 -7.64 -32.62 -0.48
C GLY C 69 -7.59 -34.14 -0.43
N GLN C 70 -8.28 -34.74 0.53
CA GLN C 70 -8.25 -36.19 0.68
C GLN C 70 -8.96 -36.89 -0.47
N GLU C 71 -8.44 -38.07 -0.84
CA GLU C 71 -8.96 -38.78 -2.00
C GLU C 71 -10.40 -39.23 -1.81
N LYS C 72 -10.83 -39.43 -0.57
CA LYS C 72 -12.21 -39.83 -0.31
C LYS C 72 -13.22 -38.79 -0.80
N PHE C 73 -12.78 -37.57 -1.12
CA PHE C 73 -13.65 -36.53 -1.65
C PHE C 73 -13.42 -36.29 -3.14
N GLY C 74 -12.80 -37.24 -3.84
CA GLY C 74 -12.50 -37.03 -5.24
C GLY C 74 -13.72 -37.05 -6.14
N GLY C 75 -14.74 -37.83 -5.76
CA GLY C 75 -15.90 -37.97 -6.61
C GLY C 75 -16.72 -36.69 -6.70
N LEU C 76 -16.87 -35.99 -5.60
CA LEU C 76 -17.76 -34.83 -5.53
C LEU C 76 -17.04 -33.51 -5.80
N ARG C 77 -15.71 -33.52 -5.93
CA ARG C 77 -15.01 -32.28 -6.26
C ARG C 77 -15.38 -31.77 -7.65
N ASP C 78 -15.69 -32.68 -8.58
CA ASP C 78 -16.09 -32.25 -9.92
C ASP C 78 -17.30 -31.34 -9.87
N GLY C 79 -18.24 -31.61 -8.96
CA GLY C 79 -19.38 -30.74 -8.82
C GLY C 79 -19.02 -29.37 -8.27
N TYR C 80 -18.00 -29.31 -7.42
CA TYR C 80 -17.55 -28.02 -6.89
C TYR C 80 -16.97 -27.16 -8.00
N TYR C 81 -16.28 -27.77 -8.96
CA TYR C 81 -15.62 -27.01 -10.02
C TYR C 81 -16.62 -26.37 -10.98
N ILE C 82 -17.88 -26.79 -10.97
CA ILE C 82 -18.86 -26.28 -11.93
C ILE C 82 -18.95 -24.77 -11.79
N GLN C 83 -18.92 -24.08 -12.92
CA GLN C 83 -19.05 -22.63 -13.01
C GLN C 83 -17.97 -21.88 -12.23
N ALA C 84 -16.83 -22.53 -11.98
CA ALA C 84 -15.70 -21.84 -11.38
C ALA C 84 -15.07 -20.90 -12.40
N GLN C 85 -14.78 -19.67 -11.97
CA GLN C 85 -14.19 -18.67 -12.85
C GLN C 85 -12.68 -18.58 -12.71
N CYS C 86 -12.09 -19.23 -11.70
CA CYS C 86 -10.66 -19.22 -11.47
C CYS C 86 -10.36 -20.30 -10.44
N ALA C 87 -9.07 -20.47 -10.13
CA ALA C 87 -8.66 -21.54 -9.23
C ALA C 87 -7.25 -21.30 -8.72
N ILE C 88 -6.96 -21.91 -7.58
CA ILE C 88 -5.63 -21.94 -7.01
C ILE C 88 -5.28 -23.40 -6.73
N ILE C 89 -4.13 -23.84 -7.23
CA ILE C 89 -3.60 -25.16 -6.92
C ILE C 89 -2.46 -24.98 -5.94
N MET C 90 -2.54 -25.68 -4.81
CA MET C 90 -1.55 -25.57 -3.76
C MET C 90 -0.84 -26.90 -3.56
N PHE C 91 0.47 -26.82 -3.33
CA PHE C 91 1.28 -27.95 -2.89
C PHE C 91 2.18 -27.48 -1.77
N ASP C 92 2.91 -28.42 -1.18
CA ASP C 92 3.80 -28.16 -0.05
C ASP C 92 5.23 -28.34 -0.55
N VAL C 93 6.03 -27.28 -0.45
CA VAL C 93 7.39 -27.32 -0.95
C VAL C 93 8.27 -28.27 -0.14
N THR C 94 7.84 -28.64 1.06
CA THR C 94 8.56 -29.62 1.87
C THR C 94 8.11 -31.05 1.60
N SER C 95 7.30 -31.27 0.56
CA SER C 95 6.75 -32.58 0.25
C SER C 95 6.69 -32.72 -1.26
N ARG C 96 7.57 -33.56 -1.82
CA ARG C 96 7.59 -33.75 -3.27
C ARG C 96 6.31 -34.37 -3.79
N VAL C 97 5.68 -35.23 -2.98
CA VAL C 97 4.42 -35.86 -3.41
C VAL C 97 3.43 -34.79 -3.86
N THR C 98 3.20 -33.79 -3.00
CA THR C 98 2.20 -32.77 -3.29
C THR C 98 2.50 -32.06 -4.60
N TYR C 99 3.77 -31.94 -4.97
CA TYR C 99 4.13 -31.32 -6.24
C TYR C 99 3.91 -32.26 -7.42
N LYS C 100 4.14 -33.57 -7.22
CA LYS C 100 3.90 -34.52 -8.29
C LYS C 100 2.43 -34.63 -8.65
N ASN C 101 1.52 -34.29 -7.74
CA ASN C 101 0.09 -34.37 -7.99
C ASN C 101 -0.48 -33.09 -8.58
N VAL C 102 0.36 -32.07 -8.76
CA VAL C 102 -0.12 -30.81 -9.36
C VAL C 102 -0.68 -31.06 -10.74
N PRO C 103 -0.03 -31.82 -11.62
CA PRO C 103 -0.61 -32.05 -12.96
C PRO C 103 -1.97 -32.71 -12.92
N ASN C 104 -2.23 -33.53 -11.92
CA ASN C 104 -3.55 -34.14 -11.78
C ASN C 104 -4.59 -33.10 -11.38
N TRP C 105 -4.29 -32.30 -10.35
CA TRP C 105 -5.21 -31.23 -9.96
C TRP C 105 -5.53 -30.33 -11.14
N HIS C 106 -4.51 -29.94 -11.91
CA HIS C 106 -4.72 -29.12 -13.09
C HIS C 106 -5.60 -29.84 -14.10
N ARG C 107 -5.31 -31.12 -14.34
CA ARG C 107 -6.13 -31.92 -15.25
C ARG C 107 -7.58 -31.96 -14.80
N ASP C 108 -7.81 -32.31 -13.53
CA ASP C 108 -9.18 -32.37 -13.02
C ASP C 108 -9.89 -31.04 -13.22
N LEU C 109 -9.19 -29.93 -12.97
CA LEU C 109 -9.79 -28.61 -13.11
C LEU C 109 -10.16 -28.31 -14.56
N VAL C 110 -9.21 -28.45 -15.48
CA VAL C 110 -9.46 -28.11 -16.87
C VAL C 110 -10.56 -28.99 -17.45
N ARG C 111 -10.71 -30.21 -16.96
CA ARG C 111 -11.74 -31.11 -17.48
C ARG C 111 -13.14 -30.53 -17.28
N VAL C 112 -13.32 -29.62 -16.33
CA VAL C 112 -14.63 -29.09 -15.98
C VAL C 112 -14.78 -27.64 -16.38
N CYS C 113 -13.70 -26.85 -16.26
CA CYS C 113 -13.78 -25.42 -16.53
C CYS C 113 -12.99 -24.99 -17.75
N GLU C 114 -12.24 -25.90 -18.37
CA GLU C 114 -11.45 -25.59 -19.57
C GLU C 114 -10.44 -24.50 -19.17
N ASN C 115 -10.25 -23.47 -20.00
CA ASN C 115 -9.18 -22.49 -19.76
C ASN C 115 -9.72 -21.39 -18.86
N ILE C 116 -9.58 -21.58 -17.55
CA ILE C 116 -9.81 -20.53 -16.57
C ILE C 116 -8.43 -20.11 -16.05
N PRO C 117 -8.27 -18.87 -15.56
CA PRO C 117 -6.98 -18.48 -14.97
C PRO C 117 -6.73 -19.24 -13.67
N ILE C 118 -5.55 -19.87 -13.58
CA ILE C 118 -5.19 -20.70 -12.44
C ILE C 118 -3.85 -20.21 -11.89
N VAL C 119 -3.70 -20.25 -10.57
CA VAL C 119 -2.47 -19.87 -9.91
C VAL C 119 -1.93 -21.07 -9.15
N LEU C 120 -0.65 -21.38 -9.37
CA LEU C 120 0.04 -22.46 -8.66
C LEU C 120 0.84 -21.87 -7.51
N CYS C 121 0.71 -22.47 -6.33
CA CYS C 121 1.33 -21.95 -5.12
C CYS C 121 2.12 -23.03 -4.43
N GLY C 122 3.41 -22.77 -4.21
CA GLY C 122 4.23 -23.60 -3.35
C GLY C 122 4.26 -23.04 -1.94
N ASN C 123 3.54 -23.68 -1.03
CA ASN C 123 3.36 -23.17 0.32
C ASN C 123 4.43 -23.70 1.27
N LYS C 124 4.55 -23.02 2.41
CA LYS C 124 5.41 -23.40 3.53
C LYS C 124 6.89 -23.15 3.24
N VAL C 125 7.20 -22.16 2.41
CA VAL C 125 8.58 -21.80 2.16
C VAL C 125 9.29 -21.26 3.39
N ASP C 126 8.53 -20.95 4.45
CA ASP C 126 9.16 -20.55 5.71
C ASP C 126 9.97 -21.68 6.33
N ILE C 127 9.69 -22.92 5.96
CA ILE C 127 10.46 -24.07 6.44
C ILE C 127 11.74 -24.16 5.60
N LYS C 128 12.89 -24.17 6.29
CA LYS C 128 14.16 -24.11 5.57
C LYS C 128 14.38 -25.35 4.72
N ASP C 129 13.97 -26.51 5.20
CA ASP C 129 14.21 -27.77 4.49
C ASP C 129 13.18 -27.90 3.37
N ARG C 130 13.57 -27.45 2.18
CA ARG C 130 12.71 -27.43 1.00
C ARG C 130 13.05 -28.62 0.11
N LYS C 131 12.13 -29.57 0.00
CA LYS C 131 12.36 -30.74 -0.84
C LYS C 131 12.07 -30.46 -2.31
N VAL C 132 11.12 -29.57 -2.60
CA VAL C 132 10.79 -29.22 -3.98
C VAL C 132 11.59 -27.96 -4.30
N LYS C 133 12.82 -28.16 -4.80
CA LYS C 133 13.69 -27.05 -5.16
C LYS C 133 13.64 -26.73 -6.65
N ALA C 134 12.83 -27.46 -7.43
CA ALA C 134 12.76 -27.22 -8.86
C ALA C 134 11.98 -25.94 -9.16
N LYS C 135 12.52 -25.14 -10.07
CA LYS C 135 11.82 -23.96 -10.55
C LYS C 135 12.49 -23.41 -11.81
N ASN C 144 -2.49 -18.74 -18.94
CA ASN C 144 -3.41 -18.88 -17.80
C ASN C 144 -2.76 -19.70 -16.68
N LEU C 145 -1.44 -19.60 -16.58
CA LEU C 145 -0.69 -20.24 -15.50
C LEU C 145 0.29 -19.25 -14.92
N GLN C 146 0.34 -19.17 -13.58
CA GLN C 146 1.22 -18.26 -12.87
C GLN C 146 1.61 -18.97 -11.57
N TYR C 147 2.89 -18.90 -11.22
CA TYR C 147 3.39 -19.55 -10.02
C TYR C 147 3.91 -18.55 -9.00
N TYR C 148 3.65 -18.83 -7.72
CA TYR C 148 4.18 -18.04 -6.62
C TYR C 148 4.65 -18.99 -5.52
N ASP C 149 5.85 -18.73 -4.99
CA ASP C 149 6.22 -19.22 -3.67
C ASP C 149 5.42 -18.44 -2.64
N ILE C 150 4.84 -19.13 -1.65
CA ILE C 150 4.08 -18.46 -0.61
C ILE C 150 4.29 -19.15 0.73
N SER C 151 3.89 -18.45 1.79
CA SER C 151 3.89 -19.00 3.14
C SER C 151 2.70 -18.42 3.88
N ALA C 152 1.74 -19.28 4.23
CA ALA C 152 0.63 -18.84 5.08
C ALA C 152 1.11 -18.37 6.44
N LYS C 153 2.31 -18.79 6.87
CA LYS C 153 2.82 -18.45 8.19
C LYS C 153 3.55 -17.12 8.19
N SER C 154 4.41 -16.88 7.20
CA SER C 154 5.11 -15.61 7.08
C SER C 154 4.37 -14.61 6.21
N ASN C 155 3.27 -15.02 5.57
CA ASN C 155 2.46 -14.19 4.68
C ASN C 155 3.21 -13.82 3.40
N TYR C 156 4.34 -14.44 3.11
CA TYR C 156 5.10 -14.11 1.92
C TYR C 156 4.28 -14.38 0.66
N ASN C 157 4.17 -13.37 -0.19
CA ASN C 157 3.45 -13.45 -1.46
C ASN C 157 2.01 -13.93 -1.28
N PHE C 158 1.47 -13.91 -0.07
CA PHE C 158 0.17 -14.53 0.14
C PHE C 158 -0.98 -13.72 -0.42
N GLU C 159 -0.74 -12.47 -0.84
CA GLU C 159 -1.75 -11.69 -1.55
C GLU C 159 -1.60 -11.79 -3.06
N LYS C 160 -0.45 -12.23 -3.54
CA LYS C 160 -0.19 -12.21 -4.98
C LYS C 160 -1.19 -13.05 -5.78
N PRO C 161 -1.57 -14.26 -5.35
CA PRO C 161 -2.51 -15.04 -6.16
C PRO C 161 -3.83 -14.33 -6.43
N PHE C 162 -4.35 -13.62 -5.43
CA PHE C 162 -5.60 -12.90 -5.63
C PHE C 162 -5.39 -11.67 -6.50
N LEU C 163 -4.25 -10.99 -6.33
CA LEU C 163 -3.96 -9.82 -7.16
C LEU C 163 -3.85 -10.20 -8.63
N TRP C 164 -3.17 -11.31 -8.92
CA TRP C 164 -2.98 -11.73 -10.32
C TRP C 164 -4.31 -12.19 -10.91
N LEU C 165 -5.06 -13.01 -10.18
CA LEU C 165 -6.36 -13.44 -10.68
C LEU C 165 -7.28 -12.24 -10.89
N ALA C 166 -7.23 -11.25 -9.99
CA ALA C 166 -8.03 -10.04 -10.16
C ALA C 166 -7.66 -9.32 -11.46
N ARG C 167 -6.37 -9.15 -11.71
CA ARG C 167 -5.93 -8.50 -12.94
C ARG C 167 -6.39 -9.28 -14.17
N LYS C 168 -6.28 -10.61 -14.14
CA LYS C 168 -6.67 -11.42 -15.29
C LYS C 168 -8.18 -11.37 -15.50
N LEU C 169 -8.96 -11.61 -14.44
CA LEU C 169 -10.41 -11.63 -14.58
C LEU C 169 -10.96 -10.27 -14.98
N ILE C 170 -10.32 -9.19 -14.51
CA ILE C 170 -10.77 -7.84 -14.83
C ILE C 170 -10.19 -7.31 -16.12
N GLY C 171 -9.09 -7.90 -16.61
CA GLY C 171 -8.47 -7.43 -17.84
C GLY C 171 -7.76 -6.11 -17.65
N ASP C 172 -6.98 -6.00 -16.57
CA ASP C 172 -6.25 -4.79 -16.24
C ASP C 172 -4.96 -5.20 -15.56
N PRO C 173 -3.86 -5.28 -16.30
CA PRO C 173 -2.57 -5.67 -15.67
C PRO C 173 -2.09 -4.71 -14.60
N ASN C 174 -2.63 -3.49 -14.54
CA ASN C 174 -2.18 -2.48 -13.60
C ASN C 174 -3.14 -2.28 -12.44
N LEU C 175 -4.03 -3.25 -12.22
CA LEU C 175 -4.91 -3.20 -11.06
C LEU C 175 -4.05 -3.23 -9.80
N GLU C 176 -4.37 -2.37 -8.84
CA GLU C 176 -3.65 -2.30 -7.58
C GLU C 176 -4.61 -2.59 -6.42
N PHE C 177 -4.06 -3.17 -5.35
CA PHE C 177 -4.80 -3.27 -4.09
C PHE C 177 -4.62 -1.96 -3.33
N VAL C 178 -5.71 -1.42 -2.80
CA VAL C 178 -5.68 -0.14 -2.11
C VAL C 178 -6.18 -0.35 -0.68
N ALA C 179 -5.81 0.60 0.19
CA ALA C 179 -6.21 0.51 1.59
C ALA C 179 -7.72 0.47 1.72
N MET C 180 -8.20 -0.44 2.56
CA MET C 180 -9.62 -0.54 2.82
C MET C 180 -10.13 0.74 3.45
N PRO C 181 -11.25 1.30 2.98
CA PRO C 181 -11.81 2.49 3.63
C PRO C 181 -12.20 2.22 5.07
N ALA C 182 -11.82 3.13 5.96
CA ALA C 182 -12.13 3.03 7.38
C ALA C 182 -13.23 4.06 7.68
N LEU C 183 -14.49 3.64 7.49
CA LEU C 183 -15.61 4.50 7.82
C LEU C 183 -15.63 4.75 9.32
N ALA C 184 -16.25 5.86 9.71
CA ALA C 184 -16.27 6.26 11.11
C ALA C 184 -17.02 5.22 11.93
N PRO C 185 -16.41 4.65 12.97
CA PRO C 185 -17.11 3.65 13.77
C PRO C 185 -18.01 4.32 14.79
N PRO C 186 -19.17 3.73 15.07
CA PRO C 186 -20.02 4.30 16.13
C PRO C 186 -19.40 4.14 17.50
N GLU C 187 -19.72 5.07 18.38
CA GLU C 187 -19.43 4.89 19.80
C GLU C 187 -20.57 4.10 20.43
N VAL C 188 -20.22 3.02 21.13
CA VAL C 188 -21.20 2.17 21.79
C VAL C 188 -21.19 2.49 23.28
N VAL C 189 -22.31 2.97 23.78
CA VAL C 189 -22.48 3.32 25.19
C VAL C 189 -23.23 2.20 25.87
N MET C 190 -22.80 1.84 27.08
CA MET C 190 -23.36 0.70 27.79
C MET C 190 -23.45 1.03 29.27
N ASP C 191 -24.30 0.28 29.96
CA ASP C 191 -24.45 0.47 31.39
C ASP C 191 -23.13 0.14 32.08
N PRO C 192 -22.73 0.91 33.12
CA PRO C 192 -21.44 0.65 33.76
C PRO C 192 -21.26 -0.80 34.18
N ALA C 193 -22.36 -1.50 34.48
CA ALA C 193 -22.27 -2.89 34.89
C ALA C 193 -21.77 -3.76 33.74
N LEU C 194 -22.33 -3.56 32.54
CA LEU C 194 -21.86 -4.34 31.38
C LEU C 194 -20.40 -4.04 31.09
N ALA C 195 -20.01 -2.77 31.17
CA ALA C 195 -18.60 -2.43 30.99
C ALA C 195 -17.73 -3.15 32.02
N ALA C 196 -18.24 -3.30 33.24
CA ALA C 196 -17.52 -4.06 34.25
C ALA C 196 -17.43 -5.54 33.88
N GLN C 197 -18.50 -6.06 33.27
CA GLN C 197 -18.48 -7.45 32.81
C GLN C 197 -17.37 -7.66 31.80
N TYR C 198 -17.30 -6.80 30.79
CA TYR C 198 -16.24 -6.92 29.80
C TYR C 198 -14.87 -6.72 30.44
N GLU C 199 -14.78 -5.88 31.48
CA GLU C 199 -13.52 -5.70 32.17
C GLU C 199 -13.07 -6.99 32.86
N HIS C 200 -14.01 -7.70 33.49
CA HIS C 200 -13.65 -8.93 34.19
C HIS C 200 -13.34 -10.06 33.20
N ASP C 201 -14.08 -10.13 32.09
CA ASP C 201 -13.73 -11.08 31.05
C ASP C 201 -12.32 -10.83 30.53
N LEU C 202 -11.95 -9.56 30.34
CA LEU C 202 -10.61 -9.23 29.90
C LEU C 202 -9.57 -9.69 30.92
N GLU C 203 -9.84 -9.50 32.21
CA GLU C 203 -8.95 -10.02 33.24
C GLU C 203 -8.77 -11.52 33.09
N VAL C 204 -9.80 -12.22 32.64
CA VAL C 204 -9.67 -13.66 32.42
C VAL C 204 -8.75 -13.94 31.25
N ALA C 205 -8.95 -13.24 30.13
CA ALA C 205 -8.07 -13.41 28.99
C ALA C 205 -6.65 -12.98 29.31
N GLN C 206 -6.49 -11.99 30.19
CA GLN C 206 -5.16 -11.53 30.59
C GLN C 206 -4.31 -12.65 31.17
N THR C 207 -4.93 -13.73 31.65
CA THR C 207 -4.19 -14.84 32.22
C THR C 207 -3.73 -15.85 31.19
N THR C 208 -4.26 -15.81 29.97
CA THR C 208 -3.79 -16.66 28.90
C THR C 208 -2.73 -15.94 28.07
N ALA C 209 -1.72 -16.69 27.65
CA ALA C 209 -0.57 -16.11 26.96
C ALA C 209 -0.80 -16.04 25.46
N LEU C 210 -0.02 -15.17 24.80
CA LEU C 210 -0.17 -14.90 23.38
C LEU C 210 0.43 -16.03 22.55
N PRO C 211 -0.13 -16.27 21.36
CA PRO C 211 0.24 -17.49 20.61
C PRO C 211 1.69 -17.53 20.18
N ASP C 212 2.23 -16.42 19.69
CA ASP C 212 3.60 -16.37 19.20
C ASP C 212 4.60 -15.99 20.29
N GLU C 213 4.22 -16.13 21.56
CA GLU C 213 5.14 -15.76 22.62
C GLU C 213 6.41 -16.61 22.58
N ASP C 214 6.27 -17.88 22.20
CA ASP C 214 7.42 -18.77 22.23
C ASP C 214 8.42 -18.47 21.11
N ASP C 215 7.95 -17.98 19.98
CA ASP C 215 8.82 -17.68 18.84
C ASP C 215 8.96 -16.21 18.53
N ASP C 216 7.90 -15.41 18.71
CA ASP C 216 7.91 -13.97 18.39
C ASP C 216 8.24 -13.83 16.91
N LEU C 217 9.13 -12.92 16.51
CA LEU C 217 9.50 -12.77 15.10
C LEU C 217 10.99 -13.12 14.92
N PHE D 6 -8.58 -15.90 -19.40
CA PHE D 6 -7.77 -15.21 -20.41
C PHE D 6 -8.51 -13.97 -20.92
N GLU D 7 -9.63 -14.17 -21.60
CA GLU D 7 -10.50 -13.04 -21.94
C GLU D 7 -11.30 -12.64 -20.71
N PRO D 8 -11.33 -11.36 -20.36
CA PRO D 8 -11.99 -10.96 -19.10
C PRO D 8 -13.40 -11.51 -19.03
N VAL D 9 -13.72 -12.14 -17.90
CA VAL D 9 -15.06 -12.71 -17.72
C VAL D 9 -16.09 -11.60 -17.52
N VAL D 10 -15.68 -10.48 -16.93
CA VAL D 10 -16.60 -9.43 -16.52
C VAL D 10 -16.22 -8.14 -17.26
N PRO D 11 -17.16 -7.23 -17.52
CA PRO D 11 -16.77 -5.92 -18.06
C PRO D 11 -15.83 -5.19 -17.10
N LEU D 12 -15.00 -4.34 -17.69
CA LEU D 12 -14.00 -3.60 -16.91
C LEU D 12 -14.68 -2.57 -16.02
N PRO D 13 -14.59 -2.67 -14.69
CA PRO D 13 -15.13 -1.62 -13.83
C PRO D 13 -14.30 -0.36 -13.94
N ASP D 14 -14.95 0.78 -13.74
CA ASP D 14 -14.29 2.06 -13.88
C ASP D 14 -13.46 2.39 -12.65
N LEU D 15 -12.38 3.13 -12.86
CA LEU D 15 -11.55 3.58 -11.75
C LEU D 15 -12.40 4.38 -10.78
N VAL D 16 -12.12 4.21 -9.49
CA VAL D 16 -12.85 4.89 -8.42
C VAL D 16 -11.86 5.78 -7.67
N GLU D 17 -12.41 6.77 -6.98
CA GLU D 17 -11.60 7.69 -6.19
C GLU D 17 -11.23 7.01 -4.88
N VAL D 18 -9.93 6.89 -4.61
CA VAL D 18 -9.45 6.18 -3.43
C VAL D 18 -9.60 7.10 -2.23
N SER D 19 -10.34 6.63 -1.23
CA SER D 19 -10.60 7.39 -0.01
C SER D 19 -10.32 6.49 1.19
N SER D 20 -9.49 6.96 2.11
CA SER D 20 -9.16 6.18 3.30
C SER D 20 -10.21 6.33 4.39
N GLY D 21 -11.00 7.40 4.38
CA GLY D 21 -11.90 7.71 5.47
C GLY D 21 -11.24 8.40 6.63
N GLU D 22 -9.98 8.82 6.49
CA GLU D 22 -9.23 9.48 7.55
C GLU D 22 -8.86 10.90 7.18
N GLU D 23 -9.50 11.46 6.15
CA GLU D 23 -9.08 12.75 5.64
C GLU D 23 -9.39 13.88 6.61
N ASN D 24 -10.43 13.73 7.44
CA ASN D 24 -10.82 14.75 8.41
C ASN D 24 -10.35 14.39 9.81
N GLU D 25 -9.16 13.78 9.92
CA GLU D 25 -8.65 13.33 11.21
C GLU D 25 -7.14 13.56 11.24
N GLN D 26 -6.63 13.79 12.45
CA GLN D 26 -5.19 13.94 12.69
C GLN D 26 -4.65 12.64 13.25
N VAL D 27 -3.60 12.11 12.63
CA VAL D 27 -2.91 10.94 13.15
C VAL D 27 -2.04 11.39 14.31
N VAL D 28 -2.36 10.94 15.52
CA VAL D 28 -1.57 11.30 16.70
C VAL D 28 -0.69 10.13 17.16
N PHE D 29 -0.93 8.92 16.67
CA PHE D 29 0.00 7.82 16.87
C PHE D 29 0.00 6.95 15.63
N SER D 30 1.18 6.55 15.17
CA SER D 30 1.30 5.58 14.10
C SER D 30 2.58 4.79 14.30
N HIS D 31 2.47 3.46 14.31
CA HIS D 31 3.64 2.61 14.40
C HIS D 31 3.27 1.17 14.11
N ARG D 32 4.26 0.44 13.60
CA ARG D 32 4.07 -0.97 13.25
C ARG D 32 3.91 -1.81 14.50
N ALA D 33 2.94 -2.73 14.47
CA ALA D 33 2.65 -3.55 15.64
C ALA D 33 1.96 -4.84 15.21
N LYS D 34 1.79 -5.73 16.20
CA LYS D 34 1.08 -6.98 16.01
C LYS D 34 -0.16 -6.98 16.91
N LEU D 35 -1.32 -7.22 16.31
CA LEU D 35 -2.60 -7.23 17.02
C LEU D 35 -3.08 -8.65 17.18
N TYR D 36 -3.58 -8.96 18.38
CA TYR D 36 -4.17 -10.26 18.70
C TYR D 36 -5.61 -10.03 19.16
N ARG D 37 -6.42 -11.09 19.02
CA ARG D 37 -7.82 -11.05 19.42
C ARG D 37 -8.14 -12.34 20.17
N TYR D 38 -8.76 -12.21 21.33
CA TYR D 38 -9.11 -13.36 22.15
C TYR D 38 -10.35 -14.05 21.58
N ASP D 39 -10.33 -15.38 21.64
CA ASP D 39 -11.46 -16.20 21.20
C ASP D 39 -12.05 -16.88 22.44
N LYS D 40 -13.23 -16.43 22.86
CA LYS D 40 -13.85 -17.01 24.05
C LYS D 40 -14.19 -18.48 23.84
N ASP D 41 -14.54 -18.86 22.61
CA ASP D 41 -14.98 -20.24 22.37
C ASP D 41 -13.87 -21.24 22.67
N VAL D 42 -12.64 -20.91 22.29
CA VAL D 42 -11.51 -21.82 22.50
C VAL D 42 -10.55 -21.33 23.58
N GLY D 43 -10.77 -20.14 24.13
CA GLY D 43 -9.94 -19.67 25.22
C GLY D 43 -8.49 -19.43 24.87
N GLN D 44 -8.24 -18.93 23.66
CA GLN D 44 -6.89 -18.68 23.18
C GLN D 44 -6.84 -17.32 22.49
N TRP D 45 -5.67 -16.68 22.57
CA TRP D 45 -5.40 -15.50 21.76
C TRP D 45 -4.99 -15.95 20.36
N LYS D 46 -5.57 -15.30 19.35
CA LYS D 46 -5.22 -15.55 17.95
C LYS D 46 -4.62 -14.29 17.35
N GLU D 47 -3.75 -14.48 16.37
CA GLU D 47 -3.25 -13.34 15.61
C GLU D 47 -4.41 -12.69 14.85
N ARG D 48 -4.42 -11.36 14.84
CA ARG D 48 -5.44 -10.60 14.14
C ARG D 48 -4.89 -9.81 12.96
N GLY D 49 -3.73 -9.19 13.12
CA GLY D 49 -3.13 -8.46 12.02
C GLY D 49 -1.75 -8.00 12.38
N ILE D 50 -1.03 -7.53 11.36
CA ILE D 50 0.27 -6.92 11.53
C ILE D 50 0.35 -5.74 10.55
N GLY D 51 0.79 -4.60 11.06
CA GLY D 51 0.80 -3.37 10.27
C GLY D 51 0.90 -2.18 11.20
N ASP D 52 0.55 -1.01 10.67
CA ASP D 52 0.60 0.23 11.43
C ASP D 52 -0.74 0.41 12.16
N ILE D 53 -0.68 0.36 13.48
CA ILE D 53 -1.82 0.71 14.33
C ILE D 53 -1.79 2.22 14.56
N LYS D 54 -2.93 2.87 14.37
CA LYS D 54 -3.01 4.33 14.37
C LYS D 54 -4.06 4.79 15.36
N ILE D 55 -3.75 5.87 16.07
CA ILE D 55 -4.72 6.60 16.89
C ILE D 55 -5.01 7.89 16.14
N LEU D 56 -6.27 8.09 15.77
CA LEU D 56 -6.70 9.23 14.99
C LEU D 56 -7.63 10.09 15.82
N GLN D 57 -7.60 11.40 15.57
CA GLN D 57 -8.48 12.36 16.23
C GLN D 57 -9.08 13.29 15.19
N ASN D 58 -10.39 13.44 15.22
CA ASN D 58 -11.11 14.26 14.24
C ASN D 58 -10.89 15.74 14.54
N TYR D 59 -10.60 16.50 13.49
CA TYR D 59 -10.36 17.93 13.66
C TYR D 59 -11.58 18.62 14.27
N ASP D 60 -12.75 18.39 13.68
CA ASP D 60 -13.93 19.18 14.02
C ASP D 60 -14.52 18.78 15.38
N ASN D 61 -14.86 17.50 15.54
CA ASN D 61 -15.55 17.05 16.75
C ASN D 61 -14.61 16.45 17.80
N LYS D 62 -13.31 16.36 17.51
CA LYS D 62 -12.30 15.93 18.47
C LYS D 62 -12.46 14.49 18.92
N GLN D 63 -13.20 13.67 18.18
CA GLN D 63 -13.40 12.29 18.58
C GLN D 63 -12.22 11.43 18.16
N VAL D 64 -11.90 10.43 18.98
CA VAL D 64 -10.69 9.63 18.81
C VAL D 64 -11.08 8.19 18.49
N ARG D 65 -10.32 7.56 17.60
CA ARG D 65 -10.51 6.16 17.27
C ARG D 65 -9.17 5.49 17.02
N ILE D 66 -9.18 4.17 17.03
CA ILE D 66 -8.04 3.36 16.63
C ILE D 66 -8.35 2.74 15.28
N VAL D 67 -7.37 2.76 14.38
CA VAL D 67 -7.50 2.15 13.06
C VAL D 67 -6.20 1.40 12.76
N MET D 68 -6.34 0.17 12.27
CA MET D 68 -5.19 -0.65 11.91
C MET D 68 -5.51 -1.44 10.66
N ARG D 69 -4.56 -1.45 9.72
CA ARG D 69 -4.68 -2.22 8.49
C ARG D 69 -3.55 -3.25 8.40
N ARG D 70 -3.85 -4.37 7.74
CA ARG D 70 -2.90 -5.47 7.63
C ARG D 70 -2.01 -5.29 6.42
N ASP D 71 -0.75 -5.68 6.57
CA ASP D 71 0.21 -5.62 5.47
C ASP D 71 -0.30 -6.41 4.26
N GLN D 72 0.14 -5.97 3.08
CA GLN D 72 -0.07 -6.68 1.82
C GLN D 72 -1.53 -6.72 1.37
N VAL D 73 -2.42 -7.16 2.26
CA VAL D 73 -3.84 -7.17 1.91
C VAL D 73 -4.47 -5.80 2.17
N LEU D 74 -3.92 -5.04 3.11
CA LEU D 74 -4.35 -3.67 3.37
C LEU D 74 -5.79 -3.60 3.90
N LYS D 75 -6.28 -4.69 4.48
CA LYS D 75 -7.61 -4.71 5.08
C LYS D 75 -7.57 -4.24 6.53
N LEU D 76 -8.73 -3.80 7.01
CA LEU D 76 -8.85 -3.39 8.40
C LEU D 76 -8.84 -4.59 9.33
N CYS D 77 -8.00 -4.54 10.36
CA CYS D 77 -8.10 -5.46 11.48
C CYS D 77 -8.50 -4.74 12.78
N ALA D 78 -8.75 -3.44 12.73
CA ALA D 78 -9.23 -2.70 13.88
C ALA D 78 -9.87 -1.40 13.42
N ASN D 79 -11.05 -1.10 13.97
CA ASN D 79 -11.69 0.20 13.72
C ASN D 79 -12.73 0.43 14.80
N HIS D 80 -12.35 1.18 15.83
CA HIS D 80 -13.22 1.36 16.99
C HIS D 80 -12.89 2.67 17.68
N ARG D 81 -13.91 3.21 18.35
CA ARG D 81 -13.75 4.43 19.13
C ARG D 81 -12.95 4.17 20.40
N ILE D 82 -12.29 5.22 20.88
CA ILE D 82 -11.69 5.25 22.21
C ILE D 82 -12.46 6.27 23.03
N THR D 83 -12.93 5.86 24.21
CA THR D 83 -13.67 6.71 25.11
C THR D 83 -12.87 6.95 26.39
N PRO D 84 -13.20 8.00 27.16
CA PRO D 84 -12.43 8.29 28.38
C PRO D 84 -12.51 7.19 29.43
N ASP D 85 -13.50 6.30 29.35
CA ASP D 85 -13.64 5.21 30.30
C ASP D 85 -12.66 4.07 30.03
N MET D 86 -12.19 3.93 28.80
CA MET D 86 -11.35 2.80 28.43
C MET D 86 -9.93 2.97 28.94
N THR D 87 -9.37 1.89 29.45
CA THR D 87 -8.00 1.89 29.96
C THR D 87 -7.25 0.68 29.43
N LEU D 88 -5.96 0.87 29.19
CA LEU D 88 -5.08 -0.19 28.73
C LEU D 88 -4.56 -0.99 29.90
N GLN D 89 -4.61 -2.31 29.77
CA GLN D 89 -4.13 -3.23 30.81
C GLN D 89 -2.88 -3.93 30.32
N ASN D 90 -1.96 -4.18 31.24
CA ASN D 90 -0.77 -4.94 30.94
C ASN D 90 -1.05 -6.43 31.11
N MET D 91 -0.22 -7.25 30.48
CA MET D 91 -0.27 -8.71 30.63
C MET D 91 0.85 -9.10 31.58
N LYS D 92 0.47 -9.59 32.77
CA LYS D 92 1.42 -9.78 33.86
C LYS D 92 2.74 -10.39 33.41
N GLY D 93 2.70 -11.51 32.70
CA GLY D 93 3.92 -12.17 32.28
C GLY D 93 4.65 -11.53 31.13
N THR D 94 3.95 -10.75 30.31
CA THR D 94 4.49 -10.25 29.06
C THR D 94 4.70 -8.73 29.11
N GLU D 95 5.76 -8.27 28.45
CA GLU D 95 6.12 -6.87 28.43
C GLU D 95 5.99 -6.32 27.01
N ARG D 96 5.86 -5.00 26.93
CA ARG D 96 5.66 -4.31 25.64
C ARG D 96 4.33 -4.70 25.00
N VAL D 97 3.36 -5.07 25.82
CA VAL D 97 2.06 -5.54 25.35
C VAL D 97 0.98 -4.84 26.14
N TRP D 98 -0.09 -4.43 25.46
CA TRP D 98 -1.21 -3.75 26.07
C TRP D 98 -2.50 -4.47 25.69
N LEU D 99 -3.39 -4.62 26.67
CA LEU D 99 -4.69 -5.25 26.49
C LEU D 99 -5.80 -4.23 26.71
N TRP D 100 -6.90 -4.40 25.97
CA TRP D 100 -8.07 -3.57 26.18
C TRP D 100 -9.25 -4.17 25.44
N THR D 101 -10.45 -3.71 25.81
CA THR D 101 -11.69 -4.18 25.23
C THR D 101 -12.30 -3.08 24.38
N ALA D 102 -12.69 -3.42 23.15
CA ALA D 102 -13.19 -2.47 22.19
C ALA D 102 -14.46 -3.00 21.55
N CYS D 103 -15.27 -2.07 21.03
CA CYS D 103 -16.41 -2.39 20.19
C CYS D 103 -15.98 -2.14 18.75
N ASP D 104 -15.47 -3.18 18.10
CA ASP D 104 -14.78 -3.03 16.83
C ASP D 104 -15.75 -3.18 15.65
N PHE D 105 -15.45 -2.46 14.58
CA PHE D 105 -16.23 -2.53 13.34
C PHE D 105 -15.36 -2.86 12.13
N ALA D 106 -14.17 -3.45 12.35
CA ALA D 106 -13.31 -3.80 11.24
C ALA D 106 -14.01 -4.73 10.25
N ASP D 107 -14.87 -5.62 10.74
CA ASP D 107 -15.60 -6.55 9.89
C ASP D 107 -16.97 -6.03 9.47
N GLY D 108 -17.16 -4.71 9.45
CA GLY D 108 -18.42 -4.13 9.03
C GLY D 108 -19.57 -4.38 9.97
N GLU D 109 -19.28 -4.77 11.22
CA GLU D 109 -20.32 -5.16 12.16
C GLU D 109 -19.79 -4.92 13.56
N ARG D 110 -20.69 -4.61 14.48
CA ARG D 110 -20.29 -4.38 15.87
C ARG D 110 -19.85 -5.71 16.47
N LYS D 111 -18.59 -5.76 16.90
CA LYS D 111 -18.06 -6.92 17.59
C LYS D 111 -17.33 -6.44 18.84
N VAL D 112 -17.77 -6.91 20.00
CA VAL D 112 -17.03 -6.66 21.23
C VAL D 112 -15.84 -7.60 21.25
N GLU D 113 -14.64 -7.06 21.41
CA GLU D 113 -13.42 -7.83 21.26
C GLU D 113 -12.42 -7.44 22.33
N HIS D 114 -11.79 -8.45 22.91
CA HIS D 114 -10.63 -8.24 23.79
C HIS D 114 -9.37 -8.28 22.94
N LEU D 115 -8.69 -7.15 22.85
CA LEU D 115 -7.54 -7.01 21.97
C LEU D 115 -6.25 -6.96 22.76
N ALA D 116 -5.16 -7.25 22.07
CA ALA D 116 -3.81 -7.15 22.63
C ALA D 116 -2.88 -6.70 21.52
N VAL D 117 -2.09 -5.67 21.79
CA VAL D 117 -1.14 -5.15 20.81
C VAL D 117 0.27 -5.34 21.36
N ARG D 118 1.19 -5.73 20.47
CA ARG D 118 2.57 -5.99 20.84
C ARG D 118 3.48 -5.07 20.03
N PHE D 119 4.43 -4.45 20.71
CA PHE D 119 5.40 -3.57 20.08
C PHE D 119 6.79 -4.16 20.23
N LYS D 120 7.66 -3.81 19.29
CA LYS D 120 9.04 -4.30 19.35
C LYS D 120 9.85 -3.56 20.41
N LEU D 121 9.53 -2.30 20.67
CA LEU D 121 10.33 -1.45 21.56
C LEU D 121 9.50 -0.95 22.73
N GLN D 122 10.11 -0.95 23.92
CA GLN D 122 9.39 -0.50 25.10
C GLN D 122 9.01 0.98 25.00
N ASP D 123 9.90 1.81 24.43
CA ASP D 123 9.57 3.22 24.24
C ASP D 123 8.30 3.38 23.41
N VAL D 124 8.17 2.60 22.34
CA VAL D 124 6.98 2.72 21.49
C VAL D 124 5.73 2.33 22.27
N ALA D 125 5.82 1.25 23.06
CA ALA D 125 4.69 0.85 23.89
C ALA D 125 4.32 1.93 24.90
N ASP D 126 5.33 2.58 25.49
CA ASP D 126 5.06 3.66 26.44
C ASP D 126 4.43 4.85 25.73
N SER D 127 4.87 5.15 24.52
CA SER D 127 4.26 6.23 23.75
C SER D 127 2.82 5.92 23.39
N PHE D 128 2.53 4.64 23.07
CA PHE D 128 1.15 4.24 22.79
C PHE D 128 0.26 4.47 24.00
N LYS D 129 0.71 4.02 25.18
CA LYS D 129 -0.07 4.23 26.40
C LYS D 129 -0.29 5.71 26.65
N LYS D 130 0.77 6.52 26.53
CA LYS D 130 0.67 7.94 26.86
C LYS D 130 -0.28 8.66 25.91
N ILE D 131 -0.14 8.41 24.61
CA ILE D 131 -1.02 9.09 23.64
C ILE D 131 -2.43 8.55 23.73
N PHE D 132 -2.58 7.27 24.06
CA PHE D 132 -3.92 6.71 24.26
C PHE D 132 -4.65 7.46 25.37
N ASP D 133 -3.99 7.61 26.52
CA ASP D 133 -4.64 8.27 27.65
C ASP D 133 -4.87 9.75 27.38
N GLU D 134 -3.92 10.42 26.72
CA GLU D 134 -4.10 11.84 26.44
C GLU D 134 -5.26 12.07 25.49
N ALA D 135 -5.31 11.33 24.39
CA ALA D 135 -6.35 11.54 23.39
C ALA D 135 -7.73 11.20 23.93
N LYS D 136 -7.83 10.14 24.74
CA LYS D 136 -9.13 9.68 25.19
C LYS D 136 -9.81 10.71 26.10
N THR D 137 -9.03 11.49 26.85
CA THR D 137 -9.61 12.53 27.70
C THR D 137 -9.84 13.84 26.96
N ALA D 138 -9.21 14.03 25.79
CA ALA D 138 -9.29 15.27 25.04
C ALA D 138 -10.39 15.26 24.00
N GLN D 139 -11.42 14.44 24.18
CA GLN D 139 -12.49 14.34 23.20
C GLN D 139 -13.65 15.30 23.47
N ALA D 140 -13.99 15.51 24.73
CA ALA D 140 -15.12 16.38 25.06
C ALA D 140 -14.97 17.00 26.44
N GLN E 9 -52.38 -7.06 -30.27
CA GLN E 9 -51.17 -6.95 -29.47
C GLN E 9 -51.35 -5.91 -28.36
N VAL E 10 -50.57 -6.06 -27.30
CA VAL E 10 -50.62 -5.13 -26.17
C VAL E 10 -49.67 -3.97 -26.44
N GLN E 11 -50.21 -2.76 -26.50
CA GLN E 11 -49.43 -1.55 -26.72
C GLN E 11 -49.57 -0.64 -25.50
N PHE E 12 -48.67 0.34 -25.43
CA PHE E 12 -48.73 1.38 -24.40
C PHE E 12 -48.14 2.66 -24.96
N LYS E 13 -48.83 3.78 -24.70
CA LYS E 13 -48.31 5.09 -25.10
C LYS E 13 -47.39 5.60 -23.99
N LEU E 14 -46.13 5.82 -24.34
CA LEU E 14 -45.12 6.34 -23.44
C LEU E 14 -44.68 7.71 -23.94
N VAL E 15 -44.65 8.70 -23.05
CA VAL E 15 -44.21 10.05 -23.37
C VAL E 15 -42.85 10.27 -22.72
N LEU E 16 -41.88 10.65 -23.54
CA LEU E 16 -40.49 10.84 -23.12
C LEU E 16 -40.21 12.33 -23.08
N VAL E 17 -40.00 12.88 -21.88
CA VAL E 17 -39.86 14.31 -21.68
C VAL E 17 -38.58 14.60 -20.92
N GLY E 18 -38.19 15.86 -20.95
CA GLY E 18 -36.99 16.32 -20.29
C GLY E 18 -36.40 17.51 -21.03
N ASP E 19 -35.52 18.23 -20.35
CA ASP E 19 -34.85 19.39 -20.93
C ASP E 19 -34.12 18.99 -22.22
N GLY E 20 -33.92 19.96 -23.10
CA GLY E 20 -33.15 19.70 -24.31
C GLY E 20 -31.72 19.31 -23.99
N GLY E 21 -31.17 18.45 -24.86
CA GLY E 21 -29.80 17.98 -24.71
C GLY E 21 -29.61 16.91 -23.66
N THR E 22 -30.68 16.38 -23.08
CA THR E 22 -30.56 15.36 -22.05
C THR E 22 -30.37 13.97 -22.62
N GLY E 23 -30.52 13.80 -23.93
CA GLY E 23 -30.26 12.53 -24.58
C GLY E 23 -31.48 11.70 -24.91
N LYS E 24 -32.67 12.29 -24.88
CA LYS E 24 -33.88 11.51 -25.10
C LYS E 24 -33.86 10.84 -26.47
N THR E 25 -33.54 11.59 -27.52
CA THR E 25 -33.55 11.02 -28.86
C THR E 25 -32.43 10.00 -29.04
N THR E 26 -31.23 10.29 -28.52
CA THR E 26 -30.16 9.32 -28.56
C THR E 26 -30.54 8.03 -27.84
N PHE E 27 -31.26 8.15 -26.72
CA PHE E 27 -31.73 6.98 -25.99
C PHE E 27 -32.67 6.15 -26.85
N VAL E 28 -33.56 6.78 -27.58
CA VAL E 28 -34.52 6.04 -28.40
C VAL E 28 -33.80 5.41 -29.59
N LYS E 29 -32.95 6.18 -30.27
CA LYS E 29 -32.23 5.61 -31.42
C LYS E 29 -31.40 4.41 -31.01
N ARG E 30 -30.79 4.46 -29.82
CA ARG E 30 -30.02 3.32 -29.34
C ARG E 30 -30.89 2.08 -29.21
N HIS E 31 -32.12 2.26 -28.71
CA HIS E 31 -33.04 1.14 -28.59
C HIS E 31 -33.52 0.67 -29.97
N LEU E 32 -33.74 1.61 -30.89
CA LEU E 32 -34.30 1.27 -32.20
C LEU E 32 -33.31 0.47 -33.02
N THR E 33 -32.11 1.01 -33.24
CA THR E 33 -31.17 0.47 -34.20
C THR E 33 -29.86 -0.01 -33.59
N GLY E 34 -29.61 0.26 -32.32
CA GLY E 34 -28.33 -0.05 -31.71
C GLY E 34 -27.25 0.99 -31.95
N GLU E 35 -27.53 2.04 -32.71
CA GLU E 35 -26.53 3.05 -32.97
C GLU E 35 -26.45 4.03 -31.80
N PHE E 36 -25.33 4.76 -31.75
CA PHE E 36 -25.15 5.85 -30.81
C PHE E 36 -24.88 7.12 -31.61
N GLU E 37 -25.87 8.01 -31.66
CA GLU E 37 -25.75 9.27 -32.39
C GLU E 37 -24.94 10.25 -31.55
N LYS E 38 -23.86 10.78 -32.14
CA LYS E 38 -23.00 11.72 -31.43
C LYS E 38 -23.40 13.17 -31.66
N LYS E 39 -24.06 13.47 -32.78
CA LYS E 39 -24.43 14.84 -33.11
C LYS E 39 -25.62 15.31 -32.29
N TYR E 40 -25.69 16.63 -32.12
CA TYR E 40 -26.79 17.30 -31.41
C TYR E 40 -27.73 17.87 -32.46
N VAL E 41 -28.84 17.17 -32.72
CA VAL E 41 -29.88 17.64 -33.62
C VAL E 41 -31.16 17.72 -32.80
N ALA E 42 -31.51 18.93 -32.36
CA ALA E 42 -32.67 19.11 -31.52
C ALA E 42 -33.93 18.59 -32.21
N THR E 43 -34.74 17.88 -31.44
CA THR E 43 -36.02 17.40 -31.95
C THR E 43 -36.98 18.57 -32.13
N LEU E 44 -37.85 18.44 -33.13
CA LEU E 44 -38.86 19.46 -33.43
C LEU E 44 -40.23 18.84 -33.23
N GLY E 45 -40.99 19.37 -32.27
CA GLY E 45 -42.31 18.86 -31.97
C GLY E 45 -42.27 17.54 -31.24
N VAL E 46 -42.67 16.46 -31.93
CA VAL E 46 -42.63 15.12 -31.35
C VAL E 46 -42.37 14.13 -32.47
N GLU E 47 -41.76 13.00 -32.11
CA GLU E 47 -41.52 11.90 -33.03
C GLU E 47 -41.91 10.61 -32.31
N VAL E 48 -42.81 9.85 -32.92
CA VAL E 48 -43.36 8.63 -32.33
C VAL E 48 -42.63 7.43 -32.93
N HIS E 49 -41.98 6.66 -32.08
CA HIS E 49 -41.23 5.48 -32.47
C HIS E 49 -41.72 4.25 -31.71
N PRO E 50 -42.05 3.15 -32.39
CA PRO E 50 -42.46 1.94 -31.68
C PRO E 50 -41.25 1.12 -31.22
N LEU E 51 -41.26 0.72 -29.96
CA LEU E 51 -40.25 -0.15 -29.40
C LEU E 51 -40.93 -1.43 -28.90
N VAL E 52 -40.45 -2.57 -29.38
CA VAL E 52 -41.02 -3.87 -29.02
C VAL E 52 -40.00 -4.60 -28.14
N PHE E 53 -40.47 -5.10 -27.00
CA PHE E 53 -39.68 -5.95 -26.12
C PHE E 53 -40.41 -7.27 -25.95
N HIS E 54 -39.65 -8.36 -25.89
CA HIS E 54 -40.21 -9.69 -25.73
C HIS E 54 -40.04 -10.12 -24.28
N THR E 55 -41.15 -10.43 -23.63
CA THR E 55 -41.18 -10.86 -22.24
C THR E 55 -41.65 -12.30 -22.15
N ASN E 56 -41.52 -12.87 -20.96
CA ASN E 56 -42.01 -14.22 -20.73
C ASN E 56 -43.54 -14.29 -20.71
N ARG E 57 -44.21 -13.15 -20.71
CA ARG E 57 -45.67 -13.09 -20.89
C ARG E 57 -46.03 -12.52 -22.26
N GLY E 58 -45.15 -12.71 -23.24
CA GLY E 58 -45.43 -12.29 -24.59
C GLY E 58 -44.80 -10.96 -24.94
N PRO E 59 -44.93 -10.55 -26.20
CA PRO E 59 -44.36 -9.27 -26.63
C PRO E 59 -45.23 -8.09 -26.22
N ILE E 60 -44.56 -6.97 -25.93
CA ILE E 60 -45.23 -5.72 -25.64
C ILE E 60 -44.58 -4.61 -26.45
N LYS E 61 -45.38 -3.63 -26.84
CA LYS E 61 -44.94 -2.54 -27.71
C LYS E 61 -45.09 -1.21 -26.98
N PHE E 62 -44.00 -0.44 -26.94
CA PHE E 62 -43.99 0.90 -26.39
C PHE E 62 -43.99 1.91 -27.54
N ASN E 63 -45.10 2.62 -27.72
CA ASN E 63 -45.17 3.70 -28.69
C ASN E 63 -44.62 4.94 -28.01
N VAL E 64 -43.34 5.20 -28.22
CA VAL E 64 -42.61 6.24 -27.49
C VAL E 64 -42.81 7.58 -28.19
N TRP E 65 -43.41 8.53 -27.48
CA TRP E 65 -43.54 9.90 -27.97
C TRP E 65 -42.32 10.67 -27.48
N ASP E 66 -41.31 10.78 -28.33
CA ASP E 66 -40.08 11.50 -28.02
C ASP E 66 -40.32 12.98 -28.25
N THR E 67 -40.60 13.72 -27.17
CA THR E 67 -40.94 15.13 -27.27
C THR E 67 -39.68 15.99 -27.24
N ALA E 68 -39.83 17.21 -27.76
CA ALA E 68 -38.74 18.18 -27.74
C ALA E 68 -38.68 18.90 -26.41
N GLY E 69 -37.45 19.08 -25.91
CA GLY E 69 -37.27 19.72 -24.61
C GLY E 69 -37.38 21.23 -24.63
N GLN E 70 -37.10 21.86 -25.77
CA GLN E 70 -37.16 23.31 -25.88
C GLN E 70 -38.60 23.77 -26.05
N GLY E 75 -46.45 24.42 -24.80
CA GLY E 75 -47.71 24.78 -25.42
C GLY E 75 -48.38 23.57 -26.06
N LEU E 76 -47.63 22.86 -26.89
CA LEU E 76 -48.15 21.67 -27.55
C LEU E 76 -47.95 20.41 -26.74
N ARG E 77 -47.08 20.43 -25.73
CA ARG E 77 -46.78 19.22 -25.00
C ARG E 77 -47.99 18.71 -24.21
N ASP E 78 -48.89 19.61 -23.81
CA ASP E 78 -50.10 19.17 -23.12
C ASP E 78 -50.91 18.23 -24.01
N GLY E 79 -50.94 18.48 -25.31
CA GLY E 79 -51.64 17.60 -26.21
C GLY E 79 -50.95 16.24 -26.35
N TYR E 80 -49.62 16.24 -26.39
CA TYR E 80 -48.89 14.99 -26.53
C TYR E 80 -49.18 14.05 -25.35
N TYR E 81 -49.36 14.61 -24.16
CA TYR E 81 -49.54 13.78 -22.97
C TYR E 81 -50.91 13.11 -22.95
N ILE E 82 -51.85 13.57 -23.78
CA ILE E 82 -53.20 13.03 -23.74
C ILE E 82 -53.16 11.52 -24.00
N GLN E 83 -53.87 10.77 -23.16
CA GLN E 83 -53.98 9.32 -23.30
C GLN E 83 -52.63 8.63 -23.14
N ALA E 84 -51.71 9.26 -22.41
CA ALA E 84 -50.42 8.64 -22.12
C ALA E 84 -50.58 7.69 -20.96
N GLN E 85 -50.06 6.46 -21.12
CA GLN E 85 -50.19 5.42 -20.12
C GLN E 85 -48.95 5.25 -19.26
N CYS E 86 -47.85 5.92 -19.60
CA CYS E 86 -46.62 5.89 -18.81
C CYS E 86 -45.72 6.97 -19.38
N ALA E 87 -44.58 7.19 -18.72
CA ALA E 87 -43.71 8.28 -19.11
C ALA E 87 -42.29 8.05 -18.59
N ILE E 88 -41.33 8.64 -19.28
CA ILE E 88 -39.94 8.68 -18.85
C ILE E 88 -39.52 10.15 -18.81
N ILE E 89 -39.09 10.60 -17.63
CA ILE E 89 -38.47 11.92 -17.47
C ILE E 89 -36.96 11.72 -17.49
N MET E 90 -36.27 12.50 -18.29
CA MET E 90 -34.82 12.37 -18.45
C MET E 90 -34.14 13.69 -18.12
N PHE E 91 -33.00 13.59 -17.44
CA PHE E 91 -32.13 14.73 -17.18
C PHE E 91 -30.69 14.31 -17.39
N ASP E 92 -29.80 15.30 -17.36
CA ASP E 92 -28.38 15.10 -17.60
C ASP E 92 -27.64 15.25 -16.28
N VAL E 93 -26.96 14.17 -15.85
CA VAL E 93 -26.24 14.20 -14.59
C VAL E 93 -25.04 15.14 -14.62
N THR E 94 -24.70 15.69 -15.78
CA THR E 94 -23.62 16.65 -15.92
C THR E 94 -24.12 18.08 -15.98
N SER E 95 -25.42 18.31 -15.78
CA SER E 95 -26.01 19.64 -15.92
C SER E 95 -27.12 19.77 -14.89
N ARG E 96 -26.83 20.49 -13.80
CA ARG E 96 -27.74 20.53 -12.67
C ARG E 96 -29.08 21.16 -13.01
N VAL E 97 -29.12 22.04 -14.02
CA VAL E 97 -30.38 22.68 -14.38
C VAL E 97 -31.40 21.66 -14.85
N THR E 98 -30.96 20.66 -15.62
CA THR E 98 -31.87 19.64 -16.11
C THR E 98 -32.53 18.88 -14.97
N TYR E 99 -31.84 18.74 -13.83
CA TYR E 99 -32.44 18.10 -12.68
C TYR E 99 -33.38 19.04 -11.94
N LYS E 100 -33.02 20.33 -11.85
CA LYS E 100 -33.88 21.28 -11.17
C LYS E 100 -35.23 21.44 -11.87
N ASN E 101 -35.31 21.09 -13.15
CA ASN E 101 -36.57 21.17 -13.88
C ASN E 101 -37.36 19.87 -13.85
N VAL E 102 -36.81 18.81 -13.25
CA VAL E 102 -37.54 17.55 -13.16
C VAL E 102 -38.87 17.72 -12.45
N PRO E 103 -38.97 18.46 -11.34
CA PRO E 103 -40.30 18.64 -10.71
C PRO E 103 -41.32 19.28 -11.63
N ASN E 104 -40.87 20.15 -12.54
CA ASN E 104 -41.81 20.79 -13.45
C ASN E 104 -42.28 19.83 -14.53
N TRP E 105 -41.37 19.01 -15.07
CA TRP E 105 -41.79 17.95 -15.99
C TRP E 105 -42.77 17.00 -15.32
N HIS E 106 -42.48 16.62 -14.07
CA HIS E 106 -43.39 15.76 -13.32
C HIS E 106 -44.74 16.44 -13.12
N ARG E 107 -44.73 17.72 -12.76
CA ARG E 107 -45.97 18.46 -12.57
C ARG E 107 -46.80 18.50 -13.84
N ASP E 108 -46.17 18.85 -14.97
CA ASP E 108 -46.90 18.94 -16.23
C ASP E 108 -47.55 17.61 -16.59
N LEU E 109 -46.86 16.50 -16.35
CA LEU E 109 -47.42 15.20 -16.67
C LEU E 109 -48.63 14.88 -15.80
N VAL E 110 -48.47 15.00 -14.48
CA VAL E 110 -49.54 14.61 -13.57
C VAL E 110 -50.79 15.44 -13.82
N ARG E 111 -50.62 16.69 -14.24
CA ARG E 111 -51.79 17.52 -14.52
C ARG E 111 -52.70 16.87 -15.56
N VAL E 112 -52.12 16.32 -16.62
CA VAL E 112 -52.91 15.77 -17.71
C VAL E 112 -53.23 14.30 -17.49
N CYS E 113 -52.22 13.50 -17.10
CA CYS E 113 -52.39 12.06 -17.00
C CYS E 113 -52.61 11.56 -15.58
N GLU E 114 -52.54 12.45 -14.59
CA GLU E 114 -52.79 12.09 -13.18
C GLU E 114 -51.81 10.99 -12.78
N ASN E 115 -52.27 9.88 -12.21
CA ASN E 115 -51.38 8.87 -11.65
C ASN E 115 -51.03 7.84 -12.71
N ILE E 116 -49.89 8.03 -13.35
CA ILE E 116 -49.36 7.07 -14.32
C ILE E 116 -47.98 6.62 -13.84
N PRO E 117 -47.54 5.41 -14.19
CA PRO E 117 -46.17 5.01 -13.85
C PRO E 117 -45.15 5.83 -14.61
N ILE E 118 -44.18 6.39 -13.88
CA ILE E 118 -43.19 7.30 -14.46
C ILE E 118 -41.81 6.89 -13.97
N VAL E 119 -40.87 6.80 -14.90
CA VAL E 119 -39.48 6.48 -14.58
C VAL E 119 -38.65 7.74 -14.75
N LEU E 120 -37.87 8.07 -13.75
CA LEU E 120 -36.91 9.17 -13.82
C LEU E 120 -35.54 8.58 -14.15
N CYS E 121 -34.85 9.19 -15.12
CA CYS E 121 -33.60 8.66 -15.63
C CYS E 121 -32.52 9.73 -15.58
N GLY E 122 -31.43 9.42 -14.88
CA GLY E 122 -30.22 10.23 -14.94
C GLY E 122 -29.30 9.71 -16.02
N ASN E 123 -29.22 10.43 -17.13
CA ASN E 123 -28.50 9.97 -18.31
C ASN E 123 -27.08 10.53 -18.32
N LYS E 124 -26.24 9.89 -19.14
CA LYS E 124 -24.86 10.32 -19.40
C LYS E 124 -23.94 10.02 -18.23
N VAL E 125 -24.27 8.99 -17.43
CA VAL E 125 -23.42 8.60 -16.32
C VAL E 125 -22.06 8.09 -16.77
N ASP E 126 -21.87 7.89 -18.09
CA ASP E 126 -20.55 7.51 -18.59
C ASP E 126 -19.55 8.65 -18.47
N ILE E 127 -20.03 9.88 -18.28
CA ILE E 127 -19.15 11.06 -18.18
C ILE E 127 -18.67 11.19 -16.74
N LYS E 128 -17.36 11.30 -16.56
CA LYS E 128 -16.77 11.27 -15.23
C LYS E 128 -17.20 12.48 -14.41
N ASP E 129 -17.33 13.64 -15.04
CA ASP E 129 -17.60 14.89 -14.32
C ASP E 129 -19.09 14.98 -14.00
N ARG E 130 -19.49 14.19 -13.00
CA ARG E 130 -20.89 14.16 -12.58
C ARG E 130 -21.19 15.35 -11.67
N LYS E 131 -22.30 16.03 -11.98
CA LYS E 131 -22.70 17.24 -11.25
C LYS E 131 -23.96 17.07 -10.41
N VAL E 132 -24.77 16.06 -10.69
CA VAL E 132 -25.99 15.82 -9.93
C VAL E 132 -25.76 14.57 -9.08
N LYS E 133 -25.49 14.77 -7.79
CA LYS E 133 -25.33 13.67 -6.84
C LYS E 133 -26.55 13.54 -5.92
N ALA E 134 -27.60 14.32 -6.17
CA ALA E 134 -28.75 14.34 -5.28
C ALA E 134 -29.64 13.12 -5.50
N LYS E 135 -30.18 12.61 -4.40
CA LYS E 135 -31.16 11.53 -4.44
C LYS E 135 -32.56 12.12 -4.60
N SER E 136 -33.32 11.61 -5.56
CA SER E 136 -34.69 12.06 -5.77
C SER E 136 -35.59 11.41 -4.71
N ILE E 137 -36.23 12.24 -3.89
CA ILE E 137 -36.90 11.74 -2.70
C ILE E 137 -38.22 11.07 -3.05
N VAL E 138 -39.09 11.77 -3.77
CA VAL E 138 -40.43 11.23 -4.03
C VAL E 138 -40.36 10.07 -5.01
N PHE E 139 -39.40 10.09 -5.94
CA PHE E 139 -39.28 9.01 -6.91
C PHE E 139 -38.74 7.73 -6.30
N HIS E 140 -38.18 7.78 -5.09
CA HIS E 140 -37.83 6.59 -4.33
C HIS E 140 -38.92 6.16 -3.37
N ARG E 141 -39.93 7.00 -3.13
CA ARG E 141 -41.01 6.70 -2.21
C ARG E 141 -42.19 6.02 -2.90
N LYS E 142 -42.71 6.62 -3.97
CA LYS E 142 -44.03 6.28 -4.47
C LYS E 142 -44.05 4.92 -5.15
N LYS E 143 -45.26 4.39 -5.30
CA LYS E 143 -45.47 3.16 -6.07
C LYS E 143 -45.29 3.42 -7.56
N ASN E 144 -45.74 4.57 -8.04
CA ASN E 144 -45.72 4.88 -9.47
C ASN E 144 -44.36 5.33 -9.97
N LEU E 145 -43.47 5.73 -9.07
CA LEU E 145 -42.24 6.41 -9.45
C LEU E 145 -41.06 5.49 -9.24
N GLN E 146 -40.00 5.72 -10.02
CA GLN E 146 -38.82 4.88 -10.02
C GLN E 146 -37.69 5.65 -10.68
N TYR E 147 -36.47 5.46 -10.17
CA TYR E 147 -35.30 6.16 -10.68
C TYR E 147 -34.23 5.18 -11.13
N TYR E 148 -33.52 5.55 -12.19
CA TYR E 148 -32.38 4.79 -12.67
C TYR E 148 -31.31 5.75 -13.16
N ASP E 149 -30.05 5.42 -12.87
CA ASP E 149 -28.92 6.02 -13.57
C ASP E 149 -28.69 5.22 -14.85
N ILE E 150 -28.61 5.90 -15.99
CA ILE E 150 -28.48 5.25 -17.29
C ILE E 150 -27.43 5.98 -18.12
N SER E 151 -27.03 5.33 -19.22
CA SER E 151 -26.16 5.95 -20.21
C SER E 151 -26.50 5.36 -21.57
N ALA E 152 -26.91 6.23 -22.50
CA ALA E 152 -27.16 5.77 -23.86
C ALA E 152 -25.86 5.40 -24.56
N LYS E 153 -24.72 5.87 -24.06
CA LYS E 153 -23.44 5.59 -24.71
C LYS E 153 -22.85 4.26 -24.24
N SER E 154 -22.90 3.98 -22.95
CA SER E 154 -22.44 2.72 -22.39
C SER E 154 -23.56 1.72 -22.16
N ASN E 155 -24.80 2.08 -22.51
CA ASN E 155 -25.96 1.21 -22.37
C ASN E 155 -26.22 0.80 -20.93
N TYR E 156 -25.56 1.42 -19.97
CA TYR E 156 -25.77 1.10 -18.55
C TYR E 156 -27.24 1.31 -18.20
N ASN E 157 -27.90 0.23 -17.76
CA ASN E 157 -29.29 0.26 -17.30
C ASN E 157 -30.26 0.78 -18.36
N PHE E 158 -29.85 0.82 -19.62
CA PHE E 158 -30.71 1.44 -20.63
C PHE E 158 -31.94 0.59 -20.95
N GLU E 159 -32.04 -0.62 -20.41
CA GLU E 159 -33.27 -1.40 -20.52
C GLU E 159 -34.17 -1.27 -19.30
N LYS E 160 -33.62 -0.89 -18.16
CA LYS E 160 -34.40 -0.91 -16.91
C LYS E 160 -35.67 -0.07 -17.00
N PRO E 161 -35.66 1.16 -17.53
CA PRO E 161 -36.91 1.93 -17.57
C PRO E 161 -38.06 1.18 -18.23
N PHE E 162 -37.78 0.47 -19.33
CA PHE E 162 -38.84 -0.27 -20.01
C PHE E 162 -39.22 -1.53 -19.23
N LEU E 163 -38.24 -2.24 -18.68
CA LEU E 163 -38.52 -3.43 -17.88
C LEU E 163 -39.42 -3.09 -16.70
N TRP E 164 -39.10 -2.02 -15.97
CA TRP E 164 -39.92 -1.62 -14.82
C TRP E 164 -41.32 -1.21 -15.27
N LEU E 165 -41.40 -0.37 -16.30
CA LEU E 165 -42.70 0.07 -16.79
C LEU E 165 -43.53 -1.11 -17.27
N ALA E 166 -42.89 -2.11 -17.88
CA ALA E 166 -43.61 -3.30 -18.30
C ALA E 166 -44.20 -4.03 -17.09
N ARG E 167 -43.39 -4.22 -16.04
CA ARG E 167 -43.87 -4.90 -14.84
C ARG E 167 -45.06 -4.16 -14.23
N LYS E 168 -45.01 -2.82 -14.23
CA LYS E 168 -46.09 -2.04 -13.63
C LYS E 168 -47.33 -2.06 -14.50
N LEU E 169 -47.18 -1.77 -15.79
CA LEU E 169 -48.32 -1.77 -16.71
C LEU E 169 -48.99 -3.13 -16.76
N ILE E 170 -48.20 -4.20 -16.73
CA ILE E 170 -48.76 -5.56 -16.79
C ILE E 170 -49.19 -6.06 -15.41
N GLY E 171 -48.64 -5.49 -14.33
CA GLY E 171 -48.98 -5.95 -13.00
C GLY E 171 -48.34 -7.28 -12.66
N ASP E 172 -47.03 -7.37 -12.86
CA ASP E 172 -46.30 -8.62 -12.64
C ASP E 172 -44.87 -8.25 -12.27
N PRO E 173 -44.55 -8.18 -10.97
CA PRO E 173 -43.18 -7.82 -10.57
C PRO E 173 -42.12 -8.82 -11.01
N ASN E 174 -42.51 -10.00 -11.50
CA ASN E 174 -41.57 -11.01 -11.95
C ASN E 174 -41.46 -11.08 -13.48
N LEU E 175 -41.98 -10.08 -14.19
CA LEU E 175 -41.86 -10.07 -15.65
C LEU E 175 -40.40 -10.00 -16.05
N GLU E 176 -40.01 -10.84 -16.99
CA GLU E 176 -38.64 -10.91 -17.46
C GLU E 176 -38.59 -10.59 -18.94
N PHE E 177 -37.55 -9.86 -19.36
CA PHE E 177 -37.23 -9.81 -20.78
C PHE E 177 -36.60 -11.14 -21.18
N VAL E 178 -37.04 -11.66 -22.32
CA VAL E 178 -36.55 -12.94 -22.83
C VAL E 178 -35.97 -12.72 -24.23
N ALA E 179 -35.22 -13.70 -24.69
CA ALA E 179 -34.62 -13.62 -26.01
C ALA E 179 -35.71 -13.47 -27.06
N MET E 180 -35.47 -12.57 -28.01
CA MET E 180 -36.40 -12.39 -29.12
C MET E 180 -36.34 -13.63 -30.01
N PRO E 181 -37.49 -14.23 -30.36
CA PRO E 181 -37.47 -15.39 -31.25
C PRO E 181 -36.76 -15.08 -32.56
N ALA E 182 -35.88 -15.98 -32.97
CA ALA E 182 -35.15 -15.87 -34.23
C ALA E 182 -35.78 -16.86 -35.21
N LEU E 183 -36.84 -16.41 -35.88
CA LEU E 183 -37.53 -17.23 -36.85
C LEU E 183 -36.62 -17.52 -38.05
N ALA E 184 -36.95 -18.58 -38.77
CA ALA E 184 -36.12 -19.02 -39.89
C ALA E 184 -36.00 -17.90 -40.92
N PRO E 185 -34.80 -17.42 -41.21
CA PRO E 185 -34.65 -16.33 -42.18
C PRO E 185 -34.68 -16.87 -43.60
N PRO E 186 -35.44 -16.22 -44.50
CA PRO E 186 -35.46 -16.69 -45.89
C PRO E 186 -34.08 -16.60 -46.52
N GLU E 187 -33.75 -17.63 -47.32
CA GLU E 187 -32.53 -17.60 -48.10
C GLU E 187 -32.75 -16.73 -49.33
N VAL E 188 -31.79 -15.85 -49.60
CA VAL E 188 -31.86 -14.95 -50.74
C VAL E 188 -30.54 -15.04 -51.50
N VAL E 189 -30.63 -15.09 -52.82
CA VAL E 189 -29.46 -15.11 -53.69
C VAL E 189 -29.64 -14.03 -54.74
N MET E 190 -28.53 -13.55 -55.27
CA MET E 190 -28.53 -12.44 -56.21
C MET E 190 -27.98 -12.87 -57.56
N ASP E 191 -28.54 -12.28 -58.61
CA ASP E 191 -27.99 -12.50 -59.93
C ASP E 191 -26.56 -11.96 -59.96
N PRO E 192 -25.61 -12.69 -60.56
CA PRO E 192 -24.20 -12.28 -60.45
C PRO E 192 -23.95 -10.82 -60.80
N ALA E 193 -24.75 -10.24 -61.68
CA ALA E 193 -24.58 -8.82 -61.99
C ALA E 193 -24.85 -7.97 -60.77
N LEU E 194 -25.99 -8.19 -60.11
CA LEU E 194 -26.34 -7.42 -58.92
C LEU E 194 -25.38 -7.74 -57.77
N ALA E 195 -24.96 -8.99 -57.65
CA ALA E 195 -24.01 -9.34 -56.60
C ALA E 195 -22.69 -8.60 -56.77
N ALA E 196 -22.33 -8.26 -58.01
CA ALA E 196 -21.12 -7.49 -58.24
C ALA E 196 -21.29 -6.02 -57.88
N GLN E 197 -22.49 -5.48 -58.05
CA GLN E 197 -22.76 -4.12 -57.59
C GLN E 197 -22.62 -4.02 -56.08
N TYR E 198 -23.19 -4.99 -55.35
CA TYR E 198 -23.07 -5.00 -53.90
C TYR E 198 -21.64 -5.30 -53.46
N GLU E 199 -20.91 -6.11 -54.23
CA GLU E 199 -19.51 -6.39 -53.91
C GLU E 199 -18.67 -5.13 -54.04
N HIS E 200 -19.04 -4.24 -54.97
CA HIS E 200 -18.33 -2.97 -55.13
C HIS E 200 -18.71 -2.01 -54.02
N ASP E 201 -19.98 -1.97 -53.63
CA ASP E 201 -20.38 -1.13 -52.52
C ASP E 201 -19.66 -1.52 -51.23
N LEU E 202 -19.49 -2.83 -51.01
CA LEU E 202 -18.79 -3.27 -49.81
C LEU E 202 -17.32 -2.87 -49.82
N GLU E 203 -16.70 -2.82 -51.01
CA GLU E 203 -15.34 -2.33 -51.11
C GLU E 203 -15.29 -0.83 -50.81
N VAL E 204 -16.27 -0.07 -51.29
CA VAL E 204 -16.34 1.35 -50.96
C VAL E 204 -16.50 1.53 -49.46
N ALA E 205 -17.44 0.81 -48.86
CA ALA E 205 -17.59 0.87 -47.41
C ALA E 205 -16.33 0.42 -46.70
N GLN E 206 -15.61 -0.53 -47.29
CA GLN E 206 -14.39 -1.07 -46.67
C GLN E 206 -13.36 0.02 -46.43
N THR E 207 -13.41 1.12 -47.17
CA THR E 207 -12.44 2.19 -46.99
C THR E 207 -12.76 3.06 -45.77
N THR E 208 -14.05 3.24 -45.47
CA THR E 208 -14.45 3.98 -44.28
C THR E 208 -14.30 3.10 -43.05
N ALA E 209 -13.65 3.63 -42.02
CA ALA E 209 -13.36 2.86 -40.82
C ALA E 209 -14.56 2.86 -39.87
N LEU E 210 -14.54 1.91 -38.94
CA LEU E 210 -15.58 1.76 -37.94
C LEU E 210 -15.26 2.62 -36.72
N PRO E 211 -16.27 2.96 -35.91
CA PRO E 211 -15.99 3.53 -34.59
C PRO E 211 -15.17 2.57 -33.76
N ASP E 212 -13.98 3.00 -33.35
CA ASP E 212 -13.00 2.06 -32.83
C ASP E 212 -13.49 1.40 -31.54
N GLU E 213 -12.71 0.42 -31.09
CA GLU E 213 -13.11 -0.44 -29.99
C GLU E 213 -13.26 0.33 -28.69
N ASP E 214 -14.41 0.16 -28.03
CA ASP E 214 -14.67 0.70 -26.70
C ASP E 214 -14.77 -0.47 -25.74
N ASP E 215 -13.82 -0.55 -24.80
CA ASP E 215 -13.74 -1.66 -23.86
C ASP E 215 -15.04 -1.81 -23.07
N VAL F 18 -41.95 -19.52 -24.01
CA VAL F 18 -40.80 -18.74 -24.46
C VAL F 18 -39.92 -19.61 -25.35
N SER F 19 -39.92 -19.32 -26.64
CA SER F 19 -39.20 -20.09 -27.64
C SER F 19 -38.15 -19.21 -28.30
N SER F 20 -36.92 -19.72 -28.39
CA SER F 20 -35.85 -19.02 -29.06
C SER F 20 -35.91 -19.17 -30.57
N GLY F 21 -36.52 -20.23 -31.07
CA GLY F 21 -36.47 -20.53 -32.49
C GLY F 21 -35.19 -21.19 -32.93
N GLU F 22 -34.34 -21.62 -32.00
CA GLU F 22 -33.08 -22.28 -32.31
C GLU F 22 -33.02 -23.70 -31.75
N GLU F 23 -34.15 -24.22 -31.26
CA GLU F 23 -34.14 -25.50 -30.57
C GLU F 23 -33.61 -26.62 -31.47
N ASN F 24 -33.94 -26.57 -32.76
CA ASN F 24 -33.54 -27.59 -33.71
C ASN F 24 -32.25 -27.24 -34.44
N GLU F 25 -31.36 -26.48 -33.81
CA GLU F 25 -30.12 -26.05 -34.44
C GLU F 25 -28.94 -26.27 -33.51
N GLN F 26 -27.78 -26.52 -34.10
CA GLN F 26 -26.54 -26.71 -33.37
C GLN F 26 -25.73 -25.42 -33.39
N VAL F 27 -25.27 -25.00 -32.21
CA VAL F 27 -24.42 -23.81 -32.11
C VAL F 27 -23.00 -24.22 -32.49
N VAL F 28 -22.61 -23.94 -33.72
CA VAL F 28 -21.26 -24.29 -34.16
C VAL F 28 -20.27 -23.16 -33.91
N PHE F 29 -20.75 -21.94 -33.66
CA PHE F 29 -19.91 -20.86 -33.20
C PHE F 29 -20.75 -19.93 -32.32
N SER F 30 -20.16 -19.49 -31.22
CA SER F 30 -20.81 -18.51 -30.35
C SER F 30 -19.71 -17.78 -29.59
N HIS F 31 -19.73 -16.45 -29.66
CA HIS F 31 -18.79 -15.66 -28.88
C HIS F 31 -19.24 -14.20 -28.88
N ARG F 32 -18.95 -13.53 -27.78
CA ARG F 32 -19.26 -12.12 -27.65
C ARG F 32 -18.54 -11.33 -28.74
N ALA F 33 -19.21 -10.31 -29.27
CA ALA F 33 -18.66 -9.52 -30.36
C ALA F 33 -19.45 -8.23 -30.48
N LYS F 34 -18.96 -7.34 -31.34
CA LYS F 34 -19.59 -6.06 -31.64
C LYS F 34 -19.91 -6.03 -33.12
N LEU F 35 -21.16 -5.73 -33.46
CA LEU F 35 -21.62 -5.70 -34.83
C LEU F 35 -21.87 -4.27 -35.28
N TYR F 36 -21.50 -3.97 -36.52
CA TYR F 36 -21.71 -2.67 -37.14
C TYR F 36 -22.46 -2.86 -38.45
N ARG F 37 -23.19 -1.82 -38.88
CA ARG F 37 -23.93 -1.84 -40.13
C ARG F 37 -23.64 -0.55 -40.89
N TYR F 38 -23.30 -0.69 -42.17
CA TYR F 38 -22.97 0.45 -43.01
C TYR F 38 -24.24 1.16 -43.47
N ASP F 39 -24.25 2.49 -43.36
CA ASP F 39 -25.36 3.32 -43.79
C ASP F 39 -24.94 4.04 -45.07
N LYS F 40 -25.49 3.59 -46.20
CA LYS F 40 -25.10 4.16 -47.49
C LYS F 40 -25.52 5.62 -47.62
N ASP F 41 -26.63 6.01 -46.99
CA ASP F 41 -27.11 7.38 -47.12
C ASP F 41 -26.10 8.38 -46.57
N VAL F 42 -25.55 8.10 -45.39
CA VAL F 42 -24.59 9.01 -44.77
C VAL F 42 -23.16 8.52 -44.89
N GLY F 43 -22.94 7.34 -45.46
CA GLY F 43 -21.59 6.84 -45.68
C GLY F 43 -20.80 6.62 -44.41
N GLN F 44 -21.44 6.07 -43.37
CA GLN F 44 -20.78 5.82 -42.10
C GLN F 44 -21.14 4.44 -41.59
N TRP F 45 -20.19 3.81 -40.90
CA TRP F 45 -20.48 2.60 -40.14
C TRP F 45 -21.10 2.96 -38.80
N LYS F 46 -22.24 2.37 -38.50
CA LYS F 46 -22.93 2.60 -37.24
C LYS F 46 -22.94 1.31 -36.42
N GLU F 47 -22.82 1.45 -35.11
CA GLU F 47 -22.98 0.31 -34.23
C GLU F 47 -24.35 -0.32 -34.46
N ARG F 48 -24.40 -1.64 -34.45
CA ARG F 48 -25.65 -2.38 -34.63
C ARG F 48 -26.04 -3.17 -33.39
N GLY F 49 -25.07 -3.73 -32.67
CA GLY F 49 -25.39 -4.45 -31.45
C GLY F 49 -24.13 -4.95 -30.80
N ILE F 50 -24.31 -5.49 -29.60
CA ILE F 50 -23.23 -6.11 -28.84
C ILE F 50 -23.82 -7.31 -28.10
N GLY F 51 -23.16 -8.45 -28.23
CA GLY F 51 -23.68 -9.68 -27.68
C GLY F 51 -22.98 -10.85 -28.34
N ASP F 52 -23.57 -12.03 -28.12
CA ASP F 52 -23.02 -13.27 -28.67
C ASP F 52 -23.47 -13.43 -30.11
N ILE F 53 -22.55 -13.33 -31.05
CA ILE F 53 -22.84 -13.69 -32.44
C ILE F 53 -22.72 -15.20 -32.57
N LYS F 54 -23.71 -15.81 -33.20
CA LYS F 54 -23.78 -17.27 -33.26
C LYS F 54 -23.93 -17.72 -34.71
N ILE F 55 -23.20 -18.77 -35.06
CA ILE F 55 -23.43 -19.51 -36.30
C ILE F 55 -24.19 -20.77 -35.93
N LEU F 56 -25.36 -20.95 -36.51
CA LEU F 56 -26.23 -22.08 -36.22
C LEU F 56 -26.34 -22.96 -37.46
N GLN F 57 -26.47 -24.27 -37.21
CA GLN F 57 -26.71 -25.23 -38.28
C GLN F 57 -27.84 -26.15 -37.86
N ASN F 58 -28.84 -26.29 -38.73
CA ASN F 58 -30.01 -27.10 -38.44
C ASN F 58 -29.67 -28.58 -38.57
N TYR F 59 -30.01 -29.36 -37.53
CA TYR F 59 -29.66 -30.78 -37.52
C TYR F 59 -30.24 -31.50 -38.74
N ASP F 60 -31.51 -31.25 -39.05
CA ASP F 60 -32.21 -32.05 -40.05
C ASP F 60 -31.80 -31.68 -41.47
N ASN F 61 -31.91 -30.41 -41.84
CA ASN F 61 -31.67 -29.98 -43.21
C ASN F 61 -30.31 -29.35 -43.42
N LYS F 62 -29.51 -29.18 -42.36
CA LYS F 62 -28.14 -28.70 -42.43
C LYS F 62 -28.06 -27.23 -42.84
N GLN F 63 -29.17 -26.49 -42.80
CA GLN F 63 -29.15 -25.09 -43.16
C GLN F 63 -28.41 -24.26 -42.12
N VAL F 64 -27.56 -23.36 -42.59
CA VAL F 64 -26.72 -22.53 -41.73
C VAL F 64 -27.24 -21.09 -41.74
N ARG F 65 -27.16 -20.44 -40.59
CA ARG F 65 -27.48 -19.01 -40.49
C ARG F 65 -26.62 -18.39 -39.41
N ILE F 66 -26.59 -17.06 -39.42
CA ILE F 66 -25.99 -16.27 -38.36
C ILE F 66 -27.11 -15.62 -37.56
N VAL F 67 -27.01 -15.67 -36.24
CA VAL F 67 -27.98 -15.05 -35.35
C VAL F 67 -27.22 -14.33 -34.25
N MET F 68 -27.71 -13.14 -33.89
CA MET F 68 -27.09 -12.34 -32.85
C MET F 68 -28.14 -11.53 -32.14
N ARG F 69 -28.05 -11.49 -30.81
CA ARG F 69 -28.95 -10.70 -29.98
C ARG F 69 -28.15 -9.67 -29.20
N ARG F 70 -28.82 -8.55 -28.89
CA ARG F 70 -28.22 -7.46 -28.14
C ARG F 70 -28.39 -7.69 -26.65
N ASP F 71 -27.34 -7.38 -25.88
CA ASP F 71 -27.41 -7.54 -24.43
C ASP F 71 -28.50 -6.66 -23.84
N GLN F 72 -29.04 -7.11 -22.70
CA GLN F 72 -30.00 -6.36 -21.90
C GLN F 72 -31.36 -6.28 -22.57
N VAL F 73 -31.41 -5.78 -23.81
CA VAL F 73 -32.70 -5.75 -24.51
C VAL F 73 -33.02 -7.10 -25.12
N LEU F 74 -31.99 -7.89 -25.48
CA LEU F 74 -32.15 -9.24 -25.99
C LEU F 74 -32.82 -9.30 -27.36
N LYS F 75 -32.87 -8.17 -28.07
CA LYS F 75 -33.45 -8.16 -29.40
C LYS F 75 -32.43 -8.65 -30.43
N LEU F 76 -32.94 -9.02 -31.60
CA LEU F 76 -32.08 -9.44 -32.70
C LEU F 76 -31.42 -8.24 -33.37
N CYS F 77 -30.12 -8.36 -33.63
CA CYS F 77 -29.42 -7.43 -34.50
C CYS F 77 -28.84 -8.12 -35.73
N ALA F 78 -29.07 -9.43 -35.90
CA ALA F 78 -28.65 -10.17 -37.08
C ALA F 78 -29.42 -11.48 -37.14
N ASN F 79 -29.90 -11.83 -38.33
CA ASN F 79 -30.57 -13.10 -38.56
C ASN F 79 -30.66 -13.33 -40.06
N HIS F 80 -29.71 -14.10 -40.60
CA HIS F 80 -29.62 -14.28 -42.04
C HIS F 80 -28.94 -15.60 -42.36
N ARG F 81 -29.26 -16.13 -43.54
CA ARG F 81 -28.66 -17.34 -44.02
C ARG F 81 -27.23 -17.07 -44.50
N ILE F 82 -26.40 -18.10 -44.42
CA ILE F 82 -25.06 -18.10 -45.00
C ILE F 82 -25.08 -19.07 -46.17
N THR F 83 -24.90 -18.56 -47.39
CA THR F 83 -24.83 -19.38 -48.58
C THR F 83 -23.39 -19.61 -48.98
N PRO F 84 -23.12 -20.62 -49.83
CA PRO F 84 -21.73 -20.89 -50.23
C PRO F 84 -21.10 -19.76 -51.03
N ASP F 85 -21.91 -18.91 -51.66
CA ASP F 85 -21.36 -17.80 -52.43
C ASP F 85 -20.78 -16.71 -51.53
N MET F 86 -21.26 -16.61 -50.29
CA MET F 86 -20.86 -15.52 -49.41
C MET F 86 -19.44 -15.71 -48.90
N THR F 87 -18.75 -14.60 -48.70
CA THR F 87 -17.39 -14.61 -48.20
C THR F 87 -17.20 -13.48 -47.20
N LEU F 88 -16.23 -13.68 -46.30
CA LEU F 88 -15.86 -12.66 -45.32
C LEU F 88 -14.65 -11.89 -45.84
N GLN F 89 -14.76 -10.56 -45.83
CA GLN F 89 -13.66 -9.69 -46.21
C GLN F 89 -13.03 -9.08 -44.97
N ASN F 90 -11.73 -8.82 -45.05
CA ASN F 90 -11.03 -8.10 -44.00
C ASN F 90 -11.01 -6.62 -44.35
N MET F 91 -10.99 -5.78 -43.31
CA MET F 91 -10.84 -4.34 -43.48
C MET F 91 -9.36 -4.00 -43.44
N LYS F 92 -8.87 -3.33 -44.49
CA LYS F 92 -7.44 -3.16 -44.66
C LYS F 92 -6.79 -2.58 -43.40
N GLY F 93 -7.28 -1.43 -42.94
CA GLY F 93 -6.66 -0.76 -41.81
C GLY F 93 -6.91 -1.41 -40.47
N THR F 94 -7.98 -2.19 -40.34
CA THR F 94 -8.40 -2.74 -39.06
C THR F 94 -8.11 -4.23 -39.00
N GLU F 95 -7.95 -4.74 -37.79
CA GLU F 95 -7.68 -6.15 -37.54
C GLU F 95 -8.72 -6.72 -36.59
N ARG F 96 -8.86 -8.04 -36.62
CA ARG F 96 -9.86 -8.74 -35.81
C ARG F 96 -11.27 -8.32 -36.20
N VAL F 97 -11.47 -8.03 -37.49
CA VAL F 97 -12.72 -7.51 -38.00
C VAL F 97 -13.02 -8.16 -39.34
N TRP F 98 -14.25 -8.63 -39.52
CA TRP F 98 -14.70 -9.24 -40.75
C TRP F 98 -15.87 -8.48 -41.34
N LEU F 99 -15.83 -8.26 -42.65
CA LEU F 99 -16.90 -7.60 -43.38
C LEU F 99 -17.57 -8.59 -44.31
N TRP F 100 -18.87 -8.41 -44.52
CA TRP F 100 -19.60 -9.24 -45.47
C TRP F 100 -20.96 -8.63 -45.74
N THR F 101 -21.59 -9.12 -46.79
CA THR F 101 -22.90 -8.67 -47.22
C THR F 101 -23.91 -9.77 -46.96
N ALA F 102 -25.04 -9.40 -46.37
CA ALA F 102 -26.05 -10.37 -45.98
C ALA F 102 -27.42 -9.84 -46.31
N CYS F 103 -28.38 -10.76 -46.39
CA CYS F 103 -29.79 -10.45 -46.56
C CYS F 103 -30.44 -10.72 -45.21
N ASP F 104 -30.49 -9.69 -44.38
CA ASP F 104 -30.81 -9.86 -42.98
C ASP F 104 -32.29 -9.64 -42.72
N PHE F 105 -32.80 -10.31 -41.68
CA PHE F 105 -34.21 -10.23 -41.30
C PHE F 105 -34.37 -9.88 -39.82
N ALA F 106 -33.34 -9.35 -39.18
CA ALA F 106 -33.46 -8.97 -37.77
C ALA F 106 -34.62 -8.01 -37.55
N ASP F 107 -34.89 -7.13 -38.53
CA ASP F 107 -35.95 -6.14 -38.41
C ASP F 107 -37.27 -6.59 -39.03
N GLY F 108 -37.46 -7.91 -39.17
CA GLY F 108 -38.70 -8.42 -39.71
C GLY F 108 -38.92 -8.16 -41.19
N GLU F 109 -37.87 -7.77 -41.90
CA GLU F 109 -37.96 -7.42 -43.32
C GLU F 109 -36.63 -7.73 -43.96
N ARG F 110 -36.66 -8.13 -45.23
CA ARG F 110 -35.43 -8.34 -45.97
C ARG F 110 -34.71 -7.00 -46.15
N LYS F 111 -33.49 -6.93 -45.63
CA LYS F 111 -32.63 -5.75 -45.79
C LYS F 111 -31.25 -6.23 -46.19
N VAL F 112 -30.86 -5.94 -47.44
CA VAL F 112 -29.50 -6.20 -47.86
C VAL F 112 -28.58 -5.25 -47.12
N GLU F 113 -27.67 -5.80 -46.30
CA GLU F 113 -26.85 -5.01 -45.41
C GLU F 113 -25.38 -5.39 -45.55
N HIS F 114 -24.52 -4.39 -45.42
CA HIS F 114 -23.08 -4.61 -45.28
C HIS F 114 -22.77 -4.57 -43.79
N LEU F 115 -22.24 -5.67 -43.28
CA LEU F 115 -22.02 -5.84 -41.84
C LEU F 115 -20.53 -5.92 -41.54
N ALA F 116 -20.18 -5.56 -40.32
CA ALA F 116 -18.83 -5.69 -39.81
C ALA F 116 -18.91 -6.24 -38.39
N VAL F 117 -18.08 -7.22 -38.08
CA VAL F 117 -18.04 -7.83 -36.76
C VAL F 117 -16.61 -7.68 -36.22
N ARG F 118 -16.52 -7.28 -34.95
CA ARG F 118 -15.24 -7.05 -34.30
C ARG F 118 -15.11 -7.98 -33.11
N PHE F 119 -13.99 -8.69 -33.03
CA PHE F 119 -13.72 -9.60 -31.93
C PHE F 119 -12.55 -9.08 -31.09
N LYS F 120 -12.61 -9.37 -29.78
CA LYS F 120 -11.57 -8.92 -28.89
C LYS F 120 -10.25 -9.62 -29.17
N LEU F 121 -10.29 -10.90 -29.53
CA LEU F 121 -9.12 -11.72 -29.73
C LEU F 121 -8.97 -12.10 -31.19
N GLN F 122 -7.72 -12.21 -31.64
CA GLN F 122 -7.47 -12.58 -33.03
C GLN F 122 -7.84 -14.04 -33.28
N ASP F 123 -7.55 -14.93 -32.31
CA ASP F 123 -7.89 -16.34 -32.48
C ASP F 123 -9.40 -16.51 -32.66
N VAL F 124 -10.19 -15.73 -31.92
CA VAL F 124 -11.64 -15.81 -32.07
C VAL F 124 -12.05 -15.35 -33.46
N ALA F 125 -11.40 -14.30 -33.96
CA ALA F 125 -11.69 -13.83 -35.32
C ALA F 125 -11.31 -14.87 -36.35
N ASP F 126 -10.22 -15.61 -36.11
CA ASP F 126 -9.81 -16.66 -37.04
C ASP F 126 -10.74 -17.87 -36.94
N SER F 127 -11.21 -18.18 -35.73
CA SER F 127 -12.18 -19.26 -35.58
C SER F 127 -13.49 -18.92 -36.29
N PHE F 128 -13.95 -17.68 -36.16
CA PHE F 128 -15.16 -17.25 -36.85
C PHE F 128 -15.02 -17.41 -38.36
N LYS F 129 -13.83 -17.13 -38.90
CA LYS F 129 -13.60 -17.27 -40.33
C LYS F 129 -13.60 -18.74 -40.73
N LYS F 130 -12.90 -19.58 -39.96
CA LYS F 130 -12.84 -21.01 -40.27
C LYS F 130 -14.24 -21.62 -40.29
N ILE F 131 -14.98 -21.46 -39.19
CA ILE F 131 -16.30 -22.08 -39.08
C ILE F 131 -17.26 -21.50 -40.12
N PHE F 132 -17.13 -20.21 -40.41
CA PHE F 132 -17.96 -19.59 -41.44
C PHE F 132 -17.77 -20.29 -42.78
N ASP F 133 -16.52 -20.49 -43.19
CA ASP F 133 -16.26 -21.09 -44.49
C ASP F 133 -16.59 -22.58 -44.50
N GLU F 134 -16.36 -23.27 -43.38
CA GLU F 134 -16.70 -24.69 -43.32
C GLU F 134 -18.21 -24.88 -43.41
N ALA F 135 -18.97 -24.15 -42.59
CA ALA F 135 -20.40 -24.38 -42.51
C ALA F 135 -21.11 -24.05 -43.82
N LYS F 136 -20.66 -22.99 -44.51
CA LYS F 136 -21.39 -22.54 -45.69
C LYS F 136 -21.36 -23.59 -46.80
N THR F 137 -20.32 -24.41 -46.85
CA THR F 137 -20.24 -25.46 -47.86
C THR F 137 -20.84 -26.79 -47.39
N ALA F 138 -21.09 -26.94 -46.09
CA ALA F 138 -21.63 -28.17 -45.54
C ALA F 138 -23.15 -28.19 -45.54
N GLN F 139 -23.80 -27.23 -46.18
CA GLN F 139 -25.25 -27.17 -46.16
C GLN F 139 -25.88 -28.19 -47.11
N ALA F 140 -25.31 -28.35 -48.30
CA ALA F 140 -25.91 -29.18 -49.32
C ALA F 140 -24.85 -29.89 -50.17
N GLN G 9 51.52 21.39 40.10
CA GLN G 9 50.21 20.74 40.10
C GLN G 9 50.28 19.46 39.28
N VAL G 10 49.35 18.54 39.56
CA VAL G 10 49.36 17.21 38.95
C VAL G 10 48.39 17.23 37.77
N GLN G 11 48.89 16.85 36.60
CA GLN G 11 48.09 16.77 35.38
C GLN G 11 48.25 15.38 34.76
N PHE G 12 47.25 15.01 33.97
CA PHE G 12 47.29 13.75 33.22
C PHE G 12 46.69 13.97 31.85
N LYS G 13 47.37 13.48 30.81
CA LYS G 13 46.82 13.49 29.47
C LYS G 13 45.90 12.28 29.30
N LEU G 14 44.61 12.54 29.09
CA LEU G 14 43.62 11.50 28.87
C LEU G 14 43.15 11.58 27.43
N VAL G 15 43.09 10.43 26.77
CA VAL G 15 42.63 10.33 25.39
C VAL G 15 41.28 9.62 25.39
N LEU G 16 40.29 10.25 24.75
CA LEU G 16 38.91 9.77 24.73
C LEU G 16 38.57 9.34 23.30
N VAL G 17 38.35 8.04 23.11
CA VAL G 17 38.15 7.47 21.78
C VAL G 17 36.87 6.65 21.75
N GLY G 18 36.41 6.38 20.54
CA GLY G 18 35.21 5.61 20.32
C GLY G 18 34.53 6.02 19.03
N ASP G 19 33.64 5.13 18.55
CA ASP G 19 32.90 5.38 17.33
C ASP G 19 32.17 6.71 17.38
N GLY G 20 31.89 7.29 16.21
CA GLY G 20 31.12 8.52 16.17
C GLY G 20 29.71 8.30 16.69
N GLY G 21 29.19 9.33 17.38
CA GLY G 21 27.86 9.30 17.93
C GLY G 21 27.73 8.56 19.24
N THR G 22 28.83 8.07 19.81
CA THR G 22 28.78 7.35 21.07
C THR G 22 28.62 8.27 22.28
N GLY G 23 28.74 9.58 22.08
CA GLY G 23 28.55 10.52 23.16
C GLY G 23 29.80 10.92 23.89
N LYS G 24 30.95 10.87 23.24
CA LYS G 24 32.19 11.30 23.88
C LYS G 24 32.14 12.79 24.21
N THR G 25 31.77 13.62 23.23
CA THR G 25 31.76 15.07 23.45
C THR G 25 30.68 15.47 24.45
N THR G 26 29.48 14.91 24.31
CA THR G 26 28.41 15.17 25.28
C THR G 26 28.86 14.83 26.69
N PHE G 27 29.58 13.71 26.85
CA PHE G 27 30.13 13.33 28.14
C PHE G 27 31.07 14.40 28.66
N VAL G 28 31.96 14.92 27.80
CA VAL G 28 32.91 15.92 28.23
C VAL G 28 32.21 17.24 28.54
N LYS G 29 31.24 17.62 27.71
CA LYS G 29 30.53 18.88 27.95
C LYS G 29 29.76 18.83 29.28
N ARG G 30 29.19 17.67 29.60
CA ARG G 30 28.47 17.53 30.86
C ARG G 30 29.40 17.81 32.04
N HIS G 31 30.61 17.26 32.00
CA HIS G 31 31.57 17.54 33.06
C HIS G 31 31.97 19.01 33.06
N LEU G 32 32.18 19.59 31.89
CA LEU G 32 32.69 20.97 31.79
C LEU G 32 31.69 21.97 32.35
N THR G 33 30.47 21.96 31.82
CA THR G 33 29.49 22.99 32.11
C THR G 33 28.24 22.49 32.81
N GLY G 34 28.04 21.18 32.89
CA GLY G 34 26.81 20.61 33.42
C GLY G 34 25.65 20.60 32.45
N GLU G 35 25.84 21.06 31.22
CA GLU G 35 24.80 21.01 30.21
C GLU G 35 24.66 19.60 29.65
N PHE G 36 23.56 19.37 28.94
CA PHE G 36 23.38 18.14 28.16
C PHE G 36 23.10 18.52 26.71
N GLU G 37 24.09 18.37 25.85
CA GLU G 37 23.93 18.63 24.44
C GLU G 37 23.14 17.48 23.79
N LYS G 38 21.99 17.81 23.21
CA LYS G 38 21.16 16.83 22.53
C LYS G 38 21.56 16.61 21.07
N LYS G 39 22.19 17.60 20.46
CA LYS G 39 22.53 17.54 19.05
C LYS G 39 23.85 16.81 18.83
N TYR G 40 23.97 16.19 17.67
CA TYR G 40 25.19 15.48 17.26
C TYR G 40 25.98 16.41 16.35
N VAL G 41 26.96 17.10 16.90
CA VAL G 41 27.87 17.94 16.14
C VAL G 41 29.23 17.25 16.16
N ALA G 42 29.56 16.59 15.06
CA ALA G 42 30.74 15.73 15.04
C ALA G 42 32.01 16.51 15.34
N THR G 43 32.91 15.90 16.10
CA THR G 43 34.19 16.51 16.41
C THR G 43 35.10 16.40 15.20
N LEU G 44 35.85 17.47 14.93
CA LEU G 44 36.79 17.52 13.82
C LEU G 44 38.21 17.48 14.39
N GLY G 45 38.88 16.36 14.21
CA GLY G 45 40.22 16.18 14.72
C GLY G 45 40.23 15.85 16.20
N VAL G 46 40.59 16.82 17.03
CA VAL G 46 40.61 16.64 18.48
C VAL G 46 40.38 18.00 19.13
N GLU G 47 39.65 17.99 20.24
CA GLU G 47 39.49 19.16 21.08
C GLU G 47 39.99 18.81 22.48
N VAL G 48 40.90 19.62 23.00
CA VAL G 48 41.52 19.38 24.30
C VAL G 48 40.80 20.26 25.33
N HIS G 49 40.13 19.61 26.28
CA HIS G 49 39.42 20.31 27.33
C HIS G 49 40.00 19.91 28.68
N PRO G 50 40.29 20.87 29.57
CA PRO G 50 40.77 20.51 30.91
C PRO G 50 39.64 20.31 31.91
N LEU G 51 39.68 19.18 32.63
CA LEU G 51 38.72 18.89 33.68
C LEU G 51 39.48 18.82 35.01
N VAL G 52 39.04 19.62 35.98
CA VAL G 52 39.66 19.68 37.29
C VAL G 52 38.76 18.98 38.28
N PHE G 53 39.34 18.14 39.13
CA PHE G 53 38.62 17.49 40.22
C PHE G 53 39.39 17.72 41.52
N HIS G 54 38.64 18.05 42.57
CA HIS G 54 39.22 18.27 43.89
C HIS G 54 39.13 16.97 44.69
N THR G 55 40.28 16.45 45.07
CA THR G 55 40.36 15.23 45.86
C THR G 55 40.88 15.54 47.26
N ASN G 56 40.70 14.58 48.17
CA ASN G 56 41.22 14.75 49.53
C ASN G 56 42.73 14.79 49.57
N ARG G 57 43.40 14.43 48.47
CA ARG G 57 44.84 14.59 48.33
C ARG G 57 45.20 15.78 47.45
N GLY G 58 44.25 16.70 47.24
CA GLY G 58 44.50 17.89 46.46
C GLY G 58 43.89 17.81 45.08
N PRO G 59 43.85 18.93 44.37
CA PRO G 59 43.21 18.96 43.05
C PRO G 59 44.08 18.30 41.98
N ILE G 60 43.41 17.60 41.07
CA ILE G 60 44.06 16.99 39.91
C ILE G 60 43.35 17.47 38.65
N LYS G 61 44.12 17.60 37.57
CA LYS G 61 43.61 18.10 36.29
C LYS G 61 43.73 17.00 35.24
N PHE G 62 42.64 16.79 34.49
CA PHE G 62 42.61 15.90 33.34
C PHE G 62 42.54 16.73 32.08
N ASN G 63 43.55 16.60 31.22
CA ASN G 63 43.55 17.25 29.91
C ASN G 63 42.99 16.26 28.90
N VAL G 64 41.68 16.36 28.66
CA VAL G 64 40.94 15.35 27.91
C VAL G 64 41.06 15.65 26.42
N TRP G 65 41.70 14.74 25.67
CA TRP G 65 41.80 14.84 24.22
C TRP G 65 40.58 14.15 23.64
N ASP G 66 39.53 14.94 23.38
CA ASP G 66 38.27 14.42 22.84
C ASP G 66 38.44 14.23 21.34
N THR G 67 38.75 13.01 20.92
CA THR G 67 39.05 12.74 19.52
C THR G 67 37.76 12.49 18.74
N ALA G 68 37.87 12.66 17.42
CA ALA G 68 36.76 12.37 16.51
C ALA G 68 36.72 10.89 16.19
N GLY G 69 35.51 10.33 16.16
CA GLY G 69 35.33 8.91 15.94
C GLY G 69 35.13 8.49 14.50
N GLN G 70 35.11 9.42 13.56
CA GLN G 70 34.81 9.10 12.16
C GLN G 70 36.04 8.54 11.45
N GLU G 71 35.78 7.74 10.41
CA GLU G 71 36.85 7.11 9.67
C GLU G 71 37.74 8.11 8.95
N LYS G 72 37.23 9.31 8.66
CA LYS G 72 38.06 10.34 8.01
C LYS G 72 39.40 10.49 8.71
N PHE G 73 39.44 10.28 10.02
CA PHE G 73 40.67 10.36 10.80
C PHE G 73 41.21 8.96 11.09
N GLY G 74 41.47 8.24 10.00
CA GLY G 74 41.96 6.89 10.07
C GLY G 74 43.47 6.80 9.96
N GLY G 75 44.13 6.45 11.06
CA GLY G 75 45.55 6.52 11.16
C GLY G 75 46.08 7.89 11.58
N LEU G 76 45.26 8.92 11.48
CA LEU G 76 45.68 10.25 11.89
C LEU G 76 45.73 10.36 13.42
N ARG G 77 44.92 9.57 14.11
CA ARG G 77 44.83 9.67 15.56
C ARG G 77 46.10 9.18 16.26
N ASP G 78 46.92 8.37 15.58
CA ASP G 78 48.15 7.89 16.20
C ASP G 78 48.94 9.02 16.85
N GLY G 79 48.89 10.22 16.27
CA GLY G 79 49.61 11.34 16.84
C GLY G 79 48.98 11.86 18.12
N TYR G 80 47.64 11.83 18.20
CA TYR G 80 46.98 12.27 19.42
C TYR G 80 47.36 11.39 20.61
N TYR G 81 47.59 10.09 20.37
CA TYR G 81 47.84 9.17 21.47
C TYR G 81 49.20 9.36 22.10
N ILE G 82 50.13 10.03 21.41
CA ILE G 82 51.49 10.17 21.94
C ILE G 82 51.46 10.82 23.31
N GLN G 83 52.23 10.26 24.24
CA GLN G 83 52.36 10.77 25.60
C GLN G 83 51.03 10.74 26.36
N ALA G 84 50.15 9.81 26.01
CA ALA G 84 48.91 9.65 26.75
C ALA G 84 49.17 8.85 28.00
N GLN G 85 48.67 9.33 29.15
CA GLN G 85 48.86 8.66 30.42
C GLN G 85 47.66 7.82 30.83
N CYS G 86 46.53 7.95 30.13
CA CYS G 86 45.35 7.14 30.38
C CYS G 86 44.39 7.38 29.22
N ALA G 87 43.32 6.60 29.18
CA ALA G 87 42.38 6.67 28.07
C ALA G 87 41.02 6.15 28.49
N ILE G 88 39.99 6.64 27.79
CA ILE G 88 38.63 6.15 27.93
C ILE G 88 38.16 5.68 26.55
N ILE G 89 37.72 4.43 26.47
CA ILE G 89 37.07 3.90 25.28
C ILE G 89 35.57 3.88 25.53
N MET G 90 34.81 4.47 24.62
CA MET G 90 33.37 4.60 24.81
C MET G 90 32.63 3.90 23.67
N PHE G 91 31.50 3.29 24.00
CA PHE G 91 30.58 2.78 23.01
C PHE G 91 29.17 3.10 23.45
N ASP G 92 28.22 2.78 22.58
CA ASP G 92 26.80 3.08 22.78
C ASP G 92 26.06 1.76 22.97
N VAL G 93 25.50 1.57 24.16
CA VAL G 93 24.83 0.31 24.45
C VAL G 93 23.57 0.09 23.61
N THR G 94 23.18 1.06 22.79
CA THR G 94 22.06 0.91 21.89
C THR G 94 22.50 0.63 20.45
N SER G 95 23.81 0.40 20.23
CA SER G 95 24.35 0.18 18.90
C SER G 95 25.46 -0.85 18.99
N ARG G 96 25.13 -2.11 18.67
CA ARG G 96 26.11 -3.20 18.75
C ARG G 96 27.37 -2.90 17.95
N VAL G 97 27.25 -2.13 16.87
CA VAL G 97 28.41 -1.83 16.04
C VAL G 97 29.48 -1.13 16.85
N THR G 98 29.08 -0.24 17.76
CA THR G 98 30.05 0.52 18.52
C THR G 98 30.79 -0.35 19.52
N TYR G 99 30.15 -1.44 19.99
CA TYR G 99 30.85 -2.35 20.89
C TYR G 99 31.79 -3.27 20.14
N LYS G 100 31.40 -3.72 18.95
CA LYS G 100 32.27 -4.59 18.16
C LYS G 100 33.55 -3.87 17.72
N ASN G 101 33.56 -2.55 17.70
CA ASN G 101 34.75 -1.79 17.36
C ASN G 101 35.61 -1.46 18.59
N VAL G 102 35.14 -1.80 19.79
CA VAL G 102 35.96 -1.55 20.99
C VAL G 102 37.32 -2.22 20.90
N PRO G 103 37.44 -3.47 20.46
CA PRO G 103 38.78 -4.08 20.38
C PRO G 103 39.73 -3.33 19.46
N ASN G 104 39.22 -2.74 18.39
CA ASN G 104 40.07 -1.95 17.50
C ASN G 104 40.59 -0.70 18.21
N TRP G 105 39.70 0.04 18.87
CA TRP G 105 40.13 1.22 19.60
C TRP G 105 41.19 0.87 20.63
N HIS G 106 41.00 -0.26 21.35
CA HIS G 106 42.00 -0.68 22.32
C HIS G 106 43.30 -1.06 21.63
N ARG G 107 43.22 -1.80 20.53
CA ARG G 107 44.42 -2.18 19.78
C ARG G 107 45.20 -0.94 19.36
N ASP G 108 44.52 0.03 18.74
CA ASP G 108 45.20 1.26 18.35
C ASP G 108 45.86 1.93 19.54
N LEU G 109 45.16 1.99 20.68
CA LEU G 109 45.68 2.71 21.83
C LEU G 109 46.98 2.09 22.32
N VAL G 110 46.98 0.77 22.60
CA VAL G 110 48.14 0.14 23.19
C VAL G 110 49.35 0.23 22.27
N ARG G 111 49.12 0.26 20.95
CA ARG G 111 50.24 0.33 20.02
C ARG G 111 51.13 1.53 20.32
N VAL G 112 50.52 2.65 20.70
CA VAL G 112 51.25 3.90 20.91
C VAL G 112 51.57 4.11 22.39
N CYS G 113 50.65 3.74 23.29
CA CYS G 113 50.79 4.03 24.70
C CYS G 113 51.15 2.81 25.54
N GLU G 114 51.12 1.61 24.96
CA GLU G 114 51.45 0.37 25.68
C GLU G 114 50.46 0.25 26.85
N ASN G 115 50.93 0.00 28.07
CA ASN G 115 50.06 -0.32 29.20
C ASN G 115 49.79 0.94 30.00
N ILE G 116 48.67 1.61 29.67
CA ILE G 116 48.17 2.73 30.44
C ILE G 116 46.82 2.33 31.01
N PRO G 117 46.40 2.93 32.12
CA PRO G 117 45.07 2.61 32.66
C PRO G 117 43.98 3.07 31.69
N ILE G 118 43.11 2.13 31.33
CA ILE G 118 42.05 2.37 30.36
C ILE G 118 40.72 2.00 30.98
N VAL G 119 39.71 2.85 30.78
CA VAL G 119 38.35 2.60 31.23
C VAL G 119 37.48 2.40 30.00
N LEU G 120 36.60 1.40 30.06
CA LEU G 120 35.63 1.13 29.01
C LEU G 120 34.25 1.55 29.50
N CYS G 121 33.55 2.33 28.69
CA CYS G 121 32.28 2.93 29.09
C CYS G 121 31.19 2.59 28.08
N GLY G 122 30.13 1.97 28.57
CA GLY G 122 28.93 1.74 27.78
C GLY G 122 27.92 2.85 28.04
N ASN G 123 27.80 3.77 27.10
CA ASN G 123 27.03 4.99 27.30
C ASN G 123 25.58 4.80 26.86
N LYS G 124 24.74 5.73 27.30
CA LYS G 124 23.32 5.80 26.92
C LYS G 124 22.47 4.73 27.59
N VAL G 125 22.86 4.29 28.79
CA VAL G 125 22.06 3.30 29.52
C VAL G 125 20.72 3.88 29.95
N ASP G 126 20.51 5.18 29.82
CA ASP G 126 19.19 5.73 30.12
C ASP G 126 18.15 5.22 29.14
N ILE G 127 18.57 4.88 27.91
CA ILE G 127 17.62 4.44 26.89
C ILE G 127 17.10 3.06 27.24
N LYS G 128 15.77 2.93 27.28
CA LYS G 128 15.16 1.69 27.75
C LYS G 128 15.55 0.50 26.86
N ASP G 129 15.44 0.67 25.54
CA ASP G 129 15.64 -0.43 24.61
C ASP G 129 17.13 -0.58 24.34
N ARG G 130 17.79 -1.38 25.17
CA ARG G 130 19.23 -1.60 25.12
C ARG G 130 19.55 -2.81 24.26
N LYS G 131 20.56 -2.66 23.39
CA LYS G 131 20.96 -3.71 22.47
C LYS G 131 22.17 -4.51 22.97
N VAL G 132 23.16 -3.83 23.55
CA VAL G 132 24.34 -4.50 24.09
C VAL G 132 24.07 -4.75 25.57
N LYS G 133 23.73 -5.99 25.91
CA LYS G 133 23.41 -6.33 27.29
C LYS G 133 24.67 -6.61 28.09
N ALA G 134 24.59 -6.35 29.40
CA ALA G 134 25.77 -6.45 30.26
C ALA G 134 26.47 -7.79 30.12
N LYS G 135 25.71 -8.86 29.91
CA LYS G 135 26.31 -10.18 29.74
C LYS G 135 27.29 -10.19 28.57
N SER G 136 26.94 -9.51 27.47
CA SER G 136 27.75 -9.56 26.26
C SER G 136 29.05 -8.77 26.37
N ILE G 137 29.22 -8.00 27.44
CA ILE G 137 30.38 -7.12 27.59
C ILE G 137 31.44 -7.90 28.35
N VAL G 138 32.44 -8.41 27.62
CA VAL G 138 33.45 -9.29 28.20
C VAL G 138 34.85 -8.78 27.87
N PHE G 139 34.94 -7.80 26.98
CA PHE G 139 36.25 -7.32 26.56
C PHE G 139 37.05 -6.76 27.73
N HIS G 140 36.37 -6.21 28.73
CA HIS G 140 37.07 -5.63 29.87
C HIS G 140 37.72 -6.69 30.74
N ARG G 141 37.14 -7.89 30.79
CA ARG G 141 37.76 -8.97 31.54
C ARG G 141 38.94 -9.55 30.76
N LYS G 142 38.84 -9.58 29.44
CA LYS G 142 39.90 -10.16 28.62
C LYS G 142 41.17 -9.31 28.64
N LYS G 143 41.04 -7.99 28.84
CA LYS G 143 42.18 -7.09 28.76
C LYS G 143 42.40 -6.32 30.07
N ASN G 144 41.82 -6.79 31.17
CA ASN G 144 42.01 -6.17 32.49
C ASN G 144 41.75 -4.67 32.44
N LEU G 145 40.65 -4.31 31.80
CA LEU G 145 40.17 -2.94 31.76
C LEU G 145 39.01 -2.78 32.73
N GLN G 146 38.83 -1.57 33.24
CA GLN G 146 37.70 -1.24 34.11
C GLN G 146 36.51 -0.85 33.25
N TYR G 147 35.35 -1.41 33.59
CA TYR G 147 34.12 -1.11 32.86
C TYR G 147 33.14 -0.36 33.74
N TYR G 148 32.42 0.57 33.13
CA TYR G 148 31.33 1.29 33.78
C TYR G 148 30.21 1.49 32.78
N ASP G 149 29.00 1.06 33.15
CA ASP G 149 27.79 1.56 32.51
C ASP G 149 27.58 3.01 32.92
N ILE G 150 27.40 3.90 31.93
CA ILE G 150 27.25 5.31 32.20
C ILE G 150 26.14 5.90 31.35
N SER G 151 25.71 7.09 31.73
CA SER G 151 24.78 7.89 30.93
C SER G 151 25.15 9.35 31.11
N ALA G 152 25.51 10.01 30.01
CA ALA G 152 25.73 11.45 30.07
C ALA G 152 24.44 12.21 30.36
N LYS G 153 23.28 11.59 30.07
CA LYS G 153 22.00 12.27 30.21
C LYS G 153 21.46 12.18 31.64
N SER G 154 21.60 11.03 32.28
CA SER G 154 21.16 10.85 33.65
C SER G 154 22.31 10.98 34.66
N ASN G 155 23.54 11.14 34.18
CA ASN G 155 24.74 11.26 35.00
C ASN G 155 25.07 9.99 35.77
N TYR G 156 24.49 8.86 35.38
CA TYR G 156 24.75 7.59 36.05
C TYR G 156 26.22 7.22 35.88
N ASN G 157 26.94 7.14 37.00
CA ASN G 157 28.34 6.72 37.06
C ASN G 157 29.26 7.63 36.27
N PHE G 158 28.81 8.80 35.83
CA PHE G 158 29.61 9.59 34.90
C PHE G 158 30.87 10.17 35.55
N GLU G 159 31.02 10.08 36.86
CA GLU G 159 32.26 10.47 37.50
C GLU G 159 33.20 9.30 37.74
N LYS G 160 32.68 8.08 37.75
CA LYS G 160 33.50 6.90 38.04
C LYS G 160 34.73 6.78 37.14
N PRO G 161 34.65 7.00 35.83
CA PRO G 161 35.87 6.85 35.00
C PRO G 161 37.01 7.73 35.47
N PHE G 162 36.74 8.98 35.84
CA PHE G 162 37.81 9.85 36.32
C PHE G 162 38.23 9.48 37.74
N LEU G 163 37.29 9.04 38.56
CA LEU G 163 37.64 8.63 39.92
C LEU G 163 38.52 7.39 39.91
N TRP G 164 38.21 6.41 39.06
CA TRP G 164 39.03 5.21 38.98
C TRP G 164 40.40 5.52 38.42
N LEU G 165 40.47 6.32 37.35
CA LEU G 165 41.77 6.69 36.78
C LEU G 165 42.58 7.52 37.76
N ALA G 166 41.93 8.42 38.50
CA ALA G 166 42.64 9.21 39.50
C ALA G 166 43.24 8.31 40.58
N ARG G 167 42.50 7.28 40.99
CA ARG G 167 43.02 6.35 41.99
C ARG G 167 44.20 5.55 41.43
N LYS G 168 44.09 5.09 40.19
CA LYS G 168 45.19 4.32 39.59
C LYS G 168 46.41 5.21 39.38
N LEU G 169 46.25 6.32 38.67
CA LEU G 169 47.39 7.17 38.35
C LEU G 169 48.09 7.69 39.59
N ILE G 170 47.34 7.95 40.67
CA ILE G 170 47.95 8.44 41.89
C ILE G 170 48.48 7.30 42.77
N GLY G 171 47.89 6.11 42.67
CA GLY G 171 48.27 5.02 43.54
C GLY G 171 47.64 5.13 44.91
N ASP G 172 46.31 5.28 44.95
CA ASP G 172 45.58 5.45 46.20
C ASP G 172 44.17 4.93 45.99
N PRO G 173 43.93 3.65 46.29
CA PRO G 173 42.58 3.10 46.09
C PRO G 173 41.49 3.81 46.90
N ASN G 174 41.86 4.61 47.90
CA ASN G 174 40.90 5.30 48.76
C ASN G 174 40.76 6.78 48.43
N LEU G 175 41.28 7.22 47.29
CA LEU G 175 41.14 8.61 46.89
C LEU G 175 39.66 8.96 46.73
N GLU G 176 39.25 10.08 47.30
CA GLU G 176 37.88 10.54 47.26
C GLU G 176 37.80 11.90 46.59
N PHE G 177 36.77 12.10 45.78
CA PHE G 177 36.42 13.45 45.33
C PHE G 177 35.80 14.21 46.50
N VAL G 178 36.19 15.46 46.66
CA VAL G 178 35.72 16.30 47.75
C VAL G 178 35.12 17.56 47.16
N ALA G 179 34.32 18.25 47.98
CA ALA G 179 33.64 19.45 47.53
C ALA G 179 34.64 20.51 47.08
N MET G 180 34.28 21.22 46.03
CA MET G 180 35.15 22.25 45.48
C MET G 180 35.12 23.49 46.37
N PRO G 181 36.28 24.02 46.76
CA PRO G 181 36.29 25.23 47.60
C PRO G 181 35.56 26.38 46.93
N ALA G 182 34.67 27.02 47.68
CA ALA G 182 33.91 28.17 47.21
C ALA G 182 34.54 29.42 47.82
N LEU G 183 35.53 29.97 47.11
CA LEU G 183 36.18 31.20 47.56
C LEU G 183 35.18 32.35 47.50
N ALA G 184 35.49 33.41 48.22
CA ALA G 184 34.57 34.53 48.33
C ALA G 184 34.39 35.19 46.96
N PRO G 185 33.16 35.35 46.49
CA PRO G 185 32.94 35.94 45.16
C PRO G 185 32.86 37.45 45.24
N PRO G 186 33.57 38.17 44.35
CA PRO G 186 33.46 39.63 44.34
C PRO G 186 32.03 40.09 44.08
N GLU G 187 31.66 41.19 44.73
CA GLU G 187 30.41 41.88 44.42
C GLU G 187 30.61 42.69 43.14
N VAL G 188 29.65 42.59 42.22
CA VAL G 188 29.72 43.27 40.93
C VAL G 188 28.54 44.22 40.83
N VAL G 189 28.82 45.47 40.44
CA VAL G 189 27.80 46.48 40.25
C VAL G 189 27.88 46.99 38.81
N MET G 190 26.76 47.48 38.30
CA MET G 190 26.67 47.95 36.93
C MET G 190 25.91 49.27 36.90
N ASP G 191 26.24 50.10 35.93
CA ASP G 191 25.48 51.33 35.74
C ASP G 191 24.02 50.96 35.44
N PRO G 192 23.06 51.74 35.92
CA PRO G 192 21.65 51.32 35.79
C PRO G 192 21.22 51.04 34.36
N ALA G 193 21.87 51.65 33.37
CA ALA G 193 21.51 51.39 31.98
C ALA G 193 21.88 49.97 31.57
N LEU G 194 23.05 49.49 32.00
CA LEU G 194 23.45 48.13 31.66
C LEU G 194 22.62 47.10 32.41
N ALA G 195 22.27 47.39 33.66
CA ALA G 195 21.42 46.49 34.42
C ALA G 195 20.05 46.34 33.75
N ALA G 196 19.55 47.42 33.16
CA ALA G 196 18.26 47.36 32.48
C ALA G 196 18.34 46.51 31.21
N GLN G 197 19.43 46.64 30.46
CA GLN G 197 19.62 45.78 29.29
C GLN G 197 19.55 44.31 29.70
N TYR G 198 20.28 43.94 30.76
CA TYR G 198 20.18 42.58 31.28
C TYR G 198 18.75 42.27 31.73
N GLU G 199 18.08 43.25 32.36
CA GLU G 199 16.70 43.04 32.77
C GLU G 199 15.79 42.77 31.58
N HIS G 200 16.06 43.40 30.43
CA HIS G 200 15.29 43.11 29.24
C HIS G 200 15.64 41.74 28.67
N ASP G 201 16.92 41.37 28.69
CA ASP G 201 17.31 40.05 28.25
C ASP G 201 16.66 38.97 29.10
N LEU G 202 16.63 39.17 30.42
CA LEU G 202 16.01 38.19 31.31
C LEU G 202 14.52 38.04 31.01
N GLU G 203 13.86 39.14 30.64
CA GLU G 203 12.46 39.05 30.22
C GLU G 203 12.33 38.23 28.94
N VAL G 204 13.22 38.46 27.98
CA VAL G 204 13.21 37.65 26.75
C VAL G 204 13.40 36.19 27.10
N ALA G 205 14.43 35.87 27.88
CA ALA G 205 14.65 34.50 28.29
C ALA G 205 13.46 33.93 29.05
N GLN G 206 12.74 34.78 29.79
CA GLN G 206 11.62 34.30 30.60
C GLN G 206 10.51 33.71 29.75
N THR G 207 10.52 33.96 28.43
CA THR G 207 9.49 33.43 27.55
C THR G 207 9.83 32.05 27.01
N THR G 208 11.11 31.73 26.85
CA THR G 208 11.52 30.39 26.43
C THR G 208 11.53 29.45 27.62
N ALA G 209 11.17 28.19 27.36
CA ALA G 209 11.04 27.21 28.43
C ALA G 209 12.38 26.52 28.69
N LEU G 210 12.42 25.79 29.80
CA LEU G 210 13.61 25.04 30.17
C LEU G 210 13.72 23.80 29.30
N PRO G 211 14.93 23.26 29.14
CA PRO G 211 15.13 22.17 28.16
C PRO G 211 14.49 20.86 28.58
N ASP G 212 14.37 20.60 29.89
CA ASP G 212 13.81 19.35 30.39
C ASP G 212 12.35 19.48 30.81
N GLU G 213 11.65 20.49 30.32
CA GLU G 213 10.21 20.59 30.52
C GLU G 213 9.52 19.37 29.91
N PHE H 6 49.18 -1.04 38.12
CA PHE H 6 49.96 -0.06 37.37
C PHE H 6 50.86 0.74 38.31
N GLU H 7 52.13 0.86 37.94
CA GLU H 7 53.07 1.69 38.70
C GLU H 7 52.62 3.14 38.63
N PRO H 8 52.31 3.79 39.76
CA PRO H 8 51.89 5.20 39.71
C PRO H 8 52.86 6.06 38.92
N VAL H 9 52.31 6.96 38.12
CA VAL H 9 53.11 7.80 37.23
C VAL H 9 53.49 9.14 37.86
N VAL H 10 53.15 9.33 39.13
CA VAL H 10 53.40 10.61 39.80
C VAL H 10 53.56 10.36 41.30
N PRO H 11 54.46 11.07 41.99
CA PRO H 11 54.58 10.87 43.44
C PRO H 11 53.28 11.13 44.16
N LEU H 12 53.04 10.36 45.22
CA LEU H 12 51.80 10.45 45.97
C LEU H 12 51.65 11.83 46.60
N PRO H 13 50.62 12.62 46.22
CA PRO H 13 50.41 13.90 46.89
C PRO H 13 49.91 13.69 48.32
N ASP H 14 50.29 14.62 49.20
CA ASP H 14 49.94 14.52 50.60
C ASP H 14 48.48 14.91 50.82
N LEU H 15 47.83 14.24 51.77
CA LEU H 15 46.48 14.61 52.16
C LEU H 15 46.45 16.08 52.53
N VAL H 16 45.37 16.76 52.16
CA VAL H 16 45.23 18.19 52.39
C VAL H 16 44.06 18.44 53.31
N GLU H 17 44.12 19.56 54.03
CA GLU H 17 43.03 19.96 54.90
C GLU H 17 41.85 20.41 54.06
N VAL H 18 40.73 19.69 54.16
CA VAL H 18 39.56 19.99 53.34
C VAL H 18 38.97 21.32 53.80
N SER H 19 38.83 22.26 52.88
CA SER H 19 38.31 23.59 53.17
C SER H 19 37.22 23.92 52.17
N SER H 20 35.99 24.06 52.65
CA SER H 20 34.86 24.40 51.78
C SER H 20 34.79 25.89 51.46
N GLY H 21 35.55 26.72 52.16
CA GLY H 21 35.43 28.16 52.00
C GLY H 21 34.15 28.75 52.56
N GLU H 22 33.39 27.96 53.32
CA GLU H 22 32.14 28.40 53.92
C GLU H 22 32.19 28.37 55.44
N GLU H 23 33.38 28.21 56.03
CA GLU H 23 33.48 28.03 57.47
C GLU H 23 32.93 29.22 58.23
N ASN H 24 33.26 30.43 57.79
CA ASN H 24 32.79 31.66 58.43
C ASN H 24 31.47 32.13 57.86
N GLU H 25 30.55 31.22 57.58
CA GLU H 25 29.25 31.58 57.02
C GLU H 25 28.19 30.65 57.60
N GLN H 26 26.97 31.18 57.68
CA GLN H 26 25.84 30.43 58.21
C GLN H 26 24.96 29.99 57.05
N VAL H 27 24.78 28.67 56.91
CA VAL H 27 23.83 28.19 55.92
C VAL H 27 22.44 28.59 56.41
N VAL H 28 21.81 29.50 55.68
CA VAL H 28 20.44 29.90 55.99
C VAL H 28 19.43 29.19 55.09
N PHE H 29 19.87 28.63 53.97
CA PHE H 29 19.03 27.80 53.11
C PHE H 29 19.90 26.71 52.51
N SER H 30 19.36 25.51 52.37
CA SER H 30 20.10 24.43 51.72
C SER H 30 19.13 23.32 51.35
N HIS H 31 18.93 23.09 50.05
CA HIS H 31 18.02 22.06 49.60
C HIS H 31 18.40 21.65 48.19
N ARG H 32 18.00 20.44 47.82
CA ARG H 32 18.27 19.92 46.49
C ARG H 32 17.45 20.68 45.45
N ALA H 33 18.06 20.92 44.29
CA ALA H 33 17.41 21.65 43.22
C ALA H 33 18.16 21.42 41.92
N LYS H 34 17.58 21.92 40.83
CA LYS H 34 18.18 21.86 39.51
C LYS H 34 18.36 23.28 39.00
N LEU H 35 19.57 23.62 38.57
CA LEU H 35 19.91 24.95 38.10
C LEU H 35 20.07 24.93 36.58
N TYR H 36 19.67 26.05 35.96
CA TYR H 36 19.80 26.23 34.52
C TYR H 36 20.42 27.60 34.24
N ARG H 37 21.13 27.70 33.13
CA ARG H 37 21.81 28.92 32.72
C ARG H 37 21.46 29.22 31.28
N TYR H 38 20.98 30.44 31.02
CA TYR H 38 20.62 30.85 29.68
C TYR H 38 21.86 31.15 28.85
N ASP H 39 21.83 30.77 27.57
CA ASP H 39 22.92 30.99 26.64
C ASP H 39 22.44 31.98 25.58
N LYS H 40 22.87 33.23 25.70
CA LYS H 40 22.41 34.27 24.78
C LYS H 40 22.77 33.94 23.34
N ASP H 41 23.94 33.34 23.12
CA ASP H 41 24.42 33.09 21.76
C ASP H 41 23.42 32.25 20.97
N VAL H 42 22.97 31.14 21.55
CA VAL H 42 22.05 30.25 20.86
C VAL H 42 20.60 30.44 21.30
N GLY H 43 20.35 31.24 22.32
CA GLY H 43 18.99 31.52 22.75
C GLY H 43 18.27 30.31 23.31
N GLN H 44 18.90 29.62 24.25
CA GLN H 44 18.31 28.45 24.88
C GLN H 44 18.75 28.37 26.33
N TRP H 45 17.90 27.78 27.16
CA TRP H 45 18.28 27.45 28.52
C TRP H 45 19.03 26.11 28.52
N LYS H 46 20.17 26.08 29.19
CA LYS H 46 20.96 24.86 29.32
C LYS H 46 20.97 24.41 30.77
N GLU H 47 20.98 23.10 30.96
CA GLU H 47 21.21 22.56 32.30
C GLU H 47 22.57 23.01 32.80
N ARG H 48 22.64 23.36 34.07
CA ARG H 48 23.87 23.86 34.68
C ARG H 48 24.39 22.95 35.78
N GLY H 49 23.50 22.38 36.59
CA GLY H 49 23.92 21.52 37.68
C GLY H 49 22.70 21.02 38.44
N ILE H 50 22.94 20.01 39.27
CA ILE H 50 21.93 19.42 40.12
C ILE H 50 22.56 19.10 41.46
N GLY H 51 21.92 19.53 42.54
CA GLY H 51 22.48 19.36 43.87
C GLY H 51 21.83 20.35 44.83
N ASP H 52 22.56 20.64 45.91
CA ASP H 52 22.06 21.49 46.98
C ASP H 52 22.45 22.94 46.70
N ILE H 53 21.46 23.77 46.42
CA ILE H 53 21.65 25.21 46.30
C ILE H 53 21.56 25.82 47.69
N LYS H 54 22.55 26.62 48.06
CA LYS H 54 22.65 27.15 49.41
C LYS H 54 22.71 28.67 49.38
N ILE H 55 22.02 29.28 50.34
CA ILE H 55 22.16 30.71 50.62
C ILE H 55 23.01 30.83 51.89
N LEU H 56 24.17 31.47 51.76
CA LEU H 56 25.12 31.61 52.86
C LEU H 56 25.20 33.06 53.30
N GLN H 57 25.30 33.26 54.62
CA GLN H 57 25.53 34.59 55.18
C GLN H 57 26.76 34.53 56.08
N ASN H 58 27.63 35.52 55.93
CA ASN H 58 28.87 35.55 56.69
C ASN H 58 28.64 36.13 58.08
N TYR H 59 29.27 35.53 59.08
CA TYR H 59 29.09 35.97 60.46
C TYR H 59 29.56 37.41 60.66
N ASP H 60 30.80 37.69 60.24
CA ASP H 60 31.44 38.95 60.61
C ASP H 60 30.92 40.13 59.81
N ASN H 61 30.80 39.98 58.49
CA ASN H 61 30.44 41.09 57.62
C ASN H 61 29.00 41.02 57.11
N LYS H 62 28.19 40.10 57.63
CA LYS H 62 26.78 39.95 57.25
C LYS H 62 26.57 40.05 55.74
N GLN H 63 27.44 39.43 54.95
CA GLN H 63 27.32 39.40 53.51
C GLN H 63 26.76 38.05 53.06
N VAL H 64 25.86 38.08 52.09
CA VAL H 64 25.11 36.90 51.66
C VAL H 64 25.51 36.53 50.24
N ARG H 65 25.57 35.22 49.97
CA ARG H 65 25.87 34.72 48.64
C ARG H 65 25.11 33.41 48.42
N ILE H 66 24.98 33.04 47.15
CA ILE H 66 24.42 31.75 46.76
C ILE H 66 25.56 30.85 46.33
N VAL H 67 25.51 29.59 46.75
CA VAL H 67 26.52 28.59 46.41
C VAL H 67 25.82 27.28 46.11
N MET H 68 26.26 26.60 45.06
CA MET H 68 25.70 25.34 44.65
C MET H 68 26.78 24.47 44.06
N ARG H 69 26.77 23.18 44.41
CA ARG H 69 27.69 22.20 43.87
C ARG H 69 26.90 21.07 43.22
N ARG H 70 27.52 20.44 42.21
CA ARG H 70 26.88 19.38 41.44
C ARG H 70 27.20 18.04 42.07
N ASP H 71 26.20 17.14 42.06
CA ASP H 71 26.39 15.82 42.63
C ASP H 71 27.48 15.05 41.90
N GLN H 72 28.06 14.07 42.60
CA GLN H 72 29.04 13.15 42.02
C GLN H 72 30.36 13.85 41.72
N VAL H 73 30.32 14.91 40.92
CA VAL H 73 31.56 15.65 40.65
C VAL H 73 31.89 16.61 41.77
N LEU H 74 30.88 17.15 42.46
CA LEU H 74 31.07 18.00 43.63
C LEU H 74 31.78 19.30 43.27
N LYS H 75 31.53 19.79 42.06
CA LYS H 75 32.12 21.03 41.56
C LYS H 75 31.07 22.14 41.58
N LEU H 76 31.56 23.38 41.60
CA LEU H 76 30.68 24.53 41.72
C LEU H 76 29.94 24.80 40.41
N CYS H 77 28.63 25.00 40.49
CA CYS H 77 27.85 25.53 39.39
C CYS H 77 27.20 26.86 39.75
N ALA H 78 27.48 27.41 40.92
CA ALA H 78 26.95 28.72 41.30
C ALA H 78 27.83 29.30 42.41
N ASN H 79 28.18 30.58 42.27
CA ASN H 79 28.90 31.31 43.29
C ASN H 79 28.84 32.81 43.04
N HIS H 80 27.82 33.48 43.58
CA HIS H 80 27.62 34.89 43.32
C HIS H 80 27.01 35.56 44.55
N ARG H 81 27.27 36.86 44.68
CA ARG H 81 26.70 37.64 45.75
C ARG H 81 25.25 37.96 45.45
N ILE H 82 24.48 38.18 46.52
CA ILE H 82 23.10 38.65 46.42
C ILE H 82 23.07 40.07 46.99
N THR H 83 22.71 41.04 46.16
CA THR H 83 22.57 42.42 46.61
C THR H 83 21.11 42.78 46.78
N PRO H 84 20.82 43.87 47.49
CA PRO H 84 19.40 44.23 47.72
C PRO H 84 18.68 44.62 46.44
N ASP H 85 19.40 44.96 45.37
CA ASP H 85 18.78 45.33 44.11
C ASP H 85 18.29 44.13 43.32
N MET H 86 18.83 42.94 43.58
CA MET H 86 18.47 41.76 42.82
C MET H 86 17.13 41.21 43.27
N THR H 87 16.37 40.68 42.32
CA THR H 87 15.03 40.16 42.58
C THR H 87 14.85 38.84 41.85
N LEU H 88 13.96 38.01 42.38
CA LEU H 88 13.62 36.73 41.76
C LEU H 88 12.35 36.89 40.94
N GLN H 89 12.41 36.49 39.68
CA GLN H 89 11.27 36.48 38.78
C GLN H 89 10.74 35.05 38.63
N ASN H 90 9.42 34.94 38.49
CA ASN H 90 8.81 33.66 38.16
C ASN H 90 8.88 33.43 36.65
N MET H 91 8.46 32.25 36.22
CA MET H 91 8.47 31.88 34.81
C MET H 91 7.06 31.82 34.29
N LYS H 92 6.82 32.43 33.11
CA LYS H 92 5.46 32.58 32.60
C LYS H 92 4.79 31.24 32.41
N GLY H 93 5.52 30.24 31.93
CA GLY H 93 4.93 28.95 31.63
C GLY H 93 5.35 27.82 32.55
N THR H 94 5.93 28.16 33.70
CA THR H 94 6.44 27.14 34.62
C THR H 94 6.23 27.60 36.07
N GLU H 95 6.00 26.62 36.94
CA GLU H 95 5.83 26.85 38.37
C GLU H 95 6.97 26.18 39.14
N ARG H 96 7.13 26.62 40.38
CA ARG H 96 8.23 26.15 41.23
C ARG H 96 9.58 26.46 40.60
N VAL H 97 9.67 27.56 39.87
CA VAL H 97 10.88 27.95 39.15
C VAL H 97 11.09 29.45 39.34
N TRP H 98 12.29 29.84 39.74
CA TRP H 98 12.66 31.23 39.93
C TRP H 98 13.77 31.60 38.95
N LEU H 99 13.67 32.80 38.38
CA LEU H 99 14.68 33.34 37.50
C LEU H 99 15.32 34.56 38.14
N TRP H 100 16.60 34.78 37.83
CA TRP H 100 17.28 35.99 38.28
C TRP H 100 18.61 36.11 37.56
N THR H 101 19.08 37.34 37.46
CA THR H 101 20.38 37.65 36.86
C THR H 101 21.42 37.76 37.97
N ALA H 102 22.60 37.21 37.74
CA ALA H 102 23.66 37.20 38.72
C ALA H 102 25.00 37.41 38.03
N CYS H 103 26.00 37.78 38.83
CA CYS H 103 27.38 37.93 38.38
C CYS H 103 28.17 36.83 39.06
N ASP H 104 28.28 35.69 38.37
CA ASP H 104 28.73 34.44 38.97
C ASP H 104 30.23 34.22 38.77
N PHE H 105 30.80 33.39 39.65
CA PHE H 105 32.22 33.09 39.61
C PHE H 105 32.50 31.60 39.76
N ALA H 106 31.49 30.74 39.53
CA ALA H 106 31.68 29.31 39.71
C ALA H 106 32.80 28.78 38.81
N ASP H 107 33.05 29.43 37.68
CA ASP H 107 34.11 29.01 36.77
C ASP H 107 35.40 29.81 36.96
N GLY H 108 35.55 30.47 38.11
CA GLY H 108 36.76 31.24 38.36
C GLY H 108 36.91 32.47 37.50
N GLU H 109 35.80 33.10 37.13
CA GLU H 109 35.82 34.24 36.23
C GLU H 109 34.46 34.92 36.32
N ARG H 110 34.46 36.24 36.20
CA ARG H 110 33.20 36.98 36.22
C ARG H 110 32.40 36.64 34.98
N LYS H 111 31.17 36.18 35.17
CA LYS H 111 30.23 35.93 34.09
C LYS H 111 28.87 36.41 34.53
N VAL H 112 28.29 37.37 33.80
CA VAL H 112 26.91 37.79 34.04
C VAL H 112 26.00 36.74 33.42
N GLU H 113 25.18 36.11 34.26
CA GLU H 113 24.41 34.95 33.86
C GLU H 113 22.96 35.10 34.29
N HIS H 114 22.05 34.75 33.39
CA HIS H 114 20.64 34.60 33.72
C HIS H 114 20.45 33.17 34.21
N LEU H 115 19.99 33.02 35.45
CA LEU H 115 19.87 31.71 36.07
C LEU H 115 18.42 31.36 36.32
N ALA H 116 18.15 30.06 36.38
CA ALA H 116 16.82 29.53 36.71
C ALA H 116 17.01 28.34 37.62
N VAL H 117 16.25 28.29 38.70
CA VAL H 117 16.29 27.19 39.65
C VAL H 117 14.91 26.55 39.71
N ARG H 118 14.89 25.22 39.79
CA ARG H 118 13.66 24.44 39.80
C ARG H 118 13.63 23.58 41.05
N PHE H 119 12.53 23.66 41.79
CA PHE H 119 12.33 22.87 42.99
C PHE H 119 11.21 21.86 42.79
N LYS H 120 11.33 20.73 43.49
CA LYS H 120 10.29 19.71 43.42
C LYS H 120 9.00 20.18 44.09
N LEU H 121 9.14 20.88 45.21
CA LEU H 121 8.01 21.23 46.08
C LEU H 121 7.75 22.72 46.02
N GLN H 122 6.47 23.10 46.05
CA GLN H 122 6.11 24.51 46.02
C GLN H 122 6.47 25.20 47.32
N ASP H 123 6.44 24.48 48.44
CA ASP H 123 6.84 25.08 49.71
C ASP H 123 8.32 25.43 49.72
N VAL H 124 9.15 24.57 49.13
CA VAL H 124 10.58 24.85 49.09
C VAL H 124 10.86 26.04 48.20
N ALA H 125 10.08 26.22 47.13
CA ALA H 125 10.27 27.38 46.25
C ALA H 125 9.83 28.67 46.95
N ASP H 126 8.73 28.62 47.69
CA ASP H 126 8.30 29.80 48.45
C ASP H 126 9.29 30.10 49.56
N SER H 127 9.83 29.07 50.21
CA SER H 127 10.85 29.28 51.23
C SER H 127 12.07 29.95 50.63
N PHE H 128 12.53 29.46 49.47
CA PHE H 128 13.68 30.07 48.81
C PHE H 128 13.44 31.54 48.48
N LYS H 129 12.22 31.86 48.03
CA LYS H 129 11.89 33.26 47.73
C LYS H 129 11.88 34.10 48.99
N LYS H 130 11.21 33.63 50.04
CA LYS H 130 11.17 34.35 51.31
C LYS H 130 12.58 34.69 51.78
N ILE H 131 13.40 33.65 51.99
CA ILE H 131 14.70 33.85 52.61
C ILE H 131 15.65 34.59 51.68
N PHE H 132 15.43 34.50 50.36
CA PHE H 132 16.21 35.30 49.42
C PHE H 132 15.97 36.79 49.65
N ASP H 133 14.69 37.19 49.76
CA ASP H 133 14.37 38.59 49.96
C ASP H 133 14.78 39.06 51.35
N GLU H 134 14.66 38.18 52.35
CA GLU H 134 15.06 38.55 53.71
C GLU H 134 16.56 38.75 53.80
N ALA H 135 17.35 37.82 53.26
CA ALA H 135 18.79 37.87 53.45
C ALA H 135 19.44 38.99 52.64
N LYS H 136 18.85 39.37 51.50
CA LYS H 136 19.47 40.39 50.67
C LYS H 136 19.40 41.76 51.32
N THR H 137 18.28 42.06 51.99
CA THR H 137 18.14 43.35 52.67
C THR H 137 18.94 43.41 53.97
N ALA H 138 19.11 42.27 54.64
CA ALA H 138 19.79 42.26 55.94
C ALA H 138 21.19 42.85 55.85
N GLN H 139 21.86 42.67 54.73
CA GLN H 139 23.20 43.21 54.53
C GLN H 139 23.32 44.66 54.98
N GLN I 9 -6.57 -64.51 30.97
CA GLN I 9 -6.04 -63.29 30.38
C GLN I 9 -5.99 -62.16 31.39
N VAL I 10 -4.81 -61.57 31.57
CA VAL I 10 -4.64 -60.46 32.50
C VAL I 10 -4.84 -59.14 31.76
N GLN I 11 -5.63 -58.26 32.37
CA GLN I 11 -5.97 -56.98 31.76
C GLN I 11 -5.69 -55.85 32.74
N PHE I 12 -5.75 -54.62 32.22
CA PHE I 12 -5.61 -53.42 33.03
C PHE I 12 -6.36 -52.29 32.34
N LYS I 13 -7.06 -51.47 33.12
CA LYS I 13 -7.73 -50.29 32.60
C LYS I 13 -6.76 -49.11 32.66
N LEU I 14 -6.45 -48.55 31.49
CA LEU I 14 -5.57 -47.40 31.37
C LEU I 14 -6.37 -46.23 30.83
N VAL I 15 -6.26 -45.08 31.49
CA VAL I 15 -6.90 -43.85 31.04
C VAL I 15 -5.82 -42.94 30.47
N LEU I 16 -6.09 -42.39 29.29
CA LEU I 16 -5.17 -41.53 28.57
C LEU I 16 -5.77 -40.14 28.52
N VAL I 17 -5.09 -39.17 29.13
CA VAL I 17 -5.63 -37.82 29.30
C VAL I 17 -4.59 -36.79 28.87
N GLY I 18 -5.07 -35.63 28.46
CA GLY I 18 -4.19 -34.57 28.02
C GLY I 18 -4.94 -33.56 27.18
N ASP I 19 -4.31 -32.41 27.00
CA ASP I 19 -4.92 -31.35 26.20
C ASP I 19 -5.15 -31.82 24.77
N GLY I 20 -6.10 -31.16 24.10
CA GLY I 20 -6.36 -31.48 22.71
C GLY I 20 -5.14 -31.23 21.84
N GLY I 21 -5.03 -32.03 20.78
CA GLY I 21 -3.93 -31.94 19.86
C GLY I 21 -2.59 -32.38 20.40
N THR I 22 -2.52 -32.90 21.62
CA THR I 22 -1.26 -33.32 22.19
C THR I 22 -0.73 -34.61 21.55
N GLY I 23 -1.59 -35.39 20.92
CA GLY I 23 -1.19 -36.60 20.26
C GLY I 23 -1.60 -37.89 20.94
N LYS I 24 -2.64 -37.87 21.77
CA LYS I 24 -3.07 -39.09 22.45
C LYS I 24 -3.58 -40.12 21.46
N THR I 25 -4.47 -39.72 20.54
CA THR I 25 -5.03 -40.66 19.59
C THR I 25 -3.99 -41.10 18.57
N THR I 26 -3.19 -40.16 18.05
CA THR I 26 -2.11 -40.54 17.15
C THR I 26 -1.16 -41.53 17.79
N PHE I 27 -0.96 -41.41 19.11
CA PHE I 27 -0.11 -42.34 19.83
C PHE I 27 -0.76 -43.72 19.94
N VAL I 28 -2.06 -43.76 20.22
CA VAL I 28 -2.76 -45.03 20.29
C VAL I 28 -2.82 -45.69 18.91
N LYS I 29 -3.15 -44.90 17.89
CA LYS I 29 -3.24 -45.46 16.54
C LYS I 29 -1.89 -46.01 16.08
N ARG I 30 -0.79 -45.37 16.49
CA ARG I 30 0.52 -45.89 16.14
C ARG I 30 0.72 -47.28 16.74
N HIS I 31 0.34 -47.46 18.01
CA HIS I 31 0.47 -48.77 18.64
C HIS I 31 -0.45 -49.80 17.99
N LEU I 32 -1.70 -49.40 17.70
CA LEU I 32 -2.68 -50.34 17.17
C LEU I 32 -2.25 -50.87 15.81
N THR I 33 -2.04 -49.97 14.85
CA THR I 33 -1.88 -50.35 13.46
C THR I 33 -0.51 -50.02 12.86
N GLY I 34 0.34 -49.31 13.59
CA GLY I 34 1.60 -48.86 13.03
C GLY I 34 1.49 -47.69 12.09
N GLU I 35 0.32 -47.07 11.98
CA GLU I 35 0.14 -45.91 11.11
C GLU I 35 0.57 -44.64 11.83
N PHE I 36 0.70 -43.57 11.05
CA PHE I 36 0.87 -42.23 11.61
C PHE I 36 -0.21 -41.32 11.03
N GLU I 37 -1.24 -41.05 11.82
CA GLU I 37 -2.32 -40.15 11.43
C GLU I 37 -1.83 -38.71 11.49
N LYS I 38 -1.85 -38.02 10.36
CA LYS I 38 -1.40 -36.63 10.28
C LYS I 38 -2.50 -35.63 10.62
N LYS I 39 -3.75 -36.00 10.43
CA LYS I 39 -4.87 -35.12 10.74
C LYS I 39 -5.16 -35.10 12.23
N TYR I 40 -5.73 -33.99 12.69
CA TYR I 40 -6.26 -33.86 14.03
C TYR I 40 -7.78 -34.01 13.92
N VAL I 41 -8.30 -35.16 14.33
CA VAL I 41 -9.74 -35.39 14.42
C VAL I 41 -10.04 -35.56 15.90
N ALA I 42 -10.52 -34.50 16.54
CA ALA I 42 -10.71 -34.50 17.98
C ALA I 42 -11.58 -35.67 18.41
N THR I 43 -11.23 -36.28 19.53
CA THR I 43 -11.95 -37.42 20.05
C THR I 43 -13.21 -36.95 20.77
N LEU I 44 -14.33 -37.62 20.47
CA LEU I 44 -15.62 -37.26 21.05
C LEU I 44 -15.94 -38.25 22.16
N GLY I 45 -15.94 -37.77 23.40
CA GLY I 45 -16.16 -38.62 24.55
C GLY I 45 -14.94 -39.45 24.88
N VAL I 46 -15.04 -40.77 24.71
CA VAL I 46 -13.93 -41.67 24.95
C VAL I 46 -14.01 -42.82 23.96
N GLU I 47 -12.86 -43.31 23.53
CA GLU I 47 -12.76 -44.51 22.71
C GLU I 47 -11.84 -45.49 23.43
N VAL I 48 -12.32 -46.72 23.61
CA VAL I 48 -11.58 -47.76 24.32
C VAL I 48 -10.90 -48.65 23.29
N HIS I 49 -9.56 -48.70 23.34
CA HIS I 49 -8.78 -49.48 22.39
C HIS I 49 -7.91 -50.48 23.14
N PRO I 50 -8.06 -51.78 22.90
CA PRO I 50 -7.18 -52.76 23.57
C PRO I 50 -5.82 -52.83 22.90
N LEU I 51 -4.78 -52.84 23.73
CA LEU I 51 -3.40 -53.02 23.27
C LEU I 51 -2.81 -54.22 24.00
N VAL I 52 -2.35 -55.20 23.24
CA VAL I 52 -1.77 -56.43 23.78
C VAL I 52 -0.26 -56.38 23.54
N PHE I 53 0.50 -56.70 24.59
CA PHE I 53 1.95 -56.82 24.50
C PHE I 53 2.36 -58.19 25.03
N HIS I 54 3.25 -58.86 24.31
CA HIS I 54 3.76 -60.15 24.71
C HIS I 54 5.03 -59.96 25.53
N THR I 55 5.00 -60.40 26.78
CA THR I 55 6.13 -60.30 27.69
C THR I 55 6.66 -61.69 27.99
N ASN I 56 7.84 -61.73 28.63
CA ASN I 56 8.40 -63.00 29.05
C ASN I 56 7.64 -63.61 30.22
N ARG I 57 6.68 -62.89 30.79
CA ARG I 57 5.76 -63.44 31.77
C ARG I 57 4.36 -63.63 31.19
N GLY I 58 4.25 -63.71 29.86
CA GLY I 58 2.98 -63.93 29.21
C GLY I 58 2.41 -62.65 28.62
N PRO I 59 1.29 -62.77 27.91
CA PRO I 59 0.66 -61.59 27.31
C PRO I 59 -0.16 -60.80 28.31
N ILE I 60 -0.05 -59.48 28.23
CA ILE I 60 -0.83 -58.57 29.05
C ILE I 60 -1.59 -57.63 28.13
N LYS I 61 -2.80 -57.25 28.53
CA LYS I 61 -3.69 -56.41 27.75
C LYS I 61 -3.90 -55.08 28.45
N PHE I 62 -3.73 -53.99 27.70
CA PHE I 62 -4.07 -52.65 28.17
C PHE I 62 -5.35 -52.21 27.48
N ASN I 63 -6.41 -52.00 28.27
CA ASN I 63 -7.66 -51.44 27.75
C ASN I 63 -7.53 -49.92 27.87
N VAL I 64 -7.04 -49.30 26.80
CA VAL I 64 -6.72 -47.87 26.82
C VAL I 64 -8.01 -47.07 26.62
N TRP I 65 -8.32 -46.23 27.60
CA TRP I 65 -9.45 -45.31 27.51
C TRP I 65 -8.91 -43.98 26.99
N ASP I 66 -8.97 -43.81 25.67
CA ASP I 66 -8.51 -42.58 25.03
C ASP I 66 -9.57 -41.51 25.23
N THR I 67 -9.31 -40.56 26.13
CA THR I 67 -10.28 -39.54 26.50
C THR I 67 -10.06 -38.27 25.69
N ALA I 68 -11.14 -37.51 25.52
CA ALA I 68 -11.06 -36.23 24.83
C ALA I 68 -10.33 -35.21 25.71
N GLY I 69 -9.66 -34.27 25.05
CA GLY I 69 -8.91 -33.25 25.76
C GLY I 69 -9.65 -31.94 25.90
N GLN I 70 -10.68 -31.73 25.10
CA GLN I 70 -11.39 -30.45 25.11
C GLN I 70 -12.25 -30.32 26.36
N GLU I 71 -12.33 -29.10 26.88
CA GLU I 71 -13.02 -28.86 28.15
C GLU I 71 -14.51 -29.17 28.08
N LYS I 72 -15.09 -29.17 26.87
CA LYS I 72 -16.52 -29.48 26.77
C LYS I 72 -16.84 -30.90 27.23
N PHE I 73 -15.83 -31.75 27.41
CA PHE I 73 -16.01 -33.10 27.93
C PHE I 73 -15.55 -33.24 29.37
N GLY I 74 -15.39 -32.11 30.08
CA GLY I 74 -14.94 -32.17 31.46
C GLY I 74 -15.97 -32.72 32.43
N GLY I 75 -17.26 -32.73 32.03
CA GLY I 75 -18.30 -33.24 32.91
C GLY I 75 -18.45 -34.75 32.89
N LEU I 76 -17.86 -35.40 31.89
CA LEU I 76 -17.93 -36.85 31.76
C LEU I 76 -16.64 -37.56 32.10
N ARG I 77 -15.51 -36.85 32.13
CA ARG I 77 -14.22 -37.52 32.30
C ARG I 77 -14.08 -38.13 33.69
N ASP I 78 -14.78 -37.59 34.69
CA ASP I 78 -14.72 -38.18 36.02
C ASP I 78 -15.25 -39.61 36.02
N GLY I 79 -16.25 -39.90 35.18
CA GLY I 79 -16.77 -41.26 35.10
C GLY I 79 -15.85 -42.21 34.37
N TYR I 80 -15.03 -41.69 33.45
CA TYR I 80 -14.07 -42.54 32.75
C TYR I 80 -12.95 -42.99 33.69
N TYR I 81 -12.61 -42.16 34.68
CA TYR I 81 -11.53 -42.49 35.61
C TYR I 81 -11.90 -43.60 36.60
N ILE I 82 -13.18 -43.92 36.72
CA ILE I 82 -13.60 -44.94 37.68
C ILE I 82 -12.96 -46.28 37.33
N GLN I 83 -12.46 -46.96 38.36
CA GLN I 83 -11.87 -48.30 38.21
C GLN I 83 -10.65 -48.28 37.30
N ALA I 84 -9.94 -47.15 37.27
CA ALA I 84 -8.71 -47.03 36.49
C ALA I 84 -7.53 -47.57 37.31
N GLN I 85 -6.73 -48.43 36.68
CA GLN I 85 -5.59 -49.06 37.33
C GLN I 85 -4.26 -48.45 36.93
N CYS I 86 -4.26 -47.53 35.98
CA CYS I 86 -3.06 -46.81 35.55
C CYS I 86 -3.50 -45.71 34.60
N ALA I 87 -2.56 -44.86 34.21
CA ALA I 87 -2.91 -43.72 33.38
C ALA I 87 -1.67 -43.18 32.69
N ILE I 88 -1.91 -42.46 31.59
CA ILE I 88 -0.88 -41.71 30.88
C ILE I 88 -1.37 -40.28 30.70
N ILE I 89 -0.57 -39.34 31.16
CA ILE I 89 -0.82 -37.92 30.92
C ILE I 89 0.11 -37.47 29.80
N MET I 90 -0.45 -36.79 28.80
CA MET I 90 0.32 -36.37 27.63
C MET I 90 0.22 -34.88 27.45
N PHE I 91 1.31 -34.27 26.99
CA PHE I 91 1.37 -32.86 26.64
C PHE I 91 2.28 -32.71 25.44
N ASP I 92 2.21 -31.54 24.80
CA ASP I 92 2.96 -31.24 23.59
C ASP I 92 4.14 -30.34 23.95
N VAL I 93 5.35 -30.80 23.66
CA VAL I 93 6.53 -30.03 24.02
C VAL I 93 6.63 -28.73 23.23
N THR I 94 5.91 -28.62 22.12
CA THR I 94 5.90 -27.39 21.32
C THR I 94 4.84 -26.40 21.76
N SER I 95 4.06 -26.72 22.79
CA SER I 95 2.99 -25.86 23.28
C SER I 95 3.06 -25.83 24.80
N ARG I 96 3.63 -24.75 25.36
CA ARG I 96 3.77 -24.65 26.81
C ARG I 96 2.40 -24.72 27.49
N VAL I 97 1.33 -24.32 26.80
CA VAL I 97 0.00 -24.38 27.38
C VAL I 97 -0.29 -25.80 27.86
N THR I 98 0.00 -26.79 27.02
CA THR I 98 -0.33 -28.17 27.35
C THR I 98 0.38 -28.63 28.61
N TYR I 99 1.62 -28.18 28.82
CA TYR I 99 2.34 -28.57 30.03
C TYR I 99 1.77 -27.88 31.26
N LYS I 100 1.44 -26.59 31.14
CA LYS I 100 0.86 -25.87 32.28
C LYS I 100 -0.42 -26.53 32.79
N ASN I 101 -1.08 -27.34 31.97
CA ASN I 101 -2.30 -28.03 32.36
C ASN I 101 -2.05 -29.45 32.88
N VAL I 102 -0.77 -29.90 32.81
CA VAL I 102 -0.44 -31.23 33.33
C VAL I 102 -0.86 -31.36 34.78
N PRO I 103 -0.63 -30.37 35.64
CA PRO I 103 -1.07 -30.50 37.03
C PRO I 103 -2.57 -30.69 37.16
N ASN I 104 -3.37 -30.00 36.36
CA ASN I 104 -4.83 -30.15 36.46
C ASN I 104 -5.26 -31.55 36.07
N TRP I 105 -4.64 -32.12 35.02
CA TRP I 105 -4.94 -33.50 34.66
C TRP I 105 -4.58 -34.45 35.79
N HIS I 106 -3.39 -34.29 36.38
CA HIS I 106 -3.02 -35.10 37.53
C HIS I 106 -4.00 -34.89 38.68
N ARG I 107 -4.41 -33.65 38.90
CA ARG I 107 -5.33 -33.35 39.99
C ARG I 107 -6.66 -34.07 39.78
N ASP I 108 -7.26 -33.92 38.60
CA ASP I 108 -8.50 -34.63 38.31
C ASP I 108 -8.33 -36.14 38.39
N LEU I 109 -7.11 -36.64 38.21
CA LEU I 109 -6.84 -38.06 38.33
C LEU I 109 -6.79 -38.49 39.80
N VAL I 110 -6.02 -37.78 40.61
CA VAL I 110 -5.90 -38.16 42.02
C VAL I 110 -7.23 -37.99 42.74
N ARG I 111 -8.08 -37.07 42.27
CA ARG I 111 -9.39 -36.89 42.89
C ARG I 111 -10.20 -38.19 42.86
N VAL I 112 -10.09 -38.95 41.77
CA VAL I 112 -10.78 -40.22 41.63
C VAL I 112 -9.83 -41.39 41.78
N CYS I 113 -8.74 -41.39 41.00
CA CYS I 113 -7.82 -42.53 40.99
C CYS I 113 -6.90 -42.52 42.20
N GLU I 114 -6.61 -41.34 42.76
CA GLU I 114 -5.69 -41.23 43.88
C GLU I 114 -4.37 -41.92 43.53
N ASN I 115 -3.99 -42.97 44.26
CA ASN I 115 -2.68 -43.60 44.05
C ASN I 115 -2.79 -44.66 42.96
N ILE I 116 -2.38 -44.30 41.73
CA ILE I 116 -2.20 -45.27 40.66
C ILE I 116 -0.93 -44.93 39.90
N PRO I 117 -0.34 -45.92 39.21
CA PRO I 117 0.86 -45.63 38.41
C PRO I 117 0.52 -44.77 37.21
N ILE I 118 1.21 -43.64 37.09
CA ILE I 118 0.92 -42.65 36.06
C ILE I 118 2.22 -42.32 35.33
N VAL I 119 2.15 -42.30 33.99
CA VAL I 119 3.28 -41.94 33.15
C VAL I 119 2.97 -40.59 32.52
N LEU I 120 3.94 -39.67 32.59
CA LEU I 120 3.86 -38.39 31.92
C LEU I 120 4.68 -38.45 30.63
N CYS I 121 4.09 -37.99 29.54
CA CYS I 121 4.69 -38.12 28.21
C CYS I 121 4.76 -36.76 27.54
N GLY I 122 5.96 -36.34 27.17
CA GLY I 122 6.15 -35.13 26.41
C GLY I 122 6.29 -35.44 24.93
N ASN I 123 5.22 -35.23 24.18
CA ASN I 123 5.12 -35.71 22.81
C ASN I 123 5.64 -34.69 21.81
N LYS I 124 5.92 -35.18 20.60
CA LYS I 124 6.34 -34.38 19.46
C LYS I 124 7.79 -33.91 19.59
N VAL I 125 8.62 -34.69 20.27
CA VAL I 125 10.04 -34.39 20.38
C VAL I 125 10.76 -34.49 19.05
N ASP I 126 10.10 -35.03 18.02
CA ASP I 126 10.68 -35.04 16.69
C ASP I 126 10.80 -33.65 16.09
N ILE I 127 10.08 -32.68 16.66
CA ILE I 127 10.12 -31.30 16.20
C ILE I 127 11.32 -30.59 16.85
N LYS I 128 12.13 -29.94 16.04
CA LYS I 128 13.37 -29.34 16.54
C LYS I 128 13.11 -28.12 17.40
N ASP I 129 12.03 -27.38 17.14
CA ASP I 129 11.69 -26.19 17.92
C ASP I 129 10.88 -26.63 19.13
N ARG I 130 11.56 -26.82 20.26
CA ARG I 130 10.95 -27.31 21.49
C ARG I 130 10.75 -26.13 22.44
N LYS I 131 9.52 -26.01 22.97
CA LYS I 131 9.18 -24.88 23.83
C LYS I 131 9.13 -25.24 25.31
N VAL I 132 8.97 -26.51 25.66
CA VAL I 132 9.03 -26.96 27.04
C VAL I 132 10.33 -27.74 27.22
N LYS I 133 11.38 -27.07 27.67
CA LYS I 133 12.68 -27.70 27.82
C LYS I 133 12.63 -28.79 28.89
N ALA I 134 13.57 -29.73 28.78
CA ALA I 134 13.63 -30.83 29.74
C ALA I 134 13.86 -30.34 31.15
N LYS I 135 14.69 -29.31 31.31
CA LYS I 135 15.00 -28.79 32.64
C LYS I 135 13.77 -28.32 33.38
N SER I 136 12.75 -27.85 32.65
CA SER I 136 11.58 -27.24 33.25
C SER I 136 10.51 -28.25 33.64
N ILE I 137 10.74 -29.54 33.45
CA ILE I 137 9.76 -30.58 33.73
C ILE I 137 10.10 -31.15 35.11
N VAL I 138 9.31 -30.79 36.11
CA VAL I 138 9.51 -31.25 37.48
C VAL I 138 8.23 -31.74 38.13
N PHE I 139 7.12 -31.79 37.41
CA PHE I 139 5.86 -32.15 38.06
C PHE I 139 5.80 -33.63 38.43
N HIS I 140 6.46 -34.49 37.65
CA HIS I 140 6.50 -35.91 38.01
C HIS I 140 7.27 -36.13 39.30
N ARG I 141 8.29 -35.32 39.56
CA ARG I 141 9.13 -35.46 40.75
C ARG I 141 8.32 -35.12 42.00
N GLN I 146 6.63 -41.05 36.66
CA GLN I 146 7.56 -41.48 35.64
C GLN I 146 7.34 -40.71 34.35
N TYR I 147 8.41 -40.16 33.79
CA TYR I 147 8.34 -39.31 32.62
C TYR I 147 9.17 -39.89 31.48
N TYR I 148 8.69 -39.71 30.25
CA TYR I 148 9.42 -40.10 29.05
C TYR I 148 9.24 -39.02 28.00
N ASP I 149 10.29 -38.80 27.21
CA ASP I 149 10.19 -38.02 25.98
C ASP I 149 9.79 -38.96 24.85
N ILE I 150 8.67 -38.68 24.20
CA ILE I 150 8.13 -39.57 23.17
C ILE I 150 7.81 -38.79 21.91
N SER I 151 7.75 -39.53 20.80
CA SER I 151 7.32 -38.99 19.52
C SER I 151 6.52 -40.07 18.81
N ALA I 152 5.23 -39.80 18.59
CA ALA I 152 4.41 -40.74 17.84
C ALA I 152 4.85 -40.83 16.39
N LYS I 153 5.55 -39.82 15.87
CA LYS I 153 5.97 -39.81 14.48
C LYS I 153 7.29 -40.54 14.24
N SER I 154 8.19 -40.54 15.22
CA SER I 154 9.46 -41.24 15.11
C SER I 154 9.50 -42.50 15.96
N ASN I 155 8.43 -42.81 16.67
CA ASN I 155 8.37 -43.99 17.54
C ASN I 155 9.45 -43.97 18.60
N TYR I 156 9.91 -42.78 18.97
CA TYR I 156 10.94 -42.62 19.99
C TYR I 156 10.33 -42.87 21.36
N ASN I 157 10.77 -43.94 22.03
CA ASN I 157 10.33 -44.30 23.37
C ASN I 157 8.84 -44.59 23.46
N PHE I 158 8.16 -44.75 22.32
CA PHE I 158 6.70 -44.88 22.36
C PHE I 158 6.23 -46.18 22.99
N GLU I 159 7.15 -47.11 23.30
CA GLU I 159 6.80 -48.31 24.05
C GLU I 159 7.11 -48.19 25.53
N LYS I 160 7.96 -47.24 25.91
CA LYS I 160 8.36 -47.12 27.31
C LYS I 160 7.18 -46.93 28.25
N PRO I 161 6.19 -46.09 27.96
CA PRO I 161 5.09 -45.93 28.91
C PRO I 161 4.38 -47.24 29.25
N PHE I 162 4.15 -48.10 28.25
CA PHE I 162 3.50 -49.38 28.52
C PHE I 162 4.45 -50.36 29.17
N LEU I 163 5.75 -50.32 28.83
CA LEU I 163 6.72 -51.19 29.47
C LEU I 163 6.85 -50.87 30.95
N TRP I 164 6.92 -49.58 31.28
CA TRP I 164 7.02 -49.18 32.68
C TRP I 164 5.76 -49.54 33.45
N LEU I 165 4.60 -49.14 32.94
CA LEU I 165 3.35 -49.48 33.61
C LEU I 165 3.21 -50.98 33.80
N ALA I 166 3.57 -51.76 32.78
CA ALA I 166 3.54 -53.21 32.91
C ALA I 166 4.40 -53.67 34.09
N ARG I 167 5.64 -53.18 34.16
CA ARG I 167 6.53 -53.58 35.25
C ARG I 167 5.95 -53.20 36.60
N LYS I 168 5.29 -52.04 36.68
CA LYS I 168 4.70 -51.61 37.96
C LYS I 168 3.45 -52.40 38.29
N LEU I 169 2.57 -52.62 37.30
CA LEU I 169 1.31 -53.31 37.56
C LEU I 169 1.56 -54.78 37.91
N ILE I 170 2.56 -55.39 37.28
CA ILE I 170 2.86 -56.79 37.55
C ILE I 170 3.79 -56.97 38.74
N GLY I 171 4.59 -55.95 39.09
CA GLY I 171 5.54 -56.06 40.16
C GLY I 171 6.77 -56.84 39.76
N ASP I 172 7.43 -56.43 38.69
CA ASP I 172 8.58 -57.16 38.15
C ASP I 172 9.45 -56.17 37.37
N PRO I 173 10.44 -55.56 38.01
CA PRO I 173 11.27 -54.57 37.31
C PRO I 173 12.06 -55.14 36.13
N ASN I 174 12.09 -56.47 35.95
CA ASN I 174 12.82 -57.08 34.85
C ASN I 174 11.89 -57.64 33.78
N LEU I 175 10.64 -57.18 33.75
CA LEU I 175 9.71 -57.61 32.70
C LEU I 175 10.15 -57.06 31.35
N GLU I 176 10.20 -57.93 30.35
CA GLU I 176 10.62 -57.57 29.01
C GLU I 176 9.47 -57.79 28.03
N PHE I 177 9.53 -57.07 26.91
CA PHE I 177 8.67 -57.35 25.77
C PHE I 177 9.38 -58.37 24.87
N VAL I 178 8.65 -59.40 24.47
CA VAL I 178 9.22 -60.48 23.68
C VAL I 178 8.46 -60.59 22.37
N ALA I 179 9.15 -61.13 21.35
CA ALA I 179 8.57 -61.24 20.02
C ALA I 179 7.20 -61.90 20.08
N MET I 180 6.28 -61.40 19.28
CA MET I 180 4.93 -61.94 19.23
C MET I 180 4.93 -63.26 18.48
N PRO I 181 4.27 -64.30 18.98
CA PRO I 181 4.22 -65.57 18.25
C PRO I 181 3.58 -65.40 16.89
N ALA I 182 4.22 -65.95 15.86
CA ALA I 182 3.74 -65.90 14.48
C ALA I 182 3.21 -67.29 14.11
N LEU I 183 1.95 -67.53 14.41
CA LEU I 183 1.32 -68.81 14.11
C LEU I 183 1.28 -69.03 12.59
N ALA I 184 1.09 -70.30 12.21
CA ALA I 184 1.08 -70.65 10.80
C ALA I 184 -0.06 -69.95 10.07
N PRO I 185 0.20 -69.26 8.96
CA PRO I 185 -0.86 -68.51 8.28
C PRO I 185 -1.61 -69.37 7.30
N PRO I 186 -2.95 -69.43 7.40
CA PRO I 186 -3.73 -70.20 6.43
C PRO I 186 -3.45 -69.76 5.00
N GLU I 187 -3.33 -70.74 4.11
CA GLU I 187 -3.14 -70.45 2.69
C GLU I 187 -4.49 -70.14 2.05
N VAL I 188 -4.55 -69.02 1.33
CA VAL I 188 -5.76 -68.61 0.64
C VAL I 188 -5.40 -68.26 -0.80
N VAL I 189 -6.19 -68.75 -1.75
CA VAL I 189 -5.93 -68.58 -3.16
C VAL I 189 -7.19 -68.09 -3.84
N MET I 190 -7.00 -67.32 -4.91
CA MET I 190 -8.08 -66.64 -5.60
C MET I 190 -8.32 -67.28 -6.97
N ASP I 191 -9.58 -67.52 -7.29
CA ASP I 191 -9.91 -67.90 -8.65
C ASP I 191 -9.49 -66.77 -9.59
N PRO I 192 -8.89 -67.10 -10.75
CA PRO I 192 -8.25 -66.05 -11.56
C PRO I 192 -9.12 -64.84 -11.84
N ALA I 193 -10.44 -65.00 -11.78
CA ALA I 193 -11.35 -63.88 -12.00
C ALA I 193 -11.26 -62.88 -10.84
N LEU I 194 -11.38 -63.38 -9.60
CA LEU I 194 -11.27 -62.52 -8.45
C LEU I 194 -9.85 -61.98 -8.29
N ALA I 195 -8.85 -62.79 -8.65
CA ALA I 195 -7.47 -62.33 -8.58
C ALA I 195 -7.25 -61.11 -9.47
N ALA I 196 -7.92 -61.08 -10.62
CA ALA I 196 -7.77 -59.95 -11.52
C ALA I 196 -8.36 -58.68 -10.92
N GLN I 197 -9.49 -58.80 -10.22
CA GLN I 197 -10.09 -57.65 -9.57
C GLN I 197 -9.12 -57.04 -8.54
N TYR I 198 -8.49 -57.90 -7.73
CA TYR I 198 -7.49 -57.41 -6.79
C TYR I 198 -6.24 -56.94 -7.50
N GLU I 199 -5.88 -57.59 -8.61
CA GLU I 199 -4.73 -57.13 -9.40
C GLU I 199 -4.96 -55.73 -9.95
N HIS I 200 -6.22 -55.39 -10.25
CA HIS I 200 -6.55 -54.05 -10.74
C HIS I 200 -6.62 -53.04 -9.60
N ASP I 201 -7.14 -53.46 -8.43
CA ASP I 201 -7.10 -52.60 -7.26
C ASP I 201 -5.66 -52.23 -6.92
N LEU I 202 -4.74 -53.19 -6.96
CA LEU I 202 -3.35 -52.89 -6.69
C LEU I 202 -2.81 -51.86 -7.67
N GLU I 203 -3.14 -52.01 -8.96
CA GLU I 203 -2.73 -51.02 -9.94
C GLU I 203 -3.26 -49.63 -9.59
N VAL I 204 -4.50 -49.56 -9.11
CA VAL I 204 -5.07 -48.28 -8.69
C VAL I 204 -4.29 -47.71 -7.52
N ALA I 205 -4.12 -48.50 -6.46
CA ALA I 205 -3.35 -48.06 -5.30
C ALA I 205 -1.93 -47.67 -5.70
N GLN I 206 -1.37 -48.32 -6.72
CA GLN I 206 -0.02 -48.02 -7.16
C GLN I 206 0.13 -46.57 -7.59
N THR I 207 -0.97 -45.88 -7.92
CA THR I 207 -0.88 -44.51 -8.40
C THR I 207 -0.76 -43.51 -7.26
N THR I 208 -1.29 -43.83 -6.08
CA THR I 208 -1.13 -42.96 -4.92
C THR I 208 0.21 -43.25 -4.24
N ALA I 209 0.94 -42.19 -3.92
CA ALA I 209 2.27 -42.32 -3.38
C ALA I 209 2.23 -42.70 -1.90
N LEU I 210 3.38 -43.13 -1.38
CA LEU I 210 3.51 -43.51 0.02
C LEU I 210 3.64 -42.26 0.89
N PRO I 211 3.17 -42.33 2.14
CA PRO I 211 3.02 -41.09 2.92
C PRO I 211 4.36 -40.46 3.31
N ASP I 212 5.37 -41.25 3.66
CA ASP I 212 6.64 -40.73 4.11
C ASP I 212 7.67 -40.63 2.98
N GLU I 213 7.21 -40.48 1.74
CA GLU I 213 8.13 -40.34 0.62
C GLU I 213 9.08 -39.17 0.82
N ASP I 214 8.67 -38.17 1.60
CA ASP I 214 9.44 -36.95 1.78
C ASP I 214 10.39 -36.99 2.98
N ASP I 215 10.42 -38.10 3.72
CA ASP I 215 11.30 -38.22 4.87
C ASP I 215 12.67 -38.71 4.43
N LEU J 12 0.52 -62.58 39.96
CA LEU J 12 1.79 -62.66 39.25
C LEU J 12 1.84 -63.91 38.36
N PRO J 13 1.67 -63.74 37.05
CA PRO J 13 1.78 -64.90 36.16
C PRO J 13 3.21 -65.39 36.04
N ASP J 14 3.34 -66.72 35.91
CA ASP J 14 4.66 -67.34 35.88
C ASP J 14 5.40 -67.04 34.58
N LEU J 15 6.72 -67.15 34.64
CA LEU J 15 7.53 -67.03 33.44
C LEU J 15 7.09 -68.06 32.39
N VAL J 16 6.96 -67.62 31.15
CA VAL J 16 6.48 -68.45 30.07
C VAL J 16 7.60 -68.69 29.07
N GLU J 17 7.56 -69.86 28.42
CA GLU J 17 8.56 -70.21 27.43
C GLU J 17 8.39 -69.33 26.19
N VAL J 18 9.45 -68.64 25.81
CA VAL J 18 9.39 -67.72 24.67
C VAL J 18 9.46 -68.54 23.38
N SER J 19 8.42 -68.42 22.55
CA SER J 19 8.30 -69.18 21.31
C SER J 19 7.95 -68.22 20.19
N SER J 20 8.79 -68.19 19.15
CA SER J 20 8.53 -67.32 18.00
C SER J 20 7.60 -67.96 16.99
N GLY J 21 7.41 -69.28 17.05
CA GLY J 21 6.64 -69.98 16.04
C GLY J 21 7.37 -70.22 14.74
N GLU J 22 8.65 -69.85 14.66
CA GLU J 22 9.47 -70.02 13.47
C GLU J 22 10.52 -71.11 13.64
N GLU J 23 10.35 -71.97 14.65
CA GLU J 23 11.39 -72.94 14.98
C GLU J 23 11.58 -73.98 13.88
N ASN J 24 10.50 -74.37 13.20
CA ASN J 24 10.55 -75.36 12.13
C ASN J 24 10.69 -74.73 10.75
N GLU J 25 11.30 -73.56 10.66
CA GLU J 25 11.41 -72.83 9.40
C GLU J 25 12.81 -72.25 9.26
N GLN J 26 13.24 -72.09 8.02
CA GLN J 26 14.52 -71.49 7.70
C GLN J 26 14.32 -70.05 7.24
N VAL J 27 15.22 -69.17 7.68
CA VAL J 27 15.20 -67.77 7.26
C VAL J 27 16.00 -67.69 5.96
N VAL J 28 15.29 -67.59 4.83
CA VAL J 28 15.96 -67.42 3.54
C VAL J 28 16.16 -65.95 3.19
N PHE J 29 15.49 -65.04 3.90
CA PHE J 29 15.71 -63.61 3.76
C PHE J 29 15.35 -62.93 5.08
N SER J 30 16.18 -61.98 5.50
CA SER J 30 15.87 -61.17 6.68
C SER J 30 16.65 -59.88 6.60
N HIS J 31 15.95 -58.76 6.53
CA HIS J 31 16.59 -57.46 6.51
C HIS J 31 15.60 -56.39 6.94
N ARG J 32 16.14 -55.26 7.36
CA ARG J 32 15.31 -54.16 7.84
C ARG J 32 14.61 -53.46 6.68
N ALA J 33 13.36 -53.08 6.90
CA ALA J 33 12.57 -52.44 5.87
C ALA J 33 11.40 -51.71 6.52
N LYS J 34 10.63 -51.01 5.68
CA LYS J 34 9.44 -50.28 6.09
C LYS J 34 8.26 -50.80 5.29
N LEU J 35 7.17 -51.13 5.98
CA LEU J 35 6.00 -51.72 5.36
C LEU J 35 4.83 -50.74 5.40
N TYR J 36 4.08 -50.70 4.30
CA TYR J 36 2.91 -49.85 4.17
C TYR J 36 1.72 -50.70 3.74
N ARG J 37 0.52 -50.26 4.14
CA ARG J 37 -0.70 -50.97 3.84
C ARG J 37 -1.71 -49.99 3.26
N TYR J 38 -2.24 -50.32 2.09
CA TYR J 38 -3.25 -49.47 1.45
C TYR J 38 -4.57 -49.59 2.17
N ASP J 39 -5.27 -48.47 2.32
CA ASP J 39 -6.57 -48.40 2.97
C ASP J 39 -7.61 -48.05 1.92
N LYS J 40 -8.38 -49.05 1.49
CA LYS J 40 -9.37 -48.83 0.43
C LYS J 40 -10.39 -47.78 0.84
N ASP J 41 -10.80 -47.77 2.11
CA ASP J 41 -11.86 -46.88 2.55
C ASP J 41 -11.52 -45.42 2.27
N VAL J 42 -10.27 -45.02 2.55
CA VAL J 42 -9.85 -43.64 2.36
C VAL J 42 -8.93 -43.47 1.16
N GLY J 43 -8.50 -44.55 0.51
CA GLY J 43 -7.72 -44.44 -0.70
C GLY J 43 -6.31 -43.95 -0.48
N GLN J 44 -5.69 -44.27 0.65
CA GLN J 44 -4.38 -43.78 0.98
C GLN J 44 -3.52 -44.93 1.51
N TRP J 45 -2.23 -44.86 1.19
CA TRP J 45 -1.27 -45.77 1.81
C TRP J 45 -0.97 -45.32 3.23
N LYS J 46 -0.95 -46.27 4.16
CA LYS J 46 -0.64 -46.00 5.55
C LYS J 46 0.61 -46.78 5.96
N GLU J 47 1.40 -46.20 6.85
CA GLU J 47 2.51 -46.94 7.44
C GLU J 47 1.96 -48.14 8.19
N ARG J 48 2.63 -49.29 8.03
CA ARG J 48 2.22 -50.51 8.69
C ARG J 48 3.21 -50.95 9.76
N GLY J 49 4.50 -50.78 9.53
CA GLY J 49 5.49 -51.17 10.52
C GLY J 49 6.89 -50.99 9.99
N ILE J 50 7.85 -51.05 10.91
CA ILE J 50 9.26 -50.93 10.57
C ILE J 50 10.02 -51.99 11.36
N GLY J 51 10.85 -52.76 10.67
CA GLY J 51 11.56 -53.85 11.31
C GLY J 51 12.14 -54.79 10.26
N ASP J 52 12.46 -56.00 10.68
CA ASP J 52 13.04 -57.01 9.80
C ASP J 52 11.92 -57.78 9.12
N ILE J 53 11.81 -57.63 7.81
CA ILE J 53 10.87 -58.42 7.01
C ILE J 53 11.57 -59.72 6.60
N LYS J 54 10.93 -60.84 6.88
CA LYS J 54 11.55 -62.15 6.72
C LYS J 54 10.72 -63.04 5.81
N ILE J 55 11.41 -63.74 4.91
CA ILE J 55 10.82 -64.82 4.12
C ILE J 55 11.24 -66.12 4.79
N LEU J 56 10.27 -66.90 5.26
CA LEU J 56 10.52 -68.14 5.96
C LEU J 56 10.08 -69.33 5.11
N GLN J 57 10.83 -70.43 5.20
CA GLN J 57 10.47 -71.68 4.53
C GLN J 57 10.57 -72.81 5.54
N ASN J 58 9.48 -73.58 5.68
CA ASN J 58 9.47 -74.73 6.56
C ASN J 58 10.23 -75.88 5.90
N TYR J 59 11.17 -76.46 6.64
CA TYR J 59 11.99 -77.55 6.09
C TYR J 59 11.11 -78.70 5.61
N ASP J 60 10.23 -79.18 6.49
CA ASP J 60 9.49 -80.41 6.21
C ASP J 60 8.62 -80.27 4.97
N ASN J 61 7.65 -79.37 5.00
CA ASN J 61 6.67 -79.25 3.92
C ASN J 61 7.01 -78.20 2.88
N LYS J 62 8.13 -77.49 3.05
CA LYS J 62 8.61 -76.50 2.08
C LYS J 62 7.66 -75.32 1.92
N GLN J 63 6.79 -75.07 2.90
CA GLN J 63 5.83 -73.97 2.79
C GLN J 63 6.52 -72.65 3.11
N VAL J 64 6.27 -71.65 2.27
CA VAL J 64 6.91 -70.34 2.36
C VAL J 64 5.90 -69.33 2.90
N ARG J 65 6.39 -68.40 3.71
CA ARG J 65 5.58 -67.29 4.20
C ARG J 65 6.47 -66.08 4.42
N ILE J 66 5.84 -64.92 4.51
CA ILE J 66 6.51 -63.68 4.91
C ILE J 66 6.08 -63.35 6.32
N VAL J 67 7.05 -62.96 7.15
CA VAL J 67 6.80 -62.54 8.53
C VAL J 67 7.59 -61.27 8.78
N MET J 68 6.99 -60.35 9.52
CA MET J 68 7.63 -59.09 9.87
C MET J 68 7.10 -58.62 11.21
N ARG J 69 8.00 -58.18 12.08
CA ARG J 69 7.65 -57.64 13.38
C ARG J 69 8.08 -56.18 13.47
N ARG J 70 7.39 -55.43 14.32
CA ARG J 70 7.68 -54.03 14.52
C ARG J 70 8.73 -53.85 15.60
N ASP J 71 9.45 -52.74 15.52
CA ASP J 71 10.46 -52.43 16.53
C ASP J 71 9.80 -52.02 17.85
N GLN J 72 10.51 -52.27 18.94
CA GLN J 72 10.11 -51.82 20.27
C GLN J 72 8.87 -52.55 20.76
N VAL J 73 7.75 -52.45 20.04
CA VAL J 73 6.56 -53.18 20.45
C VAL J 73 6.70 -54.67 20.15
N LEU J 74 7.44 -55.02 19.09
CA LEU J 74 7.72 -56.41 18.75
C LEU J 74 6.45 -57.18 18.38
N LYS J 75 5.47 -56.49 17.79
CA LYS J 75 4.25 -57.12 17.32
C LYS J 75 4.36 -57.43 15.82
N LEU J 76 3.49 -58.32 15.35
CA LEU J 76 3.46 -58.67 13.95
C LEU J 76 2.79 -57.57 13.13
N CYS J 77 3.45 -57.20 12.02
CA CYS J 77 2.83 -56.37 11.01
C CYS J 77 2.71 -57.10 9.67
N ALA J 78 3.08 -58.37 9.62
CA ALA J 78 2.91 -59.18 8.42
C ALA J 78 3.02 -60.65 8.79
N ASN J 79 2.11 -61.46 8.24
CA ASN J 79 2.15 -62.90 8.37
C ASN J 79 1.21 -63.52 7.36
N HIS J 80 1.75 -63.89 6.19
CA HIS J 80 0.94 -64.39 5.09
C HIS J 80 1.77 -65.34 4.25
N ARG J 81 1.10 -66.35 3.70
CA ARG J 81 1.75 -67.28 2.80
C ARG J 81 2.12 -66.59 1.49
N ILE J 82 3.18 -67.09 0.87
CA ILE J 82 3.50 -66.79 -0.52
C ILE J 82 3.13 -68.01 -1.35
N THR J 83 2.31 -67.80 -2.37
CA THR J 83 1.93 -68.85 -3.31
C THR J 83 2.58 -68.61 -4.66
N PRO J 84 2.73 -69.64 -5.49
CA PRO J 84 3.39 -69.44 -6.79
C PRO J 84 2.70 -68.42 -7.67
N ASP J 85 1.41 -68.16 -7.46
CA ASP J 85 0.68 -67.21 -8.29
C ASP J 85 0.98 -65.76 -7.92
N MET J 86 1.49 -65.52 -6.71
CA MET J 86 1.74 -64.15 -6.26
C MET J 86 2.96 -63.57 -6.96
N THR J 87 2.90 -62.27 -7.24
CA THR J 87 3.99 -61.57 -7.91
C THR J 87 4.19 -60.21 -7.24
N LEU J 88 5.44 -59.74 -7.29
CA LEU J 88 5.79 -58.42 -6.77
C LEU J 88 5.75 -57.39 -7.90
N GLN J 89 4.98 -56.33 -7.70
CA GLN J 89 4.88 -55.24 -8.65
C GLN J 89 5.70 -54.05 -8.19
N ASN J 90 6.22 -53.29 -9.15
CA ASN J 90 6.89 -52.05 -8.83
C ASN J 90 5.87 -50.95 -8.58
N MET J 91 6.36 -49.83 -8.05
CA MET J 91 5.58 -48.59 -7.93
C MET J 91 6.16 -47.61 -8.94
N LYS J 92 5.37 -47.28 -9.97
CA LYS J 92 5.86 -46.53 -11.12
C LYS J 92 6.80 -45.40 -10.72
N GLY J 93 6.34 -44.53 -9.82
CA GLY J 93 7.12 -43.35 -9.46
C GLY J 93 8.21 -43.58 -8.45
N THR J 94 8.18 -44.68 -7.72
CA THR J 94 9.10 -44.93 -6.63
C THR J 94 10.05 -46.07 -6.99
N GLU J 95 11.22 -46.06 -6.36
CA GLU J 95 12.22 -47.10 -6.54
C GLU J 95 12.55 -47.72 -5.19
N ARG J 96 13.16 -48.90 -5.24
CA ARG J 96 13.46 -49.69 -4.04
C ARG J 96 12.19 -50.01 -3.26
N VAL J 97 11.08 -50.17 -3.97
CA VAL J 97 9.77 -50.42 -3.35
C VAL J 97 9.06 -51.49 -4.17
N TRP J 98 8.51 -52.49 -3.47
CA TRP J 98 7.76 -53.56 -4.10
C TRP J 98 6.33 -53.55 -3.57
N LEU J 99 5.37 -53.80 -4.47
CA LEU J 99 3.97 -53.93 -4.13
C LEU J 99 3.51 -55.36 -4.38
N TRP J 100 2.58 -55.84 -3.55
CA TRP J 100 1.96 -57.14 -3.79
C TRP J 100 0.74 -57.28 -2.90
N THR J 101 -0.18 -58.14 -3.33
CA THR J 101 -1.41 -58.43 -2.60
C THR J 101 -1.25 -59.74 -1.83
N ALA J 102 -1.74 -59.75 -0.60
CA ALA J 102 -1.57 -60.90 0.27
C ALA J 102 -2.80 -61.05 1.16
N CYS J 103 -2.98 -62.27 1.66
CA CYS J 103 -4.03 -62.57 2.64
C CYS J 103 -3.34 -62.69 3.98
N ASP J 104 -3.38 -61.63 4.77
CA ASP J 104 -2.53 -61.49 5.93
C ASP J 104 -3.27 -61.84 7.22
N PHE J 105 -2.51 -62.32 8.21
CA PHE J 105 -3.05 -62.73 9.50
C PHE J 105 -2.28 -62.12 10.66
N ALA J 106 -1.58 -61.00 10.43
CA ALA J 106 -0.81 -60.37 11.50
C ALA J 106 -1.71 -59.93 12.65
N ASP J 107 -2.98 -59.65 12.38
CA ASP J 107 -3.92 -59.23 13.40
C ASP J 107 -4.78 -60.37 13.91
N GLY J 108 -4.46 -61.62 13.55
CA GLY J 108 -5.25 -62.75 13.97
C GLY J 108 -6.54 -62.94 13.21
N GLU J 109 -6.62 -62.42 11.98
CA GLU J 109 -7.85 -62.47 11.20
C GLU J 109 -7.47 -62.33 9.73
N ARG J 110 -8.14 -63.08 8.86
CA ARG J 110 -7.86 -62.96 7.44
C ARG J 110 -8.17 -61.54 6.96
N LYS J 111 -7.17 -60.91 6.35
CA LYS J 111 -7.34 -59.59 5.77
C LYS J 111 -6.60 -59.58 4.44
N VAL J 112 -7.34 -59.46 3.34
CA VAL J 112 -6.71 -59.24 2.05
C VAL J 112 -6.15 -57.82 2.04
N GLU J 113 -4.86 -57.68 1.79
CA GLU J 113 -4.18 -56.40 1.96
C GLU J 113 -3.25 -56.16 0.78
N HIS J 114 -3.30 -54.93 0.25
CA HIS J 114 -2.29 -54.44 -0.68
C HIS J 114 -1.13 -53.89 0.13
N LEU J 115 0.05 -54.49 -0.02
CA LEU J 115 1.21 -54.13 0.79
C LEU J 115 2.30 -53.51 -0.06
N ALA J 116 3.12 -52.69 0.57
CA ALA J 116 4.27 -52.07 -0.07
C ALA J 116 5.44 -52.11 0.91
N VAL J 117 6.60 -52.52 0.42
CA VAL J 117 7.82 -52.61 1.22
C VAL J 117 8.86 -51.68 0.62
N ARG J 118 9.65 -51.06 1.49
CA ARG J 118 10.67 -50.08 1.10
C ARG J 118 12.00 -50.45 1.72
N PHE J 119 13.03 -50.59 0.88
CA PHE J 119 14.37 -50.90 1.33
C PHE J 119 15.28 -49.70 1.13
N LYS J 120 16.26 -49.55 2.01
CA LYS J 120 17.22 -48.46 1.87
C LYS J 120 18.07 -48.63 0.62
N LEU J 121 18.47 -49.87 0.33
CA LEU J 121 19.47 -50.17 -0.69
C LEU J 121 18.83 -50.92 -1.85
N GLN J 122 19.24 -50.57 -3.07
CA GLN J 122 18.68 -51.22 -4.26
C GLN J 122 19.05 -52.69 -4.34
N ASP J 123 20.24 -53.06 -3.86
CA ASP J 123 20.64 -54.46 -3.92
C ASP J 123 19.81 -55.31 -2.97
N VAL J 124 19.41 -54.75 -1.83
CA VAL J 124 18.54 -55.49 -0.91
C VAL J 124 17.17 -55.69 -1.54
N ALA J 125 16.68 -54.70 -2.29
CA ALA J 125 15.42 -54.85 -2.99
C ALA J 125 15.50 -55.96 -4.03
N ASP J 126 16.54 -55.92 -4.87
CA ASP J 126 16.71 -56.97 -5.88
C ASP J 126 16.85 -58.34 -5.23
N SER J 127 17.50 -58.40 -4.06
CA SER J 127 17.63 -59.65 -3.33
C SER J 127 16.27 -60.15 -2.83
N PHE J 128 15.45 -59.22 -2.31
CA PHE J 128 14.12 -59.59 -1.86
C PHE J 128 13.27 -60.13 -3.00
N LYS J 129 13.35 -59.49 -4.17
CA LYS J 129 12.63 -59.97 -5.35
C LYS J 129 13.11 -61.36 -5.75
N LYS J 130 14.42 -61.52 -5.92
CA LYS J 130 14.99 -62.80 -6.34
C LYS J 130 14.52 -63.92 -5.43
N ILE J 131 14.76 -63.78 -4.13
CA ILE J 131 14.39 -64.84 -3.19
C ILE J 131 12.88 -65.05 -3.18
N PHE J 132 12.11 -63.97 -3.34
CA PHE J 132 10.65 -64.09 -3.37
C PHE J 132 10.21 -65.01 -4.49
N ASP J 133 10.76 -64.83 -5.69
CA ASP J 133 10.35 -65.63 -6.83
C ASP J 133 10.90 -67.05 -6.75
N GLU J 134 12.12 -67.21 -6.24
CA GLU J 134 12.68 -68.55 -6.06
C GLU J 134 11.84 -69.35 -5.07
N ALA J 135 11.60 -68.79 -3.89
CA ALA J 135 10.96 -69.54 -2.81
C ALA J 135 9.54 -69.94 -3.19
N LYS J 136 8.82 -69.08 -3.90
CA LYS J 136 7.41 -69.37 -4.16
C LYS J 136 7.23 -70.60 -5.04
N THR J 137 8.17 -70.86 -5.95
CA THR J 137 8.09 -72.06 -6.78
C THR J 137 8.54 -73.31 -6.05
N ALA J 138 9.38 -73.16 -5.02
CA ALA J 138 9.97 -74.32 -4.37
C ALA J 138 8.93 -75.12 -3.58
N GLN J 139 7.90 -74.46 -3.07
CA GLN J 139 6.90 -75.13 -2.24
C GLN J 139 6.35 -76.38 -2.90
N GLN K 9 -2.05 44.06 -45.66
CA GLN K 9 -1.92 43.17 -44.52
C GLN K 9 -1.62 41.74 -44.97
N VAL K 10 -0.95 40.97 -44.10
CA VAL K 10 -0.52 39.61 -44.43
C VAL K 10 -1.62 38.64 -44.03
N GLN K 11 -2.15 37.92 -45.01
CA GLN K 11 -3.19 36.92 -44.79
C GLN K 11 -2.71 35.54 -45.21
N PHE K 12 -3.39 34.51 -44.70
CA PHE K 12 -3.12 33.13 -45.08
C PHE K 12 -4.44 32.37 -45.05
N LYS K 13 -4.62 31.49 -46.05
CA LYS K 13 -5.77 30.59 -46.06
C LYS K 13 -5.40 29.31 -45.33
N LEU K 14 -6.09 29.04 -44.23
CA LEU K 14 -5.86 27.84 -43.42
C LEU K 14 -7.08 26.93 -43.52
N VAL K 15 -6.83 25.66 -43.83
CA VAL K 15 -7.88 24.66 -43.94
C VAL K 15 -7.82 23.75 -42.72
N LEU K 16 -8.96 23.55 -42.08
CA LEU K 16 -9.06 22.78 -40.85
C LEU K 16 -9.89 21.54 -41.12
N VAL K 17 -9.26 20.36 -41.00
CA VAL K 17 -9.87 19.09 -41.36
C VAL K 17 -9.71 18.11 -40.20
N GLY K 18 -10.47 17.04 -40.28
CA GLY K 18 -10.48 16.01 -39.26
C GLY K 18 -11.84 15.36 -39.18
N ASP K 19 -11.89 14.24 -38.46
CA ASP K 19 -13.14 13.51 -38.30
C ASP K 19 -14.17 14.38 -37.58
N GLY K 20 -15.44 14.10 -37.85
CA GLY K 20 -16.50 14.77 -37.13
C GLY K 20 -16.41 14.50 -35.64
N GLY K 21 -16.72 15.53 -34.84
CA GLY K 21 -16.67 15.42 -33.40
C GLY K 21 -15.29 15.60 -32.79
N THR K 22 -14.26 15.82 -33.61
CA THR K 22 -12.92 16.01 -33.08
C THR K 22 -12.74 17.35 -32.38
N GLY K 23 -13.63 18.31 -32.61
CA GLY K 23 -13.57 19.59 -31.95
C GLY K 23 -13.05 20.74 -32.79
N LYS K 24 -13.05 20.61 -34.11
CA LYS K 24 -12.53 21.68 -34.97
C LYS K 24 -13.29 22.98 -34.77
N THR K 25 -14.63 22.92 -34.82
CA THR K 25 -15.41 24.13 -34.65
C THR K 25 -15.27 24.70 -33.24
N THR K 26 -15.35 23.85 -32.23
CA THR K 26 -15.15 24.32 -30.86
C THR K 26 -13.78 24.97 -30.71
N PHE K 27 -12.78 24.51 -31.46
CA PHE K 27 -11.45 25.08 -31.35
C PHE K 27 -11.37 26.45 -32.00
N VAL K 28 -12.02 26.63 -33.15
CA VAL K 28 -12.03 27.92 -33.82
C VAL K 28 -12.87 28.92 -33.05
N LYS K 29 -14.10 28.53 -32.70
CA LYS K 29 -14.96 29.43 -31.94
C LYS K 29 -14.31 29.85 -30.63
N ARG K 30 -13.49 28.98 -30.04
CA ARG K 30 -12.76 29.38 -28.83
C ARG K 30 -11.79 30.52 -29.14
N HIS K 31 -11.08 30.43 -30.27
CA HIS K 31 -10.20 31.52 -30.68
C HIS K 31 -11.00 32.77 -31.02
N LEU K 32 -12.12 32.62 -31.72
CA LEU K 32 -12.89 33.77 -32.17
C LEU K 32 -13.40 34.59 -31.00
N THR K 33 -14.16 33.95 -30.12
CA THR K 33 -14.95 34.65 -29.12
C THR K 33 -14.57 34.32 -27.69
N GLY K 34 -13.74 33.32 -27.45
CA GLY K 34 -13.45 32.86 -26.11
C GLY K 34 -14.51 31.95 -25.53
N GLU K 35 -15.52 31.58 -26.32
CA GLU K 35 -16.56 30.69 -25.85
C GLU K 35 -16.11 29.24 -25.95
N PHE K 36 -16.78 28.37 -25.18
CA PHE K 36 -16.61 26.93 -25.29
C PHE K 36 -17.97 26.31 -25.62
N GLU K 37 -18.18 25.99 -26.90
CA GLU K 37 -19.40 25.33 -27.32
C GLU K 37 -19.40 23.89 -26.79
N LYS K 38 -20.40 23.56 -25.96
CA LYS K 38 -20.50 22.21 -25.41
C LYS K 38 -21.23 21.25 -26.34
N LYS K 39 -22.07 21.76 -27.23
CA LYS K 39 -22.86 20.93 -28.13
C LYS K 39 -22.07 20.59 -29.38
N TYR K 40 -22.35 19.40 -29.92
CA TYR K 40 -21.78 18.96 -31.20
C TYR K 40 -22.81 19.26 -32.28
N VAL K 41 -22.76 20.47 -32.82
CA VAL K 41 -23.58 20.86 -33.95
C VAL K 41 -22.70 20.72 -35.20
N ALA K 42 -22.96 19.68 -35.99
CA ALA K 42 -22.07 19.36 -37.09
C ALA K 42 -22.02 20.48 -38.11
N THR K 43 -20.82 20.77 -38.59
CA THR K 43 -20.63 21.79 -39.61
C THR K 43 -21.15 21.30 -40.95
N LEU K 44 -21.75 22.20 -41.72
CA LEU K 44 -22.33 21.88 -43.02
C LEU K 44 -21.49 22.56 -44.09
N GLY K 45 -20.79 21.75 -44.89
CA GLY K 45 -19.91 22.28 -45.92
C GLY K 45 -18.64 22.87 -45.35
N VAL K 46 -18.56 24.20 -45.30
CA VAL K 46 -17.41 24.88 -44.74
C VAL K 46 -17.86 26.24 -44.22
N GLU K 47 -17.19 26.71 -43.18
CA GLU K 47 -17.38 28.06 -42.64
C GLU K 47 -16.01 28.71 -42.52
N VAL K 48 -15.89 29.93 -43.04
CA VAL K 48 -14.63 30.65 -43.07
C VAL K 48 -14.63 31.70 -41.97
N HIS K 49 -13.65 31.61 -41.08
CA HIS K 49 -13.56 32.52 -39.94
C HIS K 49 -12.18 33.19 -39.92
N PRO K 50 -12.11 34.52 -39.83
CA PRO K 50 -10.80 35.18 -39.74
C PRO K 50 -10.27 35.27 -38.32
N LEU K 51 -9.04 34.83 -38.10
CA LEU K 51 -8.36 34.93 -36.81
C LEU K 51 -7.14 35.82 -36.97
N VAL K 52 -7.04 36.86 -36.15
CA VAL K 52 -5.95 37.83 -36.19
C VAL K 52 -5.11 37.66 -34.94
N PHE K 53 -3.80 37.53 -35.13
CA PHE K 53 -2.85 37.43 -34.03
C PHE K 53 -1.82 38.54 -34.19
N HIS K 54 -1.51 39.21 -33.09
CA HIS K 54 -0.56 40.31 -33.10
C HIS K 54 0.82 39.78 -32.72
N THR K 55 1.78 39.94 -33.63
CA THR K 55 3.15 39.49 -33.46
C THR K 55 4.09 40.68 -33.35
N ASN K 56 5.31 40.41 -32.89
CA ASN K 56 6.31 41.47 -32.81
C ASN K 56 6.75 41.94 -34.19
N ARG K 57 6.37 41.23 -35.26
CA ARG K 57 6.57 41.68 -36.63
C ARG K 57 5.26 42.14 -37.27
N GLY K 58 4.26 42.49 -36.46
CA GLY K 58 3.02 43.02 -36.97
C GLY K 58 1.89 42.00 -36.92
N PRO K 59 0.67 42.45 -37.23
CA PRO K 59 -0.48 41.55 -37.20
C PRO K 59 -0.56 40.67 -38.44
N ILE K 60 -0.91 39.41 -38.22
CA ILE K 60 -1.15 38.46 -39.30
C ILE K 60 -2.54 37.88 -39.14
N LYS K 61 -3.16 37.53 -40.27
CA LYS K 61 -4.54 37.08 -40.32
C LYS K 61 -4.59 35.66 -40.87
N PHE K 62 -5.33 34.79 -40.18
CA PHE K 62 -5.61 33.43 -40.62
C PHE K 62 -7.08 33.36 -41.06
N ASN K 63 -7.30 33.07 -42.33
CA ASN K 63 -8.65 32.83 -42.84
C ASN K 63 -8.91 31.32 -42.74
N VAL K 64 -9.49 30.92 -41.61
CA VAL K 64 -9.64 29.50 -41.29
C VAL K 64 -10.87 28.95 -41.98
N TRP K 65 -10.66 27.97 -42.86
CA TRP K 65 -11.75 27.24 -43.50
C TRP K 65 -12.07 26.04 -42.61
N ASP K 66 -13.08 26.18 -41.77
CA ASP K 66 -13.51 25.11 -40.87
C ASP K 66 -14.40 24.15 -41.65
N THR K 67 -13.84 23.05 -42.12
CA THR K 67 -14.59 22.13 -42.96
C THR K 67 -15.40 21.15 -42.11
N ALA K 68 -16.41 20.55 -42.72
CA ALA K 68 -17.16 19.49 -42.08
C ALA K 68 -16.39 18.18 -42.16
N GLY K 69 -16.58 17.33 -41.16
CA GLY K 69 -15.82 16.10 -41.06
C GLY K 69 -16.55 14.86 -41.55
N GLN K 70 -17.88 14.93 -41.60
CA GLN K 70 -18.67 13.77 -41.98
C GLN K 70 -18.37 13.36 -43.42
N GLU K 71 -18.51 12.06 -43.70
CA GLU K 71 -18.18 11.53 -45.02
C GLU K 71 -19.10 12.08 -46.10
N LYS K 72 -20.33 12.47 -45.74
CA LYS K 72 -21.24 13.08 -46.71
C LYS K 72 -20.59 14.25 -47.43
N PHE K 73 -19.58 14.87 -46.82
CA PHE K 73 -18.88 16.02 -47.39
C PHE K 73 -17.50 15.62 -47.92
N GLY K 74 -17.38 14.43 -48.48
CA GLY K 74 -16.14 13.99 -49.09
C GLY K 74 -16.04 14.36 -50.55
N ASP K 78 -12.67 18.86 -51.69
CA ASP K 78 -11.47 19.10 -52.49
C ASP K 78 -11.39 20.55 -52.94
N GLY K 79 -12.54 21.11 -53.34
CA GLY K 79 -12.55 22.50 -53.75
C GLY K 79 -12.13 23.45 -52.65
N TYR K 80 -12.51 23.13 -51.40
CA TYR K 80 -12.09 23.94 -50.27
C TYR K 80 -10.58 24.01 -50.17
N TYR K 81 -9.90 22.91 -50.48
CA TYR K 81 -8.45 22.84 -50.34
C TYR K 81 -7.73 23.75 -51.32
N ILE K 82 -8.36 24.11 -52.44
CA ILE K 82 -7.67 24.87 -53.48
C ILE K 82 -7.10 26.17 -52.90
N GLN K 83 -5.86 26.47 -53.28
CA GLN K 83 -5.18 27.69 -52.87
C GLN K 83 -5.03 27.78 -51.35
N ALA K 84 -4.88 26.65 -50.69
CA ALA K 84 -4.62 26.61 -49.26
C ALA K 84 -3.13 26.74 -49.01
N GLN K 85 -2.76 27.65 -48.12
CA GLN K 85 -1.35 27.92 -47.79
C GLN K 85 -0.89 27.22 -46.53
N CYS K 86 -1.81 26.64 -45.76
CA CYS K 86 -1.50 25.91 -44.54
C CYS K 86 -2.74 25.13 -44.15
N ALA K 87 -2.59 24.27 -43.13
CA ALA K 87 -3.71 23.45 -42.70
C ALA K 87 -3.45 22.89 -41.32
N ILE K 88 -4.54 22.53 -40.65
CA ILE K 88 -4.49 21.84 -39.37
C ILE K 88 -5.31 20.56 -39.52
N ILE K 89 -4.74 19.44 -39.08
CA ILE K 89 -5.45 18.17 -38.99
C ILE K 89 -5.70 17.90 -37.51
N MET K 90 -6.94 17.60 -37.16
CA MET K 90 -7.32 17.42 -35.78
C MET K 90 -7.93 16.04 -35.58
N PHE K 91 -7.56 15.39 -34.48
CA PHE K 91 -8.16 14.15 -34.03
C PHE K 91 -8.45 14.25 -32.54
N ASP K 92 -9.20 13.27 -32.04
CA ASP K 92 -9.66 13.23 -30.66
C ASP K 92 -8.91 12.12 -29.94
N VAL K 93 -8.16 12.49 -28.90
CA VAL K 93 -7.36 11.51 -28.17
C VAL K 93 -8.20 10.52 -27.39
N THR K 94 -9.52 10.76 -27.28
CA THR K 94 -10.43 9.83 -26.63
C THR K 94 -11.14 8.92 -27.63
N SER K 95 -10.65 8.85 -28.86
CA SER K 95 -11.30 8.08 -29.92
C SER K 95 -10.22 7.66 -30.91
N ARG K 96 -9.85 6.38 -30.90
CA ARG K 96 -8.75 5.93 -31.73
C ARG K 96 -9.05 6.02 -33.22
N VAL K 97 -10.32 5.86 -33.60
CA VAL K 97 -10.68 5.92 -35.01
C VAL K 97 -10.25 7.25 -35.61
N THR K 98 -10.43 8.35 -34.86
CA THR K 98 -10.10 9.66 -35.39
C THR K 98 -8.61 9.79 -35.69
N TYR K 99 -7.78 9.01 -35.01
CA TYR K 99 -6.35 9.02 -35.32
C TYR K 99 -6.02 8.08 -36.49
N LYS K 100 -6.73 6.96 -36.61
CA LYS K 100 -6.50 6.07 -37.74
C LYS K 100 -6.83 6.73 -39.07
N ASN K 101 -7.69 7.76 -39.06
CA ASN K 101 -8.03 8.48 -40.27
C ASN K 101 -7.13 9.67 -40.53
N VAL K 102 -6.22 9.99 -39.61
CA VAL K 102 -5.28 11.09 -39.84
C VAL K 102 -4.53 10.91 -41.16
N PRO K 103 -3.99 9.74 -41.48
CA PRO K 103 -3.27 9.60 -42.76
C PRO K 103 -4.15 9.86 -43.97
N ASN K 104 -5.46 9.60 -43.87
CA ASN K 104 -6.37 9.89 -44.98
C ASN K 104 -6.56 11.40 -45.13
N TRP K 105 -6.66 12.12 -44.01
CA TRP K 105 -6.79 13.58 -44.09
C TRP K 105 -5.52 14.21 -44.65
N HIS K 106 -4.35 13.66 -44.31
CA HIS K 106 -3.11 14.16 -44.89
C HIS K 106 -3.04 13.84 -46.38
N ARG K 107 -3.42 12.62 -46.76
CA ARG K 107 -3.43 12.25 -48.17
C ARG K 107 -4.33 13.17 -48.97
N ASP K 108 -5.56 13.41 -48.47
CA ASP K 108 -6.48 14.29 -49.19
C ASP K 108 -5.93 15.70 -49.31
N LEU K 109 -5.16 16.16 -48.31
CA LEU K 109 -4.65 17.52 -48.34
C LEU K 109 -3.55 17.69 -49.37
N VAL K 110 -2.53 16.83 -49.32
CA VAL K 110 -1.38 16.96 -50.21
C VAL K 110 -1.78 16.78 -51.67
N ARG K 111 -2.90 16.10 -51.93
CA ARG K 111 -3.34 15.90 -53.31
C ARG K 111 -3.63 17.23 -54.00
N VAL K 112 -4.27 18.16 -53.29
CA VAL K 112 -4.74 19.40 -53.88
C VAL K 112 -3.75 20.53 -53.61
N CYS K 113 -3.12 20.50 -52.42
CA CYS K 113 -2.26 21.59 -51.99
C CYS K 113 -0.78 21.28 -52.13
N GLU K 114 -0.41 20.05 -52.49
CA GLU K 114 0.99 19.65 -52.64
C GLU K 114 1.66 19.91 -51.29
N ASN K 115 2.83 20.54 -51.26
CA ASN K 115 3.58 20.75 -50.02
C ASN K 115 3.13 22.04 -49.36
N ILE K 116 2.41 21.93 -48.25
CA ILE K 116 2.01 23.09 -47.45
C ILE K 116 2.35 22.78 -46.00
N PRO K 117 2.57 23.80 -45.16
CA PRO K 117 2.78 23.54 -43.72
C PRO K 117 1.51 23.00 -43.08
N ILE K 118 1.65 21.92 -42.31
CA ILE K 118 0.52 21.23 -41.70
C ILE K 118 0.84 20.96 -40.23
N VAL K 119 -0.12 21.23 -39.36
CA VAL K 119 -0.01 20.94 -37.93
C VAL K 119 -1.02 19.85 -37.58
N LEU K 120 -0.56 18.87 -36.79
CA LEU K 120 -1.41 17.82 -36.27
C LEU K 120 -1.70 18.11 -34.81
N CYS K 121 -2.97 18.01 -34.42
CA CYS K 121 -3.40 18.40 -33.09
C CYS K 121 -4.14 17.25 -32.44
N GLY K 122 -3.76 16.92 -31.21
CA GLY K 122 -4.45 15.95 -30.40
C GLY K 122 -5.36 16.65 -29.41
N ASN K 123 -6.63 16.78 -29.75
CA ASN K 123 -7.56 17.58 -28.97
C ASN K 123 -8.23 16.76 -27.87
N LYS K 124 -8.78 17.48 -26.89
CA LYS K 124 -9.53 16.90 -25.78
C LYS K 124 -8.63 16.21 -24.75
N VAL K 125 -7.38 16.65 -24.64
CA VAL K 125 -6.49 16.07 -23.64
C VAL K 125 -6.93 16.39 -22.22
N ASP K 126 -7.96 17.22 -22.05
CA ASP K 126 -8.50 17.48 -20.72
C ASP K 126 -9.25 16.27 -20.18
N ILE K 127 -9.75 15.40 -21.05
CA ILE K 127 -10.51 14.24 -20.60
C ILE K 127 -9.56 13.22 -20.00
N LYS K 128 -9.95 12.66 -18.86
CA LYS K 128 -9.06 11.77 -18.12
C LYS K 128 -8.93 10.40 -18.79
N ASP K 129 -9.96 9.98 -19.52
CA ASP K 129 -9.96 8.66 -20.17
C ASP K 129 -9.39 8.82 -21.58
N ARG K 130 -8.07 8.70 -21.68
CA ARG K 130 -7.37 8.83 -22.96
C ARG K 130 -7.18 7.46 -23.58
N LYS K 131 -7.52 7.34 -24.86
CA LYS K 131 -7.34 6.11 -25.63
C LYS K 131 -6.15 6.16 -26.57
N VAL K 132 -5.98 7.27 -27.30
CA VAL K 132 -4.81 7.46 -28.16
C VAL K 132 -3.68 7.96 -27.27
N LYS K 133 -2.77 7.07 -26.90
CA LYS K 133 -1.67 7.44 -26.02
C LYS K 133 -0.61 8.20 -26.80
N ALA K 134 0.11 9.09 -26.09
CA ALA K 134 1.14 9.89 -26.74
C ALA K 134 2.17 9.02 -27.47
N LYS K 135 2.44 7.83 -26.93
CA LYS K 135 3.41 6.93 -27.56
C LYS K 135 2.93 6.44 -28.92
N SER K 136 1.63 6.15 -29.04
CA SER K 136 1.09 5.63 -30.29
C SER K 136 0.83 6.69 -31.34
N ILE K 137 1.11 7.96 -31.05
CA ILE K 137 0.98 9.05 -32.01
C ILE K 137 2.32 9.19 -32.71
N VAL K 138 2.37 8.78 -33.98
CA VAL K 138 3.65 8.69 -34.69
C VAL K 138 3.54 9.23 -36.11
N PHE K 139 2.32 9.47 -36.59
CA PHE K 139 2.17 9.84 -37.99
C PHE K 139 2.82 11.18 -38.31
N HIS K 140 2.95 12.05 -37.30
CA HIS K 140 3.63 13.32 -37.54
C HIS K 140 5.13 13.10 -37.75
N ARG K 141 5.69 12.06 -37.15
CA ARG K 141 7.10 11.74 -37.37
C ARG K 141 7.33 11.17 -38.76
N LYS K 142 6.36 10.41 -39.28
CA LYS K 142 6.55 9.74 -40.57
C LYS K 142 6.59 10.74 -41.72
N LYS K 143 5.71 11.74 -41.70
CA LYS K 143 5.57 12.69 -42.79
C LYS K 143 6.16 14.05 -42.45
N ASN K 144 6.98 14.13 -41.40
CA ASN K 144 7.68 15.36 -41.03
C ASN K 144 6.70 16.52 -40.84
N LEU K 145 5.73 16.31 -39.97
CA LEU K 145 4.72 17.30 -39.63
C LEU K 145 4.86 17.69 -38.16
N GLN K 146 4.36 18.87 -37.83
CA GLN K 146 4.38 19.36 -36.46
C GLN K 146 3.16 18.83 -35.71
N TYR K 147 3.36 18.52 -34.42
CA TYR K 147 2.29 17.98 -33.59
C TYR K 147 2.21 18.74 -32.28
N TYR K 148 0.99 18.84 -31.75
CA TYR K 148 0.75 19.44 -30.45
C TYR K 148 -0.40 18.71 -29.76
N ASP K 149 -0.25 18.47 -28.47
CA ASP K 149 -1.39 18.09 -27.62
C ASP K 149 -2.11 19.35 -27.19
N ILE K 150 -3.43 19.40 -27.41
CA ILE K 150 -4.21 20.60 -27.13
C ILE K 150 -5.54 20.22 -26.49
N SER K 151 -6.18 21.23 -25.89
CA SER K 151 -7.53 21.10 -25.37
C SER K 151 -8.27 22.41 -25.59
N ALA K 152 -9.34 22.36 -26.39
CA ALA K 152 -10.17 23.54 -26.56
C ALA K 152 -10.90 23.91 -25.27
N LYS K 153 -11.08 22.97 -24.35
CA LYS K 153 -11.80 23.25 -23.12
C LYS K 153 -10.91 23.91 -22.08
N SER K 154 -9.70 23.38 -21.88
CA SER K 154 -8.75 23.96 -20.94
C SER K 154 -7.82 24.97 -21.60
N ASN K 155 -7.90 25.14 -22.93
CA ASN K 155 -7.07 26.06 -23.69
C ASN K 155 -5.60 25.65 -23.70
N TYR K 156 -5.28 24.43 -23.25
CA TYR K 156 -3.89 24.01 -23.21
C TYR K 156 -3.32 23.95 -24.62
N ASN K 157 -2.28 24.75 -24.88
CA ASN K 157 -1.53 24.77 -26.12
C ASN K 157 -2.35 25.24 -27.32
N PHE K 158 -3.57 25.77 -27.10
CA PHE K 158 -4.44 26.04 -28.23
C PHE K 158 -3.95 27.19 -29.10
N GLU K 159 -2.85 27.84 -28.75
CA GLU K 159 -2.26 28.87 -29.59
C GLU K 159 -1.08 28.36 -30.41
N LYS K 160 -0.41 27.29 -29.96
CA LYS K 160 0.80 26.86 -30.64
C LYS K 160 0.60 26.54 -32.11
N PRO K 161 -0.47 25.84 -32.53
CA PRO K 161 -0.62 25.58 -33.97
C PRO K 161 -0.54 26.82 -34.83
N PHE K 162 -1.14 27.93 -34.37
CA PHE K 162 -1.06 29.18 -35.11
C PHE K 162 0.29 29.86 -34.94
N LEU K 163 0.91 29.73 -33.76
CA LEU K 163 2.24 30.29 -33.55
C LEU K 163 3.27 29.60 -34.44
N TRP K 164 3.17 28.28 -34.58
CA TRP K 164 4.11 27.54 -35.41
C TRP K 164 3.91 27.86 -36.89
N LEU K 165 2.67 27.74 -37.37
CA LEU K 165 2.38 28.07 -38.76
C LEU K 165 2.81 29.49 -39.09
N ALA K 166 2.61 30.43 -38.17
CA ALA K 166 3.07 31.79 -38.39
C ALA K 166 4.58 31.83 -38.60
N ARG K 167 5.33 31.21 -37.69
CA ARG K 167 6.78 31.16 -37.85
C ARG K 167 7.18 30.53 -39.18
N LYS K 168 6.49 29.48 -39.59
CA LYS K 168 6.85 28.78 -40.82
C LYS K 168 6.45 29.58 -42.06
N LEU K 169 5.24 30.16 -42.05
CA LEU K 169 4.80 30.93 -43.21
C LEU K 169 5.60 32.21 -43.36
N ILE K 170 5.99 32.83 -42.24
CA ILE K 170 6.74 34.08 -42.29
C ILE K 170 8.24 33.84 -42.45
N GLY K 171 8.75 32.70 -42.00
CA GLY K 171 10.17 32.43 -42.07
C GLY K 171 10.95 33.12 -40.97
N ASP K 172 10.46 32.98 -39.73
CA ASP K 172 11.11 33.60 -38.58
C ASP K 172 10.86 32.70 -37.38
N PRO K 173 11.80 31.79 -37.07
CA PRO K 173 11.60 30.88 -35.94
C PRO K 173 11.45 31.58 -34.60
N ASN K 174 11.77 32.87 -34.50
CA ASN K 174 11.67 33.61 -33.24
C ASN K 174 10.50 34.60 -33.26
N LEU K 175 9.49 34.35 -34.09
CA LEU K 175 8.29 35.17 -34.09
C LEU K 175 7.51 34.93 -32.80
N GLU K 176 7.12 36.02 -32.13
CA GLU K 176 6.43 35.94 -30.85
C GLU K 176 5.03 36.55 -30.97
N PHE K 177 4.10 36.00 -30.19
CA PHE K 177 2.81 36.64 -30.01
C PHE K 177 2.94 37.73 -28.95
N VAL K 178 2.42 38.92 -29.26
CA VAL K 178 2.52 40.08 -28.39
C VAL K 178 1.12 40.54 -28.02
N ALA K 179 1.04 41.26 -26.90
CA ALA K 179 -0.25 41.73 -26.40
C ALA K 179 -0.94 42.60 -27.44
N MET K 180 -2.25 42.43 -27.55
CA MET K 180 -3.03 43.20 -28.51
C MET K 180 -3.06 44.66 -28.09
N PRO K 181 -2.80 45.61 -28.99
CA PRO K 181 -2.92 47.03 -28.62
C PRO K 181 -4.35 47.37 -28.25
N ALA K 182 -4.51 48.08 -27.13
CA ALA K 182 -5.82 48.48 -26.61
C ALA K 182 -5.97 49.98 -26.85
N LEU K 183 -6.43 50.33 -28.06
CA LEU K 183 -6.67 51.73 -28.38
C LEU K 183 -7.80 52.29 -27.51
N ALA K 184 -7.83 53.61 -27.41
CA ALA K 184 -8.77 54.29 -26.53
C ALA K 184 -10.20 54.03 -26.96
N PRO K 185 -11.06 53.47 -26.10
CA PRO K 185 -12.43 53.17 -26.51
C PRO K 185 -13.28 54.43 -26.48
N PRO K 186 -14.10 54.65 -27.53
CA PRO K 186 -14.99 55.82 -27.51
C PRO K 186 -15.98 55.75 -26.35
N GLU K 187 -16.32 56.93 -25.82
CA GLU K 187 -17.50 57.05 -24.97
C GLU K 187 -18.75 56.92 -25.84
N VAL K 188 -19.79 56.31 -25.27
CA VAL K 188 -21.04 56.10 -25.99
C VAL K 188 -22.16 56.78 -25.21
N VAL K 189 -23.05 57.44 -25.95
CA VAL K 189 -24.22 58.08 -25.39
C VAL K 189 -25.44 57.58 -26.15
N MET K 190 -26.53 57.33 -25.43
CA MET K 190 -27.73 56.75 -26.01
C MET K 190 -28.96 57.39 -25.37
N ASP K 191 -30.07 57.31 -26.09
CA ASP K 191 -31.31 57.88 -25.59
C ASP K 191 -31.73 57.18 -24.30
N PRO K 192 -32.25 57.90 -23.31
CA PRO K 192 -32.53 57.25 -22.02
C PRO K 192 -33.46 56.05 -22.11
N ALA K 193 -34.36 56.03 -23.09
CA ALA K 193 -35.27 54.89 -23.23
C ALA K 193 -34.51 53.62 -23.60
N LEU K 194 -33.59 53.72 -24.56
CA LEU K 194 -32.81 52.55 -24.95
C LEU K 194 -31.93 52.08 -23.80
N ALA K 195 -31.42 53.02 -23.01
CA ALA K 195 -30.63 52.63 -21.84
C ALA K 195 -31.46 51.88 -20.81
N ALA K 196 -32.75 52.21 -20.70
CA ALA K 196 -33.62 51.49 -19.79
C ALA K 196 -33.99 50.12 -20.32
N GLN K 197 -34.08 49.96 -21.65
CA GLN K 197 -34.26 48.65 -22.23
C GLN K 197 -33.05 47.77 -21.94
N TYR K 198 -31.84 48.26 -22.24
CA TYR K 198 -30.63 47.53 -21.90
C TYR K 198 -30.59 47.21 -20.41
N GLU K 199 -30.97 48.17 -19.56
CA GLU K 199 -31.08 47.88 -18.13
C GLU K 199 -32.10 46.78 -17.87
N HIS K 200 -33.14 46.70 -18.70
CA HIS K 200 -34.12 45.63 -18.59
C HIS K 200 -33.61 44.33 -19.19
N ASP K 201 -32.82 44.41 -20.27
CA ASP K 201 -32.23 43.21 -20.84
C ASP K 201 -31.18 42.61 -19.91
N LEU K 202 -30.45 43.46 -19.19
CA LEU K 202 -29.50 42.95 -18.20
C LEU K 202 -30.22 42.22 -17.07
N GLU K 203 -31.34 42.78 -16.61
CA GLU K 203 -32.14 42.09 -15.59
C GLU K 203 -32.56 40.71 -16.08
N VAL K 204 -33.01 40.62 -17.34
CA VAL K 204 -33.38 39.33 -17.90
C VAL K 204 -32.18 38.40 -17.92
N ALA K 205 -31.02 38.91 -18.37
CA ALA K 205 -29.81 38.09 -18.40
C ALA K 205 -29.39 37.69 -17.00
N GLN K 206 -29.60 38.57 -16.01
CA GLN K 206 -29.17 38.27 -14.66
C GLN K 206 -29.81 37.00 -14.11
N THR K 207 -30.99 36.65 -14.63
CA THR K 207 -31.68 35.45 -14.14
C THR K 207 -31.13 34.17 -14.76
N THR K 208 -30.56 34.25 -15.96
CA THR K 208 -29.93 33.10 -16.57
C THR K 208 -28.58 32.84 -15.92
N ALA K 209 -28.23 31.57 -15.80
CA ALA K 209 -27.01 31.18 -15.11
C ALA K 209 -25.82 31.15 -16.07
N LEU K 210 -24.62 31.19 -15.48
CA LEU K 210 -23.38 31.11 -16.22
C LEU K 210 -23.11 29.66 -16.64
N PRO K 211 -22.38 29.46 -17.75
CA PRO K 211 -22.27 28.10 -18.30
C PRO K 211 -21.49 27.13 -17.42
N ASP K 212 -20.52 27.63 -16.64
CA ASP K 212 -19.72 26.78 -15.77
C ASP K 212 -20.19 26.82 -14.33
N GLU K 213 -21.48 27.07 -14.11
CA GLU K 213 -22.01 27.12 -12.75
C GLU K 213 -21.81 25.81 -12.02
N ASP K 214 -21.85 24.69 -12.74
CA ASP K 214 -21.74 23.38 -12.10
C ASP K 214 -20.31 23.02 -11.71
N ASP K 215 -19.31 23.74 -12.24
CA ASP K 215 -17.92 23.47 -11.87
C ASP K 215 -17.58 23.94 -10.45
N ASP K 216 -18.48 24.68 -9.80
CA ASP K 216 -18.25 25.19 -8.46
C ASP K 216 -16.96 26.02 -8.40
N LEU K 217 -16.90 27.03 -9.27
CA LEU K 217 -15.78 27.95 -9.30
C LEU K 217 -16.04 29.13 -8.36
N LEU L 12 8.65 39.05 -45.46
CA LEU L 12 9.21 39.22 -44.12
C LEU L 12 9.07 40.67 -43.68
N PRO L 13 7.86 41.09 -43.34
CA PRO L 13 7.62 42.50 -42.96
C PRO L 13 8.44 42.88 -41.73
N ASP L 14 8.53 44.20 -41.51
CA ASP L 14 9.45 44.74 -40.52
C ASP L 14 9.05 44.35 -39.10
N LEU L 15 10.06 44.09 -38.27
CA LEU L 15 9.86 44.06 -36.83
C LEU L 15 9.30 45.41 -36.37
N VAL L 16 8.35 45.36 -35.43
CA VAL L 16 7.62 46.55 -35.00
C VAL L 16 7.81 46.74 -33.51
N GLU L 17 7.78 48.01 -33.09
CA GLU L 17 7.86 48.33 -31.68
C GLU L 17 6.62 47.81 -30.96
N VAL L 18 6.83 47.13 -29.84
CA VAL L 18 5.72 46.59 -29.06
C VAL L 18 5.09 47.72 -28.26
N SER L 19 3.80 47.94 -28.48
CA SER L 19 3.04 48.99 -27.78
C SER L 19 1.75 48.37 -27.27
N SER L 20 1.51 48.49 -25.96
CA SER L 20 0.27 48.01 -25.37
C SER L 20 -0.87 49.00 -25.54
N GLY L 21 -0.57 50.27 -25.81
CA GLY L 21 -1.59 51.30 -25.82
C GLY L 21 -2.02 51.75 -24.45
N GLU L 22 -1.32 51.30 -23.39
CA GLU L 22 -1.64 51.65 -22.02
C GLU L 22 -0.53 52.48 -21.38
N GLU L 23 0.39 53.03 -22.18
CA GLU L 23 1.58 53.66 -21.62
C GLU L 23 1.22 54.89 -20.80
N ASN L 24 0.27 55.70 -21.27
CA ASN L 24 -0.14 56.91 -20.58
C ASN L 24 -1.26 56.66 -19.58
N GLU L 25 -1.35 55.45 -19.05
CA GLU L 25 -2.44 55.09 -18.14
C GLU L 25 -1.87 54.38 -16.92
N GLN L 26 -2.57 54.52 -15.80
CA GLN L 26 -2.18 53.95 -14.52
C GLN L 26 -3.06 52.76 -14.22
N VAL L 27 -2.44 51.64 -13.88
CA VAL L 27 -3.18 50.42 -13.54
C VAL L 27 -3.64 50.56 -12.10
N VAL L 28 -4.92 50.88 -11.89
CA VAL L 28 -5.49 50.99 -10.55
C VAL L 28 -6.07 49.67 -10.06
N PHE L 29 -6.26 48.70 -10.95
CA PHE L 29 -6.65 47.35 -10.58
C PHE L 29 -6.14 46.38 -11.64
N SER L 30 -5.63 45.24 -11.20
CA SER L 30 -5.23 44.18 -12.12
C SER L 30 -5.26 42.86 -11.37
N HIS L 31 -6.08 41.92 -11.83
CA HIS L 31 -6.13 40.60 -11.22
C HIS L 31 -6.73 39.62 -12.21
N ARG L 32 -6.33 38.36 -12.08
CA ARG L 32 -6.84 37.30 -12.93
C ARG L 32 -8.32 37.08 -12.67
N ALA L 33 -9.06 36.81 -13.73
CA ALA L 33 -10.50 36.61 -13.61
C ALA L 33 -11.03 35.91 -14.84
N LYS L 34 -12.32 35.59 -14.82
CA LYS L 34 -13.02 34.93 -15.92
C LYS L 34 -14.19 35.80 -16.34
N LEU L 35 -14.28 36.09 -17.64
CA LEU L 35 -15.28 36.99 -18.19
C LEU L 35 -16.28 36.22 -19.02
N TYR L 36 -17.55 36.62 -18.93
CA TYR L 36 -18.64 36.01 -19.68
C TYR L 36 -19.40 37.12 -20.41
N ARG L 37 -19.98 36.76 -21.55
CA ARG L 37 -20.76 37.69 -22.37
C ARG L 37 -22.10 37.06 -22.69
N TYR L 38 -23.18 37.78 -22.38
CA TYR L 38 -24.51 37.30 -22.67
C TYR L 38 -24.80 37.38 -24.17
N ASP L 39 -25.45 36.36 -24.70
CA ASP L 39 -25.82 36.29 -26.10
C ASP L 39 -27.33 36.42 -26.19
N LYS L 40 -27.81 37.57 -26.65
CA LYS L 40 -29.24 37.82 -26.73
C LYS L 40 -29.91 36.89 -27.74
N ASP L 41 -29.17 36.43 -28.75
CA ASP L 41 -29.75 35.60 -29.79
C ASP L 41 -30.20 34.25 -29.24
N VAL L 42 -29.36 33.60 -28.43
CA VAL L 42 -29.65 32.29 -27.89
C VAL L 42 -29.98 32.33 -26.41
N GLY L 43 -29.94 33.50 -25.78
CA GLY L 43 -30.34 33.62 -24.39
C GLY L 43 -29.48 32.82 -23.43
N GLN L 44 -28.17 32.84 -23.64
CA GLN L 44 -27.25 32.11 -22.78
C GLN L 44 -26.02 32.96 -22.52
N TRP L 45 -25.47 32.83 -21.32
CA TRP L 45 -24.15 33.37 -21.03
C TRP L 45 -23.10 32.44 -21.63
N LYS L 46 -22.15 33.03 -22.35
CA LYS L 46 -21.04 32.27 -22.93
C LYS L 46 -19.74 32.76 -22.30
N GLU L 47 -18.75 31.87 -22.25
CA GLU L 47 -17.42 32.29 -21.84
C GLU L 47 -16.88 33.29 -22.85
N ARG L 48 -16.20 34.32 -22.35
CA ARG L 48 -15.62 35.35 -23.19
C ARG L 48 -14.10 35.38 -23.14
N GLY L 49 -13.50 35.14 -21.97
CA GLY L 49 -12.06 35.17 -21.86
C GLY L 49 -11.63 34.91 -20.43
N ILE L 50 -10.33 34.64 -20.29
CA ILE L 50 -9.72 34.40 -19.00
C ILE L 50 -8.35 35.06 -19.00
N GLY L 51 -8.05 35.82 -17.95
CA GLY L 51 -6.83 36.58 -17.87
C GLY L 51 -6.95 37.68 -16.84
N ASP L 52 -6.09 38.68 -16.98
CA ASP L 52 -6.03 39.79 -16.03
C ASP L 52 -6.97 40.90 -16.48
N ILE L 53 -8.06 41.09 -15.74
CA ILE L 53 -8.95 42.22 -15.99
C ILE L 53 -8.38 43.44 -15.28
N LYS L 54 -8.29 44.55 -16.01
CA LYS L 54 -7.60 45.74 -15.52
C LYS L 54 -8.50 46.96 -15.62
N ILE L 55 -8.47 47.79 -14.59
CA ILE L 55 -9.07 49.12 -14.62
C ILE L 55 -7.93 50.12 -14.79
N LEU L 56 -7.94 50.84 -15.91
CA LEU L 56 -6.89 51.79 -16.23
C LEU L 56 -7.42 53.21 -16.12
N GLN L 57 -6.54 54.12 -15.68
CA GLN L 57 -6.84 55.55 -15.65
C GLN L 57 -5.68 56.31 -16.28
N ASN L 58 -6.01 57.27 -17.14
CA ASN L 58 -4.99 58.07 -17.79
C ASN L 58 -4.40 59.09 -16.82
N TYR L 59 -3.07 59.19 -16.80
CA TYR L 59 -2.41 60.18 -15.96
C TYR L 59 -2.93 61.59 -16.26
N ASP L 60 -2.97 61.93 -17.55
CA ASP L 60 -3.17 63.32 -17.96
C ASP L 60 -4.62 63.76 -17.78
N ASN L 61 -5.54 63.13 -18.51
CA ASN L 61 -6.92 63.58 -18.57
C ASN L 61 -7.87 62.76 -17.70
N LYS L 62 -7.34 61.91 -16.82
CA LYS L 62 -8.12 61.20 -15.81
C LYS L 62 -9.35 60.54 -16.43
N GLN L 63 -9.10 59.66 -17.39
CA GLN L 63 -10.14 58.87 -18.05
C GLN L 63 -9.94 57.41 -17.69
N VAL L 64 -11.03 56.73 -17.33
CA VAL L 64 -10.99 55.37 -16.83
C VAL L 64 -11.60 54.43 -17.86
N ARG L 65 -11.02 53.23 -17.96
CA ARG L 65 -11.54 52.18 -18.82
C ARG L 65 -11.19 50.83 -18.23
N ILE L 66 -11.87 49.79 -18.72
CA ILE L 66 -11.56 48.40 -18.38
C ILE L 66 -10.89 47.77 -19.60
N VAL L 67 -9.80 47.06 -19.37
CA VAL L 67 -9.09 46.34 -20.41
C VAL L 67 -8.77 44.94 -19.90
N MET L 68 -9.04 43.93 -20.73
CA MET L 68 -8.78 42.55 -20.37
C MET L 68 -8.30 41.79 -21.59
N ARG L 69 -7.22 41.02 -21.42
CA ARG L 69 -6.67 40.20 -22.48
C ARG L 69 -6.72 38.74 -22.09
N ARG L 70 -6.90 37.88 -23.09
CA ARG L 70 -7.00 36.45 -22.87
C ARG L 70 -5.61 35.82 -22.79
N ASP L 71 -5.50 34.78 -21.95
CA ASP L 71 -4.24 34.08 -21.81
C ASP L 71 -3.79 33.50 -23.14
N GLN L 72 -2.46 33.44 -23.33
CA GLN L 72 -1.85 32.75 -24.46
C GLN L 72 -2.09 33.48 -25.77
N VAL L 73 -3.34 33.61 -26.20
CA VAL L 73 -3.61 34.33 -27.43
C VAL L 73 -3.31 35.82 -27.25
N LEU L 74 -3.46 36.33 -26.03
CA LEU L 74 -3.14 37.73 -25.72
C LEU L 74 -4.04 38.70 -26.50
N LYS L 75 -5.25 38.26 -26.83
CA LYS L 75 -6.22 39.10 -27.49
C LYS L 75 -7.09 39.84 -26.46
N LEU L 76 -7.65 40.96 -26.88
CA LEU L 76 -8.58 41.68 -26.04
C LEU L 76 -9.93 40.95 -26.00
N CYS L 77 -10.48 40.82 -24.80
CA CYS L 77 -11.86 40.39 -24.62
C CYS L 77 -12.73 41.47 -23.99
N ALA L 78 -12.14 42.60 -23.58
CA ALA L 78 -12.90 43.70 -23.01
C ALA L 78 -12.12 45.00 -23.20
N ASN L 79 -12.76 46.00 -23.78
CA ASN L 79 -12.19 47.35 -23.87
C ASN L 79 -13.35 48.32 -23.95
N HIS L 80 -13.61 49.03 -22.87
CA HIS L 80 -14.77 49.92 -22.81
C HIS L 80 -14.55 50.97 -21.74
N ARG L 81 -15.14 52.14 -21.95
CA ARG L 81 -15.06 53.21 -20.97
C ARG L 81 -15.97 52.89 -19.78
N ILE L 82 -15.52 53.30 -18.59
CA ILE L 82 -16.37 53.34 -17.40
C ILE L 82 -16.81 54.79 -17.24
N THR L 83 -18.13 54.99 -17.19
CA THR L 83 -18.71 56.30 -16.92
C THR L 83 -19.35 56.32 -15.54
N PRO L 84 -19.55 57.50 -14.96
CA PRO L 84 -20.11 57.54 -13.60
C PRO L 84 -21.48 56.89 -13.51
N ASP L 85 -22.27 56.92 -14.60
CA ASP L 85 -23.60 56.35 -14.56
C ASP L 85 -23.57 54.83 -14.43
N MET L 86 -22.49 54.19 -14.88
CA MET L 86 -22.44 52.73 -14.90
C MET L 86 -22.31 52.19 -13.49
N THR L 87 -22.99 51.07 -13.24
CA THR L 87 -22.99 50.42 -11.93
C THR L 87 -22.83 48.91 -12.11
N LEU L 88 -22.22 48.28 -11.12
CA LEU L 88 -22.03 46.83 -11.13
C LEU L 88 -23.19 46.17 -10.40
N GLN L 89 -23.80 45.17 -11.03
CA GLN L 89 -24.88 44.41 -10.44
C GLN L 89 -24.38 43.04 -9.99
N ASN L 90 -25.02 42.51 -8.96
CA ASN L 90 -24.73 41.16 -8.49
C ASN L 90 -25.68 40.17 -9.15
N MET L 91 -25.25 38.91 -9.19
CA MET L 91 -26.07 37.81 -9.70
C MET L 91 -26.70 37.11 -8.50
N LYS L 92 -28.04 37.13 -8.45
CA LYS L 92 -28.76 36.68 -7.26
C LYS L 92 -28.23 35.36 -6.73
N GLY L 93 -28.11 34.35 -7.62
CA GLY L 93 -27.72 33.02 -7.16
C GLY L 93 -26.22 32.81 -7.03
N THR L 94 -25.42 33.69 -7.61
CA THR L 94 -23.97 33.51 -7.66
C THR L 94 -23.28 34.55 -6.80
N GLU L 95 -22.10 34.18 -6.30
CA GLU L 95 -21.28 35.05 -5.47
C GLU L 95 -19.92 35.26 -6.12
N ARG L 96 -19.24 36.33 -5.71
CA ARG L 96 -17.96 36.72 -6.30
C ARG L 96 -18.09 36.95 -7.80
N VAL L 97 -19.25 37.42 -8.22
CA VAL L 97 -19.54 37.67 -9.63
C VAL L 97 -20.24 39.02 -9.76
N TRP L 98 -19.75 39.85 -10.67
CA TRP L 98 -20.33 41.16 -10.94
C TRP L 98 -20.83 41.22 -12.38
N LEU L 99 -22.00 41.84 -12.56
CA LEU L 99 -22.57 42.07 -13.87
C LEU L 99 -22.60 43.57 -14.17
N TRP L 100 -22.50 43.91 -15.45
CA TRP L 100 -22.62 45.29 -15.89
C TRP L 100 -22.67 45.33 -17.40
N THR L 101 -23.37 46.34 -17.92
CA THR L 101 -23.48 46.55 -19.36
C THR L 101 -22.42 47.53 -19.82
N ALA L 102 -21.82 47.23 -20.97
CA ALA L 102 -20.72 48.03 -21.50
C ALA L 102 -20.87 48.17 -23.00
N CYS L 103 -20.24 49.21 -23.54
CA CYS L 103 -20.19 49.49 -24.97
C CYS L 103 -18.77 49.14 -25.41
N ASP L 104 -18.56 47.87 -25.74
CA ASP L 104 -17.21 47.32 -25.84
C ASP L 104 -16.66 47.44 -27.24
N PHE L 105 -15.32 47.56 -27.32
CA PHE L 105 -14.61 47.68 -28.58
C PHE L 105 -13.48 46.66 -28.69
N ALA L 106 -13.54 45.57 -27.92
CA ALA L 106 -12.51 44.54 -28.00
C ALA L 106 -12.38 44.02 -29.42
N ASP L 107 -13.49 43.91 -30.14
CA ASP L 107 -13.49 43.46 -31.53
C ASP L 107 -13.32 44.60 -32.52
N GLY L 108 -12.78 45.74 -32.07
CA GLY L 108 -12.58 46.87 -32.95
C GLY L 108 -13.85 47.49 -33.47
N GLU L 109 -14.98 47.27 -32.79
CA GLU L 109 -16.28 47.73 -33.26
C GLU L 109 -17.16 47.99 -32.07
N ARG L 110 -18.05 48.97 -32.19
CA ARG L 110 -19.00 49.24 -31.14
C ARG L 110 -19.93 48.05 -30.97
N LYS L 111 -19.96 47.49 -29.77
CA LYS L 111 -20.86 46.38 -29.45
C LYS L 111 -21.38 46.59 -28.03
N VAL L 112 -22.70 46.69 -27.91
CA VAL L 112 -23.34 46.75 -26.59
C VAL L 112 -23.41 45.33 -26.05
N GLU L 113 -22.83 45.10 -24.88
CA GLU L 113 -22.66 43.77 -24.33
C GLU L 113 -23.00 43.77 -22.85
N HIS L 114 -23.69 42.72 -22.42
CA HIS L 114 -23.89 42.44 -21.00
C HIS L 114 -22.77 41.50 -20.54
N LEU L 115 -21.96 41.96 -19.59
CA LEU L 115 -20.77 41.25 -19.17
C LEU L 115 -20.90 40.78 -17.73
N ALA L 116 -20.21 39.70 -17.41
CA ALA L 116 -20.11 39.18 -16.05
C ALA L 116 -18.67 38.77 -15.80
N VAL L 117 -18.17 39.12 -14.62
CA VAL L 117 -16.80 38.80 -14.22
C VAL L 117 -16.85 37.94 -12.96
N ARG L 118 -16.01 36.92 -12.93
CA ARG L 118 -15.93 35.97 -11.82
C ARG L 118 -14.54 35.99 -11.24
N PHE L 119 -14.45 36.09 -9.92
CA PHE L 119 -13.18 36.12 -9.21
C PHE L 119 -13.07 34.89 -8.30
N LYS L 120 -11.83 34.48 -8.06
CA LYS L 120 -11.60 33.33 -7.19
C LYS L 120 -11.92 33.66 -5.74
N LEU L 121 -11.58 34.87 -5.30
CA LEU L 121 -11.69 35.28 -3.91
C LEU L 121 -12.71 36.40 -3.77
N GLN L 122 -13.35 36.45 -2.59
CA GLN L 122 -14.38 37.46 -2.35
C GLN L 122 -13.78 38.84 -2.10
N ASP L 123 -12.58 38.90 -1.53
CA ASP L 123 -11.94 40.19 -1.30
C ASP L 123 -11.52 40.84 -2.61
N VAL L 124 -11.08 40.03 -3.58
CA VAL L 124 -10.76 40.57 -4.90
C VAL L 124 -12.03 41.09 -5.58
N ALA L 125 -13.16 40.40 -5.37
CA ALA L 125 -14.43 40.89 -5.90
C ALA L 125 -14.86 42.18 -5.22
N ASP L 126 -14.66 42.27 -3.90
CA ASP L 126 -14.97 43.50 -3.20
C ASP L 126 -13.99 44.61 -3.59
N SER L 127 -12.73 44.27 -3.80
CA SER L 127 -11.76 45.25 -4.25
C SER L 127 -12.11 45.77 -5.64
N PHE L 128 -12.54 44.87 -6.54
CA PHE L 128 -12.93 45.30 -7.88
C PHE L 128 -14.12 46.25 -7.83
N LYS L 129 -15.10 45.96 -6.98
CA LYS L 129 -16.27 46.83 -6.85
C LYS L 129 -15.87 48.21 -6.33
N LYS L 130 -15.03 48.26 -5.31
CA LYS L 130 -14.66 49.53 -4.70
C LYS L 130 -13.87 50.40 -5.68
N ILE L 131 -12.88 49.81 -6.35
CA ILE L 131 -12.08 50.58 -7.30
C ILE L 131 -12.92 50.98 -8.51
N PHE L 132 -13.88 50.15 -8.89
CA PHE L 132 -14.77 50.49 -10.00
C PHE L 132 -15.56 51.76 -9.69
N ASP L 133 -16.16 51.82 -8.49
CA ASP L 133 -17.00 52.96 -8.14
C ASP L 133 -16.19 54.19 -7.79
N GLU L 134 -14.99 54.02 -7.23
CA GLU L 134 -14.14 55.17 -6.95
C GLU L 134 -13.59 55.78 -8.23
N ALA L 135 -13.18 54.93 -9.19
CA ALA L 135 -12.53 55.43 -10.40
C ALA L 135 -13.52 56.10 -11.34
N LYS L 136 -14.79 55.66 -11.34
CA LYS L 136 -15.75 56.23 -12.28
C LYS L 136 -16.12 57.66 -11.90
N THR L 137 -16.20 57.95 -10.60
CA THR L 137 -16.49 59.31 -10.16
C THR L 137 -15.26 60.21 -10.17
N ALA L 138 -14.06 59.63 -10.09
CA ALA L 138 -12.84 60.44 -10.01
C ALA L 138 -12.50 61.12 -11.33
N GLN L 139 -12.98 60.59 -12.44
CA GLN L 139 -12.65 61.15 -13.75
C GLN L 139 -12.94 62.64 -13.83
PG GNP M . 20.53 24.77 10.10
O1G GNP M . 21.53 25.15 11.17
O2G GNP M . 21.39 24.37 8.92
O3G GNP M . 19.52 25.84 9.71
N3B GNP M . 19.72 23.48 10.69
PB GNP M . 19.07 22.19 9.95
O1B GNP M . 17.59 22.06 10.15
O2B GNP M . 19.59 22.09 8.54
O3A GNP M . 19.73 20.95 10.71
PA GNP M . 20.24 19.55 10.09
O1A GNP M . 19.15 19.07 9.17
O2A GNP M . 21.63 19.67 9.59
O5' GNP M . 20.35 18.62 11.37
C5' GNP M . 19.19 18.06 12.03
C4' GNP M . 19.68 17.08 13.07
O4' GNP M . 18.56 16.30 13.57
C3' GNP M . 20.70 16.03 12.62
O3' GNP M . 21.47 15.58 13.72
C2' GNP M . 19.75 14.95 12.05
O2' GNP M . 20.32 13.66 12.11
C1' GNP M . 18.59 15.00 13.02
N9 GNP M . 17.26 14.75 12.47
C8 GNP M . 16.70 15.31 11.37
N7 GNP M . 15.48 14.88 11.14
C5 GNP M . 15.25 13.97 12.16
C6 GNP M . 14.11 13.19 12.42
O6 GNP M . 13.04 13.14 11.78
N1 GNP M . 14.28 12.40 13.57
C2 GNP M . 15.41 12.37 14.35
N2 GNP M . 15.42 11.56 15.42
N3 GNP M . 16.49 13.11 14.08
C4 GNP M . 16.33 13.88 12.98
HNB3 GNP M . 19.62 23.48 11.55
H5'2 GNP M . 18.64 17.59 11.38
H5'1 GNP M . 18.68 18.77 12.46
H4' GNP M . 20.09 17.59 13.79
H3' GNP M . 21.28 16.38 11.92
H2' GNP M . 19.48 15.16 11.14
HO2' GNP M . 20.11 13.22 11.41
H1' GNP M . 18.75 14.34 13.72
H8 GNP M . 17.13 15.95 10.83
HN1 GNP M . 13.62 11.89 13.81
HN21 GNP M . 14.67 11.31 15.78
HN22 GNP M . 16.16 11.28 15.76
MG MG N . 20.98 23.05 7.39
PG GNP O . -7.34 -30.61 3.57
O1G GNP O . -7.37 -32.00 4.18
O2G GNP O . -8.55 -29.92 4.16
O3G GNP O . -7.31 -30.52 2.06
N3B GNP O . -5.96 -29.90 4.11
PB GNP O . -5.44 -28.36 4.01
O1B GNP O . -4.56 -28.09 2.83
O2B GNP O . -6.64 -27.48 4.21
O3A GNP O . -4.49 -28.20 5.28
PA GNP O . -4.62 -27.27 6.59
O1A GNP O . -4.45 -25.83 6.18
O2A GNP O . -5.80 -27.70 7.40
O5' GNP O . -3.37 -27.71 7.48
C5' GNP O . -2.03 -27.52 6.99
C4' GNP O . -1.08 -27.82 8.11
O4' GNP O . 0.19 -27.19 7.76
C3' GNP O . -1.40 -27.25 9.49
O3' GNP O . -0.64 -27.88 10.49
C2' GNP O . -0.98 -25.78 9.27
O2' GNP O . -0.68 -25.10 10.46
C1' GNP O . 0.32 -25.99 8.47
N9 GNP O . 0.62 -24.90 7.55
C8 GNP O . -0.20 -24.31 6.64
N7 GNP O . 0.40 -23.35 5.97
C5 GNP O . 1.68 -23.33 6.47
C6 GNP O . 2.79 -22.50 6.14
O6 GNP O . 2.83 -21.60 5.29
N1 GNP O . 3.91 -22.83 6.91
C2 GNP O . 3.98 -23.81 7.88
N2 GNP O . 5.14 -23.98 8.52
N3 GNP O . 2.93 -24.58 8.19
C4 GNP O . 1.84 -24.28 7.45
HNB3 GNP O . -5.41 -30.43 4.52
H5'2 GNP O . -1.92 -26.60 6.69
H5'1 GNP O . -1.87 -28.12 6.25
H4' GNP O . -0.98 -28.78 8.20
H3' GNP O . -2.34 -27.34 9.68
H2' GNP O . -1.65 -25.29 8.77
HO2' GNP O . -0.94 -24.29 10.41
H1' GNP O . 1.06 -26.09 9.08
H8 GNP O . -1.09 -24.54 6.51
HN1 GNP O . 4.63 -22.38 6.76
HN21 GNP O . 5.22 -24.57 9.13
HN22 GNP O . 5.83 -23.49 8.31
MG MG P . -8.69 -27.80 4.51
PG GNP Q . -34.04 17.76 -27.53
O1G GNP Q . -33.68 19.18 -27.92
O2G GNP Q . -34.58 17.13 -28.81
O3G GNP Q . -35.00 17.57 -26.38
N3B GNP Q . -32.66 16.99 -27.12
PB GNP Q . -32.47 15.45 -26.60
O1B GNP Q . -32.69 15.29 -25.13
O2B GNP Q . -33.23 14.53 -27.52
O3A GNP Q . -30.92 15.22 -26.87
PA GNP Q . -30.23 14.36 -28.03
O1A GNP Q . -30.83 12.99 -27.96
O2A GNP Q . -30.24 15.10 -29.33
O5' GNP Q . -28.69 14.29 -27.57
C5' GNP Q . -27.96 15.47 -27.15
C4' GNP Q . -26.48 15.17 -27.14
O4' GNP Q . -26.16 14.30 -26.02
C3' GNP Q . -25.92 14.46 -28.38
O3' GNP Q . -24.67 15.04 -28.71
C2' GNP Q . -25.77 12.99 -27.94
O2' GNP Q . -24.72 12.34 -28.60
C1' GNP Q . -25.42 13.17 -26.47
N9 GNP Q . -25.77 12.07 -25.58
C8 GNP Q . -27.00 11.51 -25.39
N7 GNP Q . -27.00 10.54 -24.51
C5 GNP Q . -25.67 10.47 -24.11
C6 GNP Q . -25.08 9.60 -23.18
O6 GNP Q . -25.67 8.72 -22.53
N1 GNP Q . -23.72 9.87 -23.05
C2 GNP Q . -23.01 10.83 -23.73
N2 GNP Q . -21.69 10.94 -23.48
N3 GNP Q . -23.58 11.65 -24.61
C4 GNP Q . -24.90 11.41 -24.75
HNB3 GNP Q . -31.94 17.44 -27.19
H5'2 GNP Q . -28.15 16.20 -27.76
H5'1 GNP Q . -28.25 15.72 -26.25
H4' GNP Q . -26.00 16.00 -27.03
H3' GNP Q . -26.55 14.53 -29.11
H2' GNP Q . -26.61 12.50 -28.04
HO2' GNP Q . -24.99 11.59 -28.87
H1' GNP Q . -24.46 13.33 -26.39
H8 GNP Q . -27.76 11.79 -25.84
HN1 GNP Q . -23.28 9.38 -22.49
HN21 GNP Q . -21.12 10.83 -24.11
HN22 GNP Q . -21.43 11.13 -22.68
MG MG R . -34.51 14.98 -29.23
PG GNP S . 32.16 12.23 17.31
O1G GNP S . 31.63 12.41 15.90
O2G GNP S . 32.72 13.57 17.75
O3G GNP S . 33.17 11.12 17.51
N3B GNP S . 30.87 11.87 18.24
PB GNP S . 30.72 11.84 19.86
O1B GNP S . 31.11 10.53 20.45
O2B GNP S . 31.37 13.06 20.44
O3A GNP S . 29.13 12.01 20.04
PA GNP S . 28.32 13.27 20.66
O1A GNP S . 28.89 13.55 22.01
O2A GNP S . 28.24 14.36 19.66
O5' GNP S . 26.80 12.76 20.88
C5' GNP S . 26.08 12.00 19.90
C4' GNP S . 24.61 11.99 20.25
O4' GNP S . 24.36 11.11 21.37
C3' GNP S . 23.99 13.35 20.64
O3' GNP S . 22.77 13.53 19.94
C2' GNP S . 23.82 13.25 22.16
O2' GNP S . 22.70 13.93 22.65
C1' GNP S . 23.58 11.75 22.36
N9 GNP S . 23.98 11.23 23.65
C8 GNP S . 25.21 11.28 24.23
N7 GNP S . 25.25 10.72 25.41
C5 GNP S . 23.96 10.27 25.61
C6 GNP S . 23.40 9.57 26.71
O6 GNP S . 23.97 9.22 27.75
N1 GNP S . 22.05 9.30 26.49
C2 GNP S . 21.32 9.65 25.38
N2 GNP S . 20.01 9.30 25.34
N3 GNP S . 21.85 10.30 24.35
C4 GNP S . 23.16 10.57 24.54
HNB3 GNP S . 30.15 11.66 17.81
H5'2 GNP S . 26.20 12.39 19.02
H5'1 GNP S . 26.41 11.08 19.89
H4' GNP S . 24.11 11.65 19.49
H3' GNP S . 24.63 14.06 20.43
H2' GNP S . 24.63 13.54 22.61
HO2' GNP S . 22.95 14.52 23.23
H1' GNP S . 22.64 11.54 22.22
H8 GNP S . 25.95 11.68 23.83
HN1 GNP S . 21.63 8.88 27.12
HN21 GNP S . 19.77 8.54 25.65
HN22 GNP S . 19.43 9.85 25.03
MG MG T . 32.69 14.52 19.55
PG GNP U . -8.06 -34.88 21.60
O1G GNP U . -8.63 -33.70 20.84
O2G GNP U . -8.63 -36.12 20.90
O3G GNP U . -8.37 -34.92 23.08
N3B GNP U . -6.43 -34.79 21.42
PB GNP U . -5.35 -35.86 20.84
O1B GNP U . -4.02 -35.80 21.51
O2B GNP U . -6.00 -37.20 20.65
O3A GNP U . -5.10 -35.29 19.37
PA GNP U . -4.72 -36.12 18.04
O1A GNP U . -3.72 -37.15 18.44
O2A GNP U . -5.96 -36.52 17.31
O5' GNP U . -4.00 -35.03 17.12
C5' GNP U . -2.56 -34.88 17.23
C4' GNP U . -2.08 -34.04 16.09
O4' GNP U . -0.66 -33.82 16.29
C3' GNP U . -2.19 -34.65 14.69
O3' GNP U . -2.24 -33.65 13.69
C2' GNP U . -0.91 -35.49 14.63
O2' GNP U . -0.41 -35.66 13.33
C1' GNP U . 0.08 -34.63 15.40
N9 GNP U . 1.05 -35.38 16.17
C8 GNP U . 0.82 -36.27 17.18
N7 GNP U . 1.91 -36.78 17.68
C5 GNP U . 2.92 -36.20 16.95
C6 GNP U . 4.32 -36.36 17.04
O6 GNP U . 4.94 -37.10 17.82
N1 GNP U . 4.99 -35.57 16.10
C2 GNP U . 4.38 -34.72 15.19
N2 GNP U . 5.19 -34.02 14.36
N3 GNP U . 3.07 -34.56 15.12
C4 GNP U . 2.41 -35.32 16.02
HNB3 GNP U . -6.09 -34.04 21.69
H5'2 GNP U . -2.35 -34.45 18.08
H5'1 GNP U . -2.15 -35.76 17.19
H4' GNP U . -2.55 -33.19 16.08
H3' GNP U . -3.00 -35.19 14.64
H2' GNP U . -1.07 -36.36 15.06
HO2' GNP U . -0.33 -36.48 13.16
H1' GNP U . 0.55 -34.05 14.78
H8 GNP U . -0.03 -36.48 17.49
HN1 GNP U . 5.85 -35.61 16.08
HN21 GNP U . 5.51 -33.26 14.59
HN22 GNP U . 5.37 -34.35 13.58
MG MG V . -7.93 -37.93 20.42
PG GNP W . -17.71 18.44 -37.70
O1G GNP W . -18.99 17.63 -37.77
O2G GNP W . -18.14 19.87 -37.98
O3G GNP W . -16.57 18.03 -38.59
N3B GNP W . -17.18 18.29 -36.15
PB GNP W . -16.12 19.22 -35.32
O1B GNP W . -14.71 18.71 -35.29
O2B GNP W . -16.35 20.66 -35.68
O3A GNP W . -16.67 19.04 -33.84
PA GNP W . -17.39 20.16 -32.94
O1A GNP W . -16.32 21.14 -32.56
O2A GNP W . -18.65 20.65 -33.58
O5' GNP W . -17.85 19.28 -31.70
C5' GNP W . -16.90 18.56 -30.88
C4' GNP W . -17.63 18.04 -29.67
O4' GNP W . -16.62 17.73 -28.67
C3' GNP W . -18.58 18.99 -28.94
O3' GNP W . -19.52 18.29 -28.15
C2' GNP W . -17.60 19.81 -28.10
O2' GNP W . -18.15 20.34 -26.93
C1' GNP W . -16.58 18.74 -27.69
N9 GNP W . -15.20 19.20 -27.58
C8 GNP W . -14.45 19.89 -28.50
N7 GNP W . -13.23 20.14 -28.08
C5 GNP W . -13.19 19.58 -26.81
C6 GNP W . -12.14 19.54 -25.88
O6 GNP W . -11.00 20.02 -26.02
N1 GNP W . -12.51 18.87 -24.71
C2 GNP W . -13.74 18.31 -24.46
N2 GNP W . -13.92 17.71 -23.27
N3 GNP W . -14.74 18.35 -25.34
C4 GNP W . -14.39 19.00 -26.49
HNB3 GNP W . -17.51 17.64 -35.71
H5'2 GNP W . -16.53 17.82 -31.38
H5'1 GNP W . -16.19 19.16 -30.61
H4' GNP W . -18.14 17.26 -29.92
H3' GNP W . -19.06 19.54 -29.58
H2' GNP W . -17.20 20.51 -28.65
HO2' GNP W . -18.15 21.20 -26.98
H1' GNP W . -16.85 18.38 -26.84
H8 GNP W . -14.77 20.14 -29.33
HN1 GNP W . -11.91 18.80 -24.09
HN21 GNP W . -13.27 17.65 -22.71
HN22 GNP W . -14.70 17.38 -23.06
MG MG X . -17.54 21.63 -37.11
#